data_4OZJ
# 
_entry.id   4OZJ 
# 
_audit_conform.dict_name       mmcif_pdbx.dic 
_audit_conform.dict_version    5.383 
_audit_conform.dict_location   http://mmcif.pdb.org/dictionaries/ascii/mmcif_pdbx.dic 
# 
loop_
_database_2.database_id 
_database_2.database_code 
_database_2.pdbx_database_accession 
_database_2.pdbx_DOI 
PDB   4OZJ         pdb_00004ozj 10.2210/pdb4ozj/pdb 
WWPDB D_1000200343 ?            ?                   
# 
loop_
_pdbx_audit_revision_history.ordinal 
_pdbx_audit_revision_history.data_content_type 
_pdbx_audit_revision_history.major_revision 
_pdbx_audit_revision_history.minor_revision 
_pdbx_audit_revision_history.revision_date 
1 'Structure model' 1 0 2014-07-02 
2 'Structure model' 1 1 2014-10-01 
3 'Structure model' 1 2 2023-12-27 
# 
_pdbx_audit_revision_details.ordinal             1 
_pdbx_audit_revision_details.revision_ordinal    1 
_pdbx_audit_revision_details.data_content_type   'Structure model' 
_pdbx_audit_revision_details.provider            repository 
_pdbx_audit_revision_details.type                'Initial release' 
_pdbx_audit_revision_details.description         ? 
_pdbx_audit_revision_details.details             ? 
# 
loop_
_pdbx_audit_revision_group.ordinal 
_pdbx_audit_revision_group.revision_ordinal 
_pdbx_audit_revision_group.data_content_type 
_pdbx_audit_revision_group.group 
1 2 'Structure model' 'Database references'    
2 3 'Structure model' 'Data collection'        
3 3 'Structure model' 'Database references'    
4 3 'Structure model' 'Derived calculations'   
5 3 'Structure model' Other                    
6 3 'Structure model' 'Refinement description' 
7 3 'Structure model' 'Source and taxonomy'    
# 
loop_
_pdbx_audit_revision_category.ordinal 
_pdbx_audit_revision_category.revision_ordinal 
_pdbx_audit_revision_category.data_content_type 
_pdbx_audit_revision_category.category 
1  3 'Structure model' chem_comp_atom            
2  3 'Structure model' chem_comp_bond            
3  3 'Structure model' database_2                
4  3 'Structure model' diffrn_source             
5  3 'Structure model' entity_src_gen            
6  3 'Structure model' pdbx_database_status      
7  3 'Structure model' pdbx_struct_assembly      
8  3 'Structure model' pdbx_struct_assembly_prop 
9  3 'Structure model' pdbx_struct_oper_list     
10 3 'Structure model' refine_hist               
# 
loop_
_pdbx_audit_revision_item.ordinal 
_pdbx_audit_revision_item.revision_ordinal 
_pdbx_audit_revision_item.data_content_type 
_pdbx_audit_revision_item.item 
1  3 'Structure model' '_database_2.pdbx_DOI'                        
2  3 'Structure model' '_database_2.pdbx_database_accession'         
3  3 'Structure model' '_diffrn_source.pdbx_synchrotron_site'        
4  3 'Structure model' '_entity_src_gen.pdbx_alt_source_flag'        
5  3 'Structure model' '_pdbx_database_status.pdb_format_compatible' 
6  3 'Structure model' '_pdbx_struct_assembly.oligomeric_details'    
7  3 'Structure model' '_pdbx_struct_assembly_prop.type'             
8  3 'Structure model' '_pdbx_struct_assembly_prop.value'            
9  3 'Structure model' '_pdbx_struct_oper_list.symmetry_operation'   
10 3 'Structure model' '_refine_hist.number_atoms_solvent'           
11 3 'Structure model' '_refine_hist.number_atoms_total'             
12 3 'Structure model' '_refine_hist.pdbx_number_atoms_ligand'       
13 3 'Structure model' '_refine_hist.pdbx_number_atoms_nucleic_acid' 
14 3 'Structure model' '_refine_hist.pdbx_number_atoms_protein'      
# 
_pdbx_database_status.status_code                     REL 
_pdbx_database_status.status_code_sf                  REL 
_pdbx_database_status.status_code_mr                  ? 
_pdbx_database_status.entry_id                        4OZJ 
_pdbx_database_status.recvd_initial_deposition_date   2014-02-17 
_pdbx_database_status.SG_entry                        N 
_pdbx_database_status.deposit_site                    RCSB 
_pdbx_database_status.process_site                    RCSB 
_pdbx_database_status.status_code_cs                  ? 
_pdbx_database_status.methods_development_category    ? 
_pdbx_database_status.status_code_nmr_data            ? 
_pdbx_database_status.pdb_format_compatible           Y 
# 
loop_
_audit_author.name 
_audit_author.pdbx_ordinal 
'Palanca, C.'    1 
'Pedro-Roig, L.' 2 
'Llacer, J.L.'   3 
'Camacho, M.'    4 
'Bonete, M.J.'   5 
'Rubio, V.'      6 
# 
_citation.abstract                  ? 
_citation.abstract_id_CAS           ? 
_citation.book_id_ISBN              ? 
_citation.book_publisher            ? 
_citation.book_publisher_city       ? 
_citation.book_title                ? 
_citation.coordinate_linkage        ? 
_citation.country                   UK 
_citation.database_id_Medline       ? 
_citation.details                   ? 
_citation.id                        primary 
_citation.journal_abbrev            'Febs J.' 
_citation.journal_id_ASTM           ? 
_citation.journal_id_CSD            ? 
_citation.journal_id_ISSN           1742-464X 
_citation.journal_full              ? 
_citation.journal_issue             ? 
_citation.journal_volume            281 
_citation.language                  ? 
_citation.page_first                3299 
_citation.page_last                 3314 
_citation.title                     
'The structure of a PII signaling protein from a halophilic archaeon reveals novel traits and high-salt adaptations.' 
_citation.year                      2014 
_citation.database_id_CSD           ? 
_citation.pdbx_database_id_DOI      10.1111/febs.12881 
_citation.pdbx_database_id_PubMed   24946894 
_citation.unpublished_flag          ? 
# 
loop_
_citation_author.citation_id 
_citation_author.name 
_citation_author.ordinal 
_citation_author.identifier_ORCID 
primary 'Palanca, C.'    1 ? 
primary 'Pedro-Roig, L.' 2 ? 
primary 'Llacer, J.L.'   3 ? 
primary 'Camacho, M.'    4 ? 
primary 'Bonete, M.J.'   5 ? 
primary 'Rubio, V.'      6 ? 
# 
loop_
_entity.id 
_entity.type 
_entity.src_method 
_entity.pdbx_description 
_entity.formula_weight 
_entity.pdbx_number_of_molecules 
_entity.pdbx_ec 
_entity.pdbx_mutation 
_entity.pdbx_fragment 
_entity.details 
1 polymer     man 'Nitrogen regulatory protein P-II' 15022.854 1  ? ? ? ? 
2 non-polymer syn "ADENOSINE-5'-DIPHOSPHATE"         427.201   1  ? ? ? ? 
3 water       nat water                              18.015    72 ? ? ? ? 
# 
_entity_name_com.entity_id   1 
_entity_name_com.name        'PII family protein glnK2' 
# 
_entity_poly.entity_id                      1 
_entity_poly.type                           'polypeptide(L)' 
_entity_poly.nstd_linkage                   no 
_entity_poly.nstd_monomer                   no 
_entity_poly.pdbx_seq_one_letter_code       
;MGSSHHHHHHSSGLVPAGSHMSDADLPNDGGIKLVMAIIRPDKLADVKTALAEVGAPSLTVTNVSGRGSQPAKKSQWRGE
EYTVDLHQKVKVECVVADTPAEDVADAIADAAHTGEKGDGKIFILPVENAIQVRTGKTGRDAV
;
_entity_poly.pdbx_seq_one_letter_code_can   
;MGSSHHHHHHSSGLVPAGSHMSDADLPNDGGIKLVMAIIRPDKLADVKTALAEVGAPSLTVTNVSGRGSQPAKKSQWRGE
EYTVDLHQKVKVECVVADTPAEDVADAIADAAHTGEKGDGKIFILPVENAIQVRTGKTGRDAV
;
_entity_poly.pdbx_strand_id                 A 
_entity_poly.pdbx_target_identifier         ? 
# 
loop_
_pdbx_entity_nonpoly.entity_id 
_pdbx_entity_nonpoly.name 
_pdbx_entity_nonpoly.comp_id 
2 "ADENOSINE-5'-DIPHOSPHATE" ADP 
3 water                      HOH 
# 
loop_
_entity_poly_seq.entity_id 
_entity_poly_seq.num 
_entity_poly_seq.mon_id 
_entity_poly_seq.hetero 
1 1   MET n 
1 2   GLY n 
1 3   SER n 
1 4   SER n 
1 5   HIS n 
1 6   HIS n 
1 7   HIS n 
1 8   HIS n 
1 9   HIS n 
1 10  HIS n 
1 11  SER n 
1 12  SER n 
1 13  GLY n 
1 14  LEU n 
1 15  VAL n 
1 16  PRO n 
1 17  ALA n 
1 18  GLY n 
1 19  SER n 
1 20  HIS n 
1 21  MET n 
1 22  SER n 
1 23  ASP n 
1 24  ALA n 
1 25  ASP n 
1 26  LEU n 
1 27  PRO n 
1 28  ASN n 
1 29  ASP n 
1 30  GLY n 
1 31  GLY n 
1 32  ILE n 
1 33  LYS n 
1 34  LEU n 
1 35  VAL n 
1 36  MET n 
1 37  ALA n 
1 38  ILE n 
1 39  ILE n 
1 40  ARG n 
1 41  PRO n 
1 42  ASP n 
1 43  LYS n 
1 44  LEU n 
1 45  ALA n 
1 46  ASP n 
1 47  VAL n 
1 48  LYS n 
1 49  THR n 
1 50  ALA n 
1 51  LEU n 
1 52  ALA n 
1 53  GLU n 
1 54  VAL n 
1 55  GLY n 
1 56  ALA n 
1 57  PRO n 
1 58  SER n 
1 59  LEU n 
1 60  THR n 
1 61  VAL n 
1 62  THR n 
1 63  ASN n 
1 64  VAL n 
1 65  SER n 
1 66  GLY n 
1 67  ARG n 
1 68  GLY n 
1 69  SER n 
1 70  GLN n 
1 71  PRO n 
1 72  ALA n 
1 73  LYS n 
1 74  LYS n 
1 75  SER n 
1 76  GLN n 
1 77  TRP n 
1 78  ARG n 
1 79  GLY n 
1 80  GLU n 
1 81  GLU n 
1 82  TYR n 
1 83  THR n 
1 84  VAL n 
1 85  ASP n 
1 86  LEU n 
1 87  HIS n 
1 88  GLN n 
1 89  LYS n 
1 90  VAL n 
1 91  LYS n 
1 92  VAL n 
1 93  GLU n 
1 94  CYS n 
1 95  VAL n 
1 96  VAL n 
1 97  ALA n 
1 98  ASP n 
1 99  THR n 
1 100 PRO n 
1 101 ALA n 
1 102 GLU n 
1 103 ASP n 
1 104 VAL n 
1 105 ALA n 
1 106 ASP n 
1 107 ALA n 
1 108 ILE n 
1 109 ALA n 
1 110 ASP n 
1 111 ALA n 
1 112 ALA n 
1 113 HIS n 
1 114 THR n 
1 115 GLY n 
1 116 GLU n 
1 117 LYS n 
1 118 GLY n 
1 119 ASP n 
1 120 GLY n 
1 121 LYS n 
1 122 ILE n 
1 123 PHE n 
1 124 ILE n 
1 125 LEU n 
1 126 PRO n 
1 127 VAL n 
1 128 GLU n 
1 129 ASN n 
1 130 ALA n 
1 131 ILE n 
1 132 GLN n 
1 133 VAL n 
1 134 ARG n 
1 135 THR n 
1 136 GLY n 
1 137 LYS n 
1 138 THR n 
1 139 GLY n 
1 140 ARG n 
1 141 ASP n 
1 142 ALA n 
1 143 VAL n 
# 
_entity_src_gen.entity_id                          1 
_entity_src_gen.pdbx_src_id                        1 
_entity_src_gen.pdbx_alt_source_flag               sample 
_entity_src_gen.pdbx_seq_type                      'Biological sequence' 
_entity_src_gen.pdbx_beg_seq_num                   1 
_entity_src_gen.pdbx_end_seq_num                   139 
_entity_src_gen.gene_src_common_name               ? 
_entity_src_gen.gene_src_genus                     ? 
_entity_src_gen.pdbx_gene_src_gene                 'glnK2, HFX_0092, C439_09930' 
_entity_src_gen.gene_src_species                   ? 
_entity_src_gen.gene_src_strain                    'ATCC 33500 / DSM 1411 / JCM 8866 / NBRC 14739 / NCIMB 2177 / R-4' 
_entity_src_gen.gene_src_tissue                    ? 
_entity_src_gen.gene_src_tissue_fraction           ? 
_entity_src_gen.gene_src_details                   ? 
_entity_src_gen.pdbx_gene_src_fragment             ? 
_entity_src_gen.pdbx_gene_src_scientific_name      'Haloferax mediterranei' 
_entity_src_gen.pdbx_gene_src_ncbi_taxonomy_id     523841 
_entity_src_gen.pdbx_gene_src_variant              ? 
_entity_src_gen.pdbx_gene_src_cell_line            ? 
_entity_src_gen.pdbx_gene_src_atcc                 ? 
_entity_src_gen.pdbx_gene_src_organ                ? 
_entity_src_gen.pdbx_gene_src_organelle            ? 
_entity_src_gen.pdbx_gene_src_cell                 ? 
_entity_src_gen.pdbx_gene_src_cellular_location    ? 
_entity_src_gen.host_org_common_name               ? 
_entity_src_gen.pdbx_host_org_scientific_name      'Escherichia coli' 
_entity_src_gen.pdbx_host_org_ncbi_taxonomy_id     469008 
_entity_src_gen.host_org_genus                     ? 
_entity_src_gen.pdbx_host_org_gene                 ? 
_entity_src_gen.pdbx_host_org_organ                ? 
_entity_src_gen.host_org_species                   ? 
_entity_src_gen.pdbx_host_org_tissue               ? 
_entity_src_gen.pdbx_host_org_tissue_fraction      ? 
_entity_src_gen.pdbx_host_org_strain               'BL21(DE3)' 
_entity_src_gen.pdbx_host_org_variant              ? 
_entity_src_gen.pdbx_host_org_cell_line            ? 
_entity_src_gen.pdbx_host_org_atcc                 ? 
_entity_src_gen.pdbx_host_org_culture_collection   ? 
_entity_src_gen.pdbx_host_org_cell                 ? 
_entity_src_gen.pdbx_host_org_organelle            ? 
_entity_src_gen.pdbx_host_org_cellular_location    ? 
_entity_src_gen.pdbx_host_org_vector_type          ? 
_entity_src_gen.pdbx_host_org_vector               ? 
_entity_src_gen.host_org_details                   ? 
_entity_src_gen.expression_system_id               ? 
_entity_src_gen.plasmid_name                       ? 
_entity_src_gen.plasmid_details                    ? 
_entity_src_gen.pdbx_description                   ? 
# 
loop_
_chem_comp.id 
_chem_comp.type 
_chem_comp.mon_nstd_flag 
_chem_comp.name 
_chem_comp.pdbx_synonyms 
_chem_comp.formula 
_chem_comp.formula_weight 
ADP non-polymer         n "ADENOSINE-5'-DIPHOSPHATE" ? 'C10 H15 N5 O10 P2' 427.201 
ALA 'L-peptide linking' y ALANINE                    ? 'C3 H7 N O2'        89.093  
ARG 'L-peptide linking' y ARGININE                   ? 'C6 H15 N4 O2 1'    175.209 
ASN 'L-peptide linking' y ASPARAGINE                 ? 'C4 H8 N2 O3'       132.118 
ASP 'L-peptide linking' y 'ASPARTIC ACID'            ? 'C4 H7 N O4'        133.103 
CYS 'L-peptide linking' y CYSTEINE                   ? 'C3 H7 N O2 S'      121.158 
GLN 'L-peptide linking' y GLUTAMINE                  ? 'C5 H10 N2 O3'      146.144 
GLU 'L-peptide linking' y 'GLUTAMIC ACID'            ? 'C5 H9 N O4'        147.129 
GLY 'peptide linking'   y GLYCINE                    ? 'C2 H5 N O2'        75.067  
HIS 'L-peptide linking' y HISTIDINE                  ? 'C6 H10 N3 O2 1'    156.162 
HOH non-polymer         . WATER                      ? 'H2 O'              18.015  
ILE 'L-peptide linking' y ISOLEUCINE                 ? 'C6 H13 N O2'       131.173 
LEU 'L-peptide linking' y LEUCINE                    ? 'C6 H13 N O2'       131.173 
LYS 'L-peptide linking' y LYSINE                     ? 'C6 H15 N2 O2 1'    147.195 
MET 'L-peptide linking' y METHIONINE                 ? 'C5 H11 N O2 S'     149.211 
PHE 'L-peptide linking' y PHENYLALANINE              ? 'C9 H11 N O2'       165.189 
PRO 'L-peptide linking' y PROLINE                    ? 'C5 H9 N O2'        115.130 
SER 'L-peptide linking' y SERINE                     ? 'C3 H7 N O3'        105.093 
THR 'L-peptide linking' y THREONINE                  ? 'C4 H9 N O3'        119.119 
TRP 'L-peptide linking' y TRYPTOPHAN                 ? 'C11 H12 N2 O2'     204.225 
TYR 'L-peptide linking' y TYROSINE                   ? 'C9 H11 N O3'       181.189 
VAL 'L-peptide linking' y VALINE                     ? 'C5 H11 N O2'       117.146 
# 
loop_
_pdbx_poly_seq_scheme.asym_id 
_pdbx_poly_seq_scheme.entity_id 
_pdbx_poly_seq_scheme.seq_id 
_pdbx_poly_seq_scheme.mon_id 
_pdbx_poly_seq_scheme.ndb_seq_num 
_pdbx_poly_seq_scheme.pdb_seq_num 
_pdbx_poly_seq_scheme.auth_seq_num 
_pdbx_poly_seq_scheme.pdb_mon_id 
_pdbx_poly_seq_scheme.auth_mon_id 
_pdbx_poly_seq_scheme.pdb_strand_id 
_pdbx_poly_seq_scheme.pdb_ins_code 
_pdbx_poly_seq_scheme.hetero 
A 1 1   MET 1   -19 ?   ?   ?   A . n 
A 1 2   GLY 2   -18 ?   ?   ?   A . n 
A 1 3   SER 3   -17 ?   ?   ?   A . n 
A 1 4   SER 4   -16 ?   ?   ?   A . n 
A 1 5   HIS 5   -15 ?   ?   ?   A . n 
A 1 6   HIS 6   -14 ?   ?   ?   A . n 
A 1 7   HIS 7   -13 ?   ?   ?   A . n 
A 1 8   HIS 8   -12 ?   ?   ?   A . n 
A 1 9   HIS 9   -11 ?   ?   ?   A . n 
A 1 10  HIS 10  -10 ?   ?   ?   A . n 
A 1 11  SER 11  -9  ?   ?   ?   A . n 
A 1 12  SER 12  -8  ?   ?   ?   A . n 
A 1 13  GLY 13  -7  ?   ?   ?   A . n 
A 1 14  LEU 14  -6  ?   ?   ?   A . n 
A 1 15  VAL 15  -5  ?   ?   ?   A . n 
A 1 16  PRO 16  -4  ?   ?   ?   A . n 
A 1 17  ALA 17  -3  ?   ?   ?   A . n 
A 1 18  GLY 18  -2  ?   ?   ?   A . n 
A 1 19  SER 19  -1  ?   ?   ?   A . n 
A 1 20  HIS 20  0   ?   ?   ?   A . n 
A 1 21  MET 21  1   ?   ?   ?   A . n 
A 1 22  SER 22  2   ?   ?   ?   A . n 
A 1 23  ASP 23  3   ?   ?   ?   A . n 
A 1 24  ALA 24  4   ?   ?   ?   A . n 
A 1 25  ASP 25  5   ?   ?   ?   A . n 
A 1 26  LEU 26  6   6   LEU LEU A . n 
A 1 27  PRO 27  7   7   PRO PRO A . n 
A 1 28  ASN 28  8   8   ASN ASN A . n 
A 1 29  ASP 29  9   9   ASP ASP A . n 
A 1 30  GLY 30  10  10  GLY GLY A . n 
A 1 31  GLY 31  11  11  GLY GLY A . n 
A 1 32  ILE 32  12  12  ILE ILE A . n 
A 1 33  LYS 33  13  13  LYS LYS A . n 
A 1 34  LEU 34  14  14  LEU LEU A . n 
A 1 35  VAL 35  15  15  VAL VAL A . n 
A 1 36  MET 36  16  16  MET MET A . n 
A 1 37  ALA 37  17  17  ALA ALA A . n 
A 1 38  ILE 38  18  18  ILE ILE A . n 
A 1 39  ILE 39  19  19  ILE ILE A . n 
A 1 40  ARG 40  20  20  ARG ARG A . n 
A 1 41  PRO 41  21  21  PRO PRO A . n 
A 1 42  ASP 42  22  22  ASP ASP A . n 
A 1 43  LYS 43  23  23  LYS LYS A . n 
A 1 44  LEU 44  24  24  LEU LEU A . n 
A 1 45  ALA 45  25  25  ALA ALA A . n 
A 1 46  ASP 46  26  26  ASP ASP A . n 
A 1 47  VAL 47  27  27  VAL VAL A . n 
A 1 48  LYS 48  28  28  LYS LYS A . n 
A 1 49  THR 49  29  29  THR THR A . n 
A 1 50  ALA 50  30  30  ALA ALA A . n 
A 1 51  LEU 51  31  31  LEU LEU A . n 
A 1 52  ALA 52  32  32  ALA ALA A . n 
A 1 53  GLU 53  33  33  GLU GLU A . n 
A 1 54  VAL 54  34  34  VAL VAL A . n 
A 1 55  GLY 55  35  35  GLY GLY A . n 
A 1 56  ALA 56  36  36  ALA ALA A . n 
A 1 57  PRO 57  37  37  PRO PRO A . n 
A 1 58  SER 58  38  38  SER SER A . n 
A 1 59  LEU 59  39  39  LEU LEU A . n 
A 1 60  THR 60  40  40  THR THR A . n 
A 1 61  VAL 61  41  41  VAL VAL A . n 
A 1 62  THR 62  42  42  THR THR A . n 
A 1 63  ASN 63  43  43  ASN ASN A . n 
A 1 64  VAL 64  44  44  VAL VAL A . n 
A 1 65  SER 65  45  45  SER SER A . n 
A 1 66  GLY 66  46  46  GLY GLY A . n 
A 1 67  ARG 67  47  47  ARG ARG A . n 
A 1 68  GLY 68  48  48  GLY GLY A . n 
A 1 69  SER 69  49  49  SER SER A . n 
A 1 70  GLN 70  50  ?   ?   ?   A . n 
A 1 71  PRO 71  51  ?   ?   ?   A . n 
A 1 72  ALA 72  52  ?   ?   ?   A . n 
A 1 73  LYS 73  53  ?   ?   ?   A . n 
A 1 74  LYS 74  54  ?   ?   ?   A . n 
A 1 75  SER 75  55  ?   ?   ?   A . n 
A 1 76  GLN 76  56  ?   ?   ?   A . n 
A 1 77  TRP 77  57  ?   ?   ?   A . n 
A 1 78  ARG 78  58  ?   ?   ?   A . n 
A 1 79  GLY 79  59  ?   ?   ?   A . n 
A 1 80  GLU 80  60  ?   ?   ?   A . n 
A 1 81  GLU 81  61  ?   ?   ?   A . n 
A 1 82  TYR 82  62  ?   ?   ?   A . n 
A 1 83  THR 83  63  ?   ?   ?   A . n 
A 1 84  VAL 84  64  64  VAL VAL A . n 
A 1 85  ASP 85  65  65  ASP ASP A . n 
A 1 86  LEU 86  66  66  LEU LEU A . n 
A 1 87  HIS 87  67  67  HIS HIS A . n 
A 1 88  GLN 88  68  68  GLN GLN A . n 
A 1 89  LYS 89  69  69  LYS LYS A . n 
A 1 90  VAL 90  70  70  VAL VAL A . n 
A 1 91  LYS 91  71  71  LYS LYS A . n 
A 1 92  VAL 92  72  72  VAL VAL A . n 
A 1 93  GLU 93  73  73  GLU GLU A . n 
A 1 94  CYS 94  74  74  CYS CYS A . n 
A 1 95  VAL 95  75  75  VAL VAL A . n 
A 1 96  VAL 96  76  76  VAL VAL A . n 
A 1 97  ALA 97  77  77  ALA ALA A . n 
A 1 98  ASP 98  78  78  ASP ASP A . n 
A 1 99  THR 99  79  79  THR THR A . n 
A 1 100 PRO 100 80  80  PRO PRO A . n 
A 1 101 ALA 101 81  81  ALA ALA A . n 
A 1 102 GLU 102 82  82  GLU GLU A . n 
A 1 103 ASP 103 83  83  ASP ASP A . n 
A 1 104 VAL 104 84  84  VAL VAL A . n 
A 1 105 ALA 105 85  85  ALA ALA A . n 
A 1 106 ASP 106 86  86  ASP ASP A . n 
A 1 107 ALA 107 87  87  ALA ALA A . n 
A 1 108 ILE 108 88  88  ILE ILE A . n 
A 1 109 ALA 109 89  89  ALA ALA A . n 
A 1 110 ASP 110 90  90  ASP ASP A . n 
A 1 111 ALA 111 91  91  ALA ALA A . n 
A 1 112 ALA 112 92  92  ALA ALA A . n 
A 1 113 HIS 113 93  93  HIS HIS A . n 
A 1 114 THR 114 94  94  THR THR A . n 
A 1 115 GLY 115 95  95  GLY GLY A . n 
A 1 116 GLU 116 96  96  GLU GLU A . n 
A 1 117 LYS 117 97  97  LYS LYS A . n 
A 1 118 GLY 118 98  98  GLY GLY A . n 
A 1 119 ASP 119 99  99  ASP ASP A . n 
A 1 120 GLY 120 100 100 GLY GLY A . n 
A 1 121 LYS 121 101 101 LYS LYS A . n 
A 1 122 ILE 122 102 102 ILE ILE A . n 
A 1 123 PHE 123 103 103 PHE PHE A . n 
A 1 124 ILE 124 104 104 ILE ILE A . n 
A 1 125 LEU 125 105 105 LEU LEU A . n 
A 1 126 PRO 126 106 106 PRO PRO A . n 
A 1 127 VAL 127 107 107 VAL VAL A . n 
A 1 128 GLU 128 108 108 GLU GLU A . n 
A 1 129 ASN 129 109 109 ASN ASN A . n 
A 1 130 ALA 130 110 110 ALA ALA A . n 
A 1 131 ILE 131 111 111 ILE ILE A . n 
A 1 132 GLN 132 112 112 GLN GLN A . n 
A 1 133 VAL 133 113 113 VAL VAL A . n 
A 1 134 ARG 134 114 114 ARG ARG A . n 
A 1 135 THR 135 115 115 THR THR A . n 
A 1 136 GLY 136 116 116 GLY GLY A . n 
A 1 137 LYS 137 117 117 LYS LYS A . n 
A 1 138 THR 138 118 118 THR THR A . n 
A 1 139 GLY 139 119 119 GLY GLY A . n 
A 1 140 ARG 140 120 120 ARG ARG A . n 
A 1 141 ASP 141 121 121 ASP ASP A . n 
A 1 142 ALA 142 122 122 ALA ALA A . n 
A 1 143 VAL 143 123 123 VAL VAL A . n 
# 
loop_
_pdbx_nonpoly_scheme.asym_id 
_pdbx_nonpoly_scheme.entity_id 
_pdbx_nonpoly_scheme.mon_id 
_pdbx_nonpoly_scheme.ndb_seq_num 
_pdbx_nonpoly_scheme.pdb_seq_num 
_pdbx_nonpoly_scheme.auth_seq_num 
_pdbx_nonpoly_scheme.pdb_mon_id 
_pdbx_nonpoly_scheme.auth_mon_id 
_pdbx_nonpoly_scheme.pdb_strand_id 
_pdbx_nonpoly_scheme.pdb_ins_code 
B 2 ADP 1  201 201 ADP ADP A . 
C 3 HOH 1  301 336 HOH HOH A . 
C 3 HOH 2  302 329 HOH HOH A . 
C 3 HOH 3  303 301 HOH HOH A . 
C 3 HOH 4  304 334 HOH HOH A . 
C 3 HOH 5  305 325 HOH HOH A . 
C 3 HOH 6  306 355 HOH HOH A . 
C 3 HOH 7  307 337 HOH HOH A . 
C 3 HOH 8  308 302 HOH HOH A . 
C 3 HOH 9  309 317 HOH HOH A . 
C 3 HOH 10 310 371 HOH HOH A . 
C 3 HOH 11 311 327 HOH HOH A . 
C 3 HOH 12 312 319 HOH HOH A . 
C 3 HOH 13 313 348 HOH HOH A . 
C 3 HOH 14 314 306 HOH HOH A . 
C 3 HOH 15 315 310 HOH HOH A . 
C 3 HOH 16 316 323 HOH HOH A . 
C 3 HOH 17 317 333 HOH HOH A . 
C 3 HOH 18 318 314 HOH HOH A . 
C 3 HOH 19 319 305 HOH HOH A . 
C 3 HOH 20 320 332 HOH HOH A . 
C 3 HOH 21 321 322 HOH HOH A . 
C 3 HOH 22 322 315 HOH HOH A . 
C 3 HOH 23 323 346 HOH HOH A . 
C 3 HOH 24 324 318 HOH HOH A . 
C 3 HOH 25 325 308 HOH HOH A . 
C 3 HOH 26 326 330 HOH HOH A . 
C 3 HOH 27 327 352 HOH HOH A . 
C 3 HOH 28 328 335 HOH HOH A . 
C 3 HOH 29 329 324 HOH HOH A . 
C 3 HOH 30 330 311 HOH HOH A . 
C 3 HOH 31 331 309 HOH HOH A . 
C 3 HOH 32 332 339 HOH HOH A . 
C 3 HOH 33 333 321 HOH HOH A . 
C 3 HOH 34 334 320 HOH HOH A . 
C 3 HOH 35 335 362 HOH HOH A . 
C 3 HOH 36 336 349 HOH HOH A . 
C 3 HOH 37 337 357 HOH HOH A . 
C 3 HOH 38 338 347 HOH HOH A . 
C 3 HOH 39 339 363 HOH HOH A . 
C 3 HOH 40 340 353 HOH HOH A . 
C 3 HOH 41 341 303 HOH HOH A . 
C 3 HOH 42 342 304 HOH HOH A . 
C 3 HOH 43 343 307 HOH HOH A . 
C 3 HOH 44 344 312 HOH HOH A . 
C 3 HOH 45 345 313 HOH HOH A . 
C 3 HOH 46 346 316 HOH HOH A . 
C 3 HOH 47 347 326 HOH HOH A . 
C 3 HOH 48 348 328 HOH HOH A . 
C 3 HOH 49 349 331 HOH HOH A . 
C 3 HOH 50 350 338 HOH HOH A . 
C 3 HOH 51 351 340 HOH HOH A . 
C 3 HOH 52 352 341 HOH HOH A . 
C 3 HOH 53 353 342 HOH HOH A . 
C 3 HOH 54 354 343 HOH HOH A . 
C 3 HOH 55 355 344 HOH HOH A . 
C 3 HOH 56 356 345 HOH HOH A . 
C 3 HOH 57 357 350 HOH HOH A . 
C 3 HOH 58 358 351 HOH HOH A . 
C 3 HOH 59 359 354 HOH HOH A . 
C 3 HOH 60 360 356 HOH HOH A . 
C 3 HOH 61 361 358 HOH HOH A . 
C 3 HOH 62 362 359 HOH HOH A . 
C 3 HOH 63 363 360 HOH HOH A . 
C 3 HOH 64 364 361 HOH HOH A . 
C 3 HOH 65 365 364 HOH HOH A . 
C 3 HOH 66 366 365 HOH HOH A . 
C 3 HOH 67 367 366 HOH HOH A . 
C 3 HOH 68 368 367 HOH HOH A . 
C 3 HOH 69 369 368 HOH HOH A . 
C 3 HOH 70 370 369 HOH HOH A . 
C 3 HOH 71 371 370 HOH HOH A . 
C 3 HOH 72 372 372 HOH HOH A . 
# 
loop_
_pdbx_unobs_or_zero_occ_atoms.id 
_pdbx_unobs_or_zero_occ_atoms.PDB_model_num 
_pdbx_unobs_or_zero_occ_atoms.polymer_flag 
_pdbx_unobs_or_zero_occ_atoms.occupancy_flag 
_pdbx_unobs_or_zero_occ_atoms.auth_asym_id 
_pdbx_unobs_or_zero_occ_atoms.auth_comp_id 
_pdbx_unobs_or_zero_occ_atoms.auth_seq_id 
_pdbx_unobs_or_zero_occ_atoms.PDB_ins_code 
_pdbx_unobs_or_zero_occ_atoms.auth_atom_id 
_pdbx_unobs_or_zero_occ_atoms.label_alt_id 
_pdbx_unobs_or_zero_occ_atoms.label_asym_id 
_pdbx_unobs_or_zero_occ_atoms.label_comp_id 
_pdbx_unobs_or_zero_occ_atoms.label_seq_id 
_pdbx_unobs_or_zero_occ_atoms.label_atom_id 
1 1 Y 1 A LEU 6 ? CG  ? A LEU 26 CG  
2 1 Y 1 A LEU 6 ? CD1 ? A LEU 26 CD1 
3 1 Y 1 A LEU 6 ? CD2 ? A LEU 26 CD2 
# 
_software.citation_id            ? 
_software.classification         refinement 
_software.compiler_name          ? 
_software.compiler_version       ? 
_software.contact_author         ? 
_software.contact_author_email   ? 
_software.date                   ? 
_software.description            ? 
_software.dependencies           ? 
_software.hardware               ? 
_software.language               ? 
_software.location               ? 
_software.mods                   ? 
_software.name                   REFMAC 
_software.os                     ? 
_software.os_version             ? 
_software.type                   ? 
_software.version                5.7.0032 
_software.pdbx_ordinal           1 
# 
_cell.entry_id           4OZJ 
_cell.length_a           89.185 
_cell.length_b           89.185 
_cell.length_c           96.349 
_cell.angle_alpha        90.00 
_cell.angle_beta         90.00 
_cell.angle_gamma        120.00 
_cell.Z_PDB              18 
_cell.pdbx_unique_axis   ? 
# 
_symmetry.entry_id                         4OZJ 
_symmetry.space_group_name_H-M             'H 3 2' 
_symmetry.pdbx_full_space_group_name_H-M   ? 
_symmetry.cell_setting                     ? 
_symmetry.Int_Tables_number                155 
# 
_exptl.absorpt_coefficient_mu     ? 
_exptl.absorpt_correction_T_max   ? 
_exptl.absorpt_correction_T_min   ? 
_exptl.absorpt_correction_type    ? 
_exptl.absorpt_process_details    ? 
_exptl.entry_id                   4OZJ 
_exptl.crystals_number            1 
_exptl.details                    ? 
_exptl.method                     'X-RAY DIFFRACTION' 
_exptl.method_details             ? 
# 
_exptl_crystal.colour                      ? 
_exptl_crystal.density_diffrn              ? 
_exptl_crystal.density_Matthews            2.52 
_exptl_crystal.density_method              ? 
_exptl_crystal.density_percent_sol         51.09 
_exptl_crystal.description                 ? 
_exptl_crystal.F_000                       ? 
_exptl_crystal.id                          1 
_exptl_crystal.preparation                 ? 
_exptl_crystal.size_max                    ? 
_exptl_crystal.size_mid                    ? 
_exptl_crystal.size_min                    ? 
_exptl_crystal.size_rad                    ? 
_exptl_crystal.colour_lustre               ? 
_exptl_crystal.colour_modifier             ? 
_exptl_crystal.colour_primary              ? 
_exptl_crystal.density_meas                ? 
_exptl_crystal.density_meas_esd            ? 
_exptl_crystal.density_meas_gt             ? 
_exptl_crystal.density_meas_lt             ? 
_exptl_crystal.density_meas_temp           ? 
_exptl_crystal.density_meas_temp_esd       ? 
_exptl_crystal.density_meas_temp_gt        ? 
_exptl_crystal.density_meas_temp_lt        ? 
_exptl_crystal.pdbx_crystal_image_url      ? 
_exptl_crystal.pdbx_crystal_image_format   ? 
_exptl_crystal.pdbx_mosaicity              ? 
_exptl_crystal.pdbx_mosaicity_esd          ? 
# 
_exptl_crystal_grow.apparatus       ? 
_exptl_crystal_grow.atmosphere      ? 
_exptl_crystal_grow.crystal_id      1 
_exptl_crystal_grow.details         ? 
_exptl_crystal_grow.method          'VAPOR DIFFUSION, HANGING DROP' 
_exptl_crystal_grow.method_ref      ? 
_exptl_crystal_grow.pH              5.6 
_exptl_crystal_grow.pressure        ? 
_exptl_crystal_grow.pressure_esd    ? 
_exptl_crystal_grow.seeding         ? 
_exptl_crystal_grow.seeding_ref     ? 
_exptl_crystal_grow.temp            294 
_exptl_crystal_grow.temp_details    ? 
_exptl_crystal_grow.temp_esd        ? 
_exptl_crystal_grow.time            ? 
_exptl_crystal_grow.pdbx_details    '2M ammonium sulphate, 0.1 M NaCitrate, 0.2 M Na/K Tartrate' 
_exptl_crystal_grow.pdbx_pH_range   ? 
# 
_diffrn.ambient_environment    ? 
_diffrn.ambient_temp           100 
_diffrn.ambient_temp_details   ? 
_diffrn.ambient_temp_esd       ? 
_diffrn.crystal_id             1 
_diffrn.crystal_support        ? 
_diffrn.crystal_treatment      ? 
_diffrn.details                ? 
_diffrn.id                     1 
_diffrn.ambient_pressure       ? 
_diffrn.ambient_pressure_esd   ? 
_diffrn.ambient_pressure_gt    ? 
_diffrn.ambient_pressure_lt    ? 
_diffrn.ambient_temp_gt        ? 
_diffrn.ambient_temp_lt        ? 
# 
_diffrn_detector.details                      ? 
_diffrn_detector.detector                     PIXEL 
_diffrn_detector.diffrn_id                    1 
_diffrn_detector.type                         'PSI PILATUS 6M' 
_diffrn_detector.area_resol_mean              ? 
_diffrn_detector.dtime                        ? 
_diffrn_detector.pdbx_frames_total            ? 
_diffrn_detector.pdbx_collection_time_total   ? 
_diffrn_detector.pdbx_collection_date         2013-09-22 
# 
_diffrn_radiation.collimation                      ? 
_diffrn_radiation.diffrn_id                        1 
_diffrn_radiation.filter_edge                      ? 
_diffrn_radiation.inhomogeneity                    ? 
_diffrn_radiation.monochromator                    ? 
_diffrn_radiation.polarisn_norm                    ? 
_diffrn_radiation.polarisn_ratio                   ? 
_diffrn_radiation.probe                            ? 
_diffrn_radiation.type                             ? 
_diffrn_radiation.xray_symbol                      ? 
_diffrn_radiation.wavelength_id                    1 
_diffrn_radiation.pdbx_monochromatic_or_laue_m_l   M 
_diffrn_radiation.pdbx_wavelength_list             ? 
_diffrn_radiation.pdbx_wavelength                  ? 
_diffrn_radiation.pdbx_diffrn_protocol             'SINGLE WAVELENGTH' 
_diffrn_radiation.pdbx_analyzer                    ? 
_diffrn_radiation.pdbx_scattering_type             x-ray 
# 
_diffrn_radiation_wavelength.id           1 
_diffrn_radiation_wavelength.wavelength   0.9795 
_diffrn_radiation_wavelength.wt           1.0 
# 
_diffrn_source.current                     ? 
_diffrn_source.details                     ? 
_diffrn_source.diffrn_id                   1 
_diffrn_source.power                       ? 
_diffrn_source.size                        ? 
_diffrn_source.source                      SYNCHROTRON 
_diffrn_source.target                      ? 
_diffrn_source.type                        'DIAMOND BEAMLINE I04' 
_diffrn_source.voltage                     ? 
_diffrn_source.take-off_angle              ? 
_diffrn_source.pdbx_wavelength_list        0.9795 
_diffrn_source.pdbx_wavelength             ? 
_diffrn_source.pdbx_synchrotron_beamline   I04 
_diffrn_source.pdbx_synchrotron_site       Diamond 
# 
_reflns.B_iso_Wilson_estimate            ? 
_reflns.entry_id                         4OZJ 
_reflns.data_reduction_details           ? 
_reflns.data_reduction_method            ? 
_reflns.d_resolution_high                1.32 
_reflns.d_resolution_low                 60.26 
_reflns.details                          ? 
_reflns.limit_h_max                      ? 
_reflns.limit_h_min                      ? 
_reflns.limit_k_max                      ? 
_reflns.limit_k_min                      ? 
_reflns.limit_l_max                      ? 
_reflns.limit_l_min                      ? 
_reflns.number_all                       ? 
_reflns.number_obs                       25401 
_reflns.observed_criterion               ? 
_reflns.observed_criterion_F_max         ? 
_reflns.observed_criterion_F_min         ? 
_reflns.observed_criterion_I_max         ? 
_reflns.observed_criterion_I_min         ? 
_reflns.observed_criterion_sigma_F       ? 
_reflns.observed_criterion_sigma_I       ? 
_reflns.percent_possible_obs             96.8 
_reflns.R_free_details                   ? 
_reflns.Rmerge_F_all                     ? 
_reflns.Rmerge_F_obs                     ? 
_reflns.Friedel_coverage                 ? 
_reflns.number_gt                        ? 
_reflns.threshold_expression             ? 
_reflns.pdbx_redundancy                  7.7 
_reflns.pdbx_Rmerge_I_obs                ? 
_reflns.pdbx_Rmerge_I_all                ? 
_reflns.pdbx_Rsym_value                  ? 
_reflns.pdbx_netI_over_av_sigmaI         ? 
_reflns.pdbx_netI_over_sigmaI            21.9 
_reflns.pdbx_res_netI_over_av_sigmaI_2   ? 
_reflns.pdbx_res_netI_over_sigmaI_2      ? 
_reflns.pdbx_chi_squared                 ? 
_reflns.pdbx_scaling_rejects             ? 
_reflns.pdbx_d_res_high_opt              ? 
_reflns.pdbx_d_res_low_opt               ? 
_reflns.pdbx_d_res_opt_method            ? 
_reflns.phase_calculation_details        ? 
_reflns.pdbx_Rrim_I_all                  ? 
_reflns.pdbx_Rpim_I_all                  ? 
_reflns.pdbx_d_opt                       ? 
_reflns.pdbx_number_measured_all         ? 
_reflns.pdbx_diffrn_id                   1 
_reflns.pdbx_ordinal                     1 
_reflns.pdbx_CC_half                     ? 
_reflns.pdbx_R_split                     ? 
# 
_refine.pdbx_refine_id                           'X-RAY DIFFRACTION' 
_refine.entry_id                                 4OZJ 
_refine.pdbx_diffrn_id                           1 
_refine.pdbx_TLS_residual_ADP_flag               ? 
_refine.ls_number_reflns_obs                     23980 
_refine.ls_number_reflns_all                     ? 
_refine.pdbx_ls_sigma_I                          ? 
_refine.pdbx_ls_sigma_F                          ? 
_refine.pdbx_data_cutoff_high_absF               ? 
_refine.pdbx_data_cutoff_low_absF                ? 
_refine.pdbx_data_cutoff_high_rms_absF           ? 
_refine.ls_d_res_low                             60.26 
_refine.ls_d_res_high                            1.45 
_refine.ls_percent_reflns_obs                    96.10 
_refine.ls_R_factor_obs                          0.17423 
_refine.ls_R_factor_all                          ? 
_refine.ls_R_factor_R_work                       0.17338 
_refine.ls_R_factor_R_free                       0.18987 
_refine.ls_R_factor_R_free_error                 ? 
_refine.ls_R_factor_R_free_error_details         ? 
_refine.ls_percent_reflns_R_free                 5.1 
_refine.ls_number_reflns_R_free                  1285 
_refine.ls_number_parameters                     ? 
_refine.ls_number_restraints                     ? 
_refine.occupancy_min                            ? 
_refine.occupancy_max                            ? 
_refine.correlation_coeff_Fo_to_Fc               0.970 
_refine.correlation_coeff_Fo_to_Fc_free          0.971 
_refine.B_iso_mean                               28.574 
_refine.aniso_B[1][1]                            0.96 
_refine.aniso_B[2][2]                            0.96 
_refine.aniso_B[3][3]                            -3.11 
_refine.aniso_B[1][2]                            0.96 
_refine.aniso_B[1][3]                            -0.00 
_refine.aniso_B[2][3]                            -0.00 
_refine.solvent_model_details                    MASK 
_refine.solvent_model_param_ksol                 ? 
_refine.solvent_model_param_bsol                 ? 
_refine.pdbx_solvent_vdw_probe_radii             1.20 
_refine.pdbx_solvent_ion_probe_radii             0.80 
_refine.pdbx_solvent_shrinkage_radii             0.80 
_refine.pdbx_ls_cross_valid_method               THROUGHOUT 
_refine.details                                  'HYDROGENS HAVE BEEN ADDED IN THE RIDING POSITIONS' 
_refine.pdbx_starting_model                      ? 
_refine.pdbx_method_to_determine_struct          ? 
_refine.pdbx_isotropic_thermal_model             ? 
_refine.pdbx_stereochemistry_target_values       'MAXIMUM LIKELIHOOD' 
_refine.pdbx_stereochem_target_val_spec_case     ? 
_refine.pdbx_R_Free_selection_details            RANDOM 
_refine.pdbx_overall_ESU_R                       0.060 
_refine.pdbx_overall_ESU_R_Free                  0.054 
_refine.overall_SU_ML                            0.040 
_refine.pdbx_overall_phase_error                 ? 
_refine.overall_SU_B                             2.367 
_refine.overall_SU_R_Cruickshank_DPI             ? 
_refine.pdbx_overall_SU_R_free_Cruickshank_DPI   ? 
_refine.pdbx_overall_SU_R_Blow_DPI               ? 
_refine.pdbx_overall_SU_R_free_Blow_DPI          ? 
# 
_refine_hist.pdbx_refine_id                   'X-RAY DIFFRACTION' 
_refine_hist.cycle_id                         last 
_refine_hist.pdbx_number_atoms_protein        748 
_refine_hist.pdbx_number_atoms_nucleic_acid   0 
_refine_hist.pdbx_number_atoms_ligand         27 
_refine_hist.number_atoms_solvent             72 
_refine_hist.number_atoms_total               847 
_refine_hist.d_res_high                       1.45 
_refine_hist.d_res_low                        60.26 
# 
loop_
_refine_ls_restr.type 
_refine_ls_restr.dev_ideal 
_refine_ls_restr.dev_ideal_target 
_refine_ls_restr.weight 
_refine_ls_restr.number 
_refine_ls_restr.pdbx_refine_id 
_refine_ls_restr.pdbx_restraint_function 
r_bond_refined_d             0.009  0.019  ? 796  'X-RAY DIFFRACTION' ? 
r_bond_other_d               0.001  0.020  ? 785  'X-RAY DIFFRACTION' ? 
r_angle_refined_deg          1.425  2.025  ? 1091 'X-RAY DIFFRACTION' ? 
r_angle_other_deg            1.125  3.000  ? 1814 'X-RAY DIFFRACTION' ? 
r_dihedral_angle_1_deg       5.399  5.000  ? 108  'X-RAY DIFFRACTION' ? 
r_dihedral_angle_2_deg       30.832 25.926 ? 27   'X-RAY DIFFRACTION' ? 
r_dihedral_angle_3_deg       12.528 15.000 ? 131  'X-RAY DIFFRACTION' ? 
r_dihedral_angle_4_deg       15.083 15.000 ? 4    'X-RAY DIFFRACTION' ? 
r_chiral_restr               0.075  0.200  ? 136  'X-RAY DIFFRACTION' ? 
r_gen_planes_refined         0.004  0.021  ? 886  'X-RAY DIFFRACTION' ? 
r_gen_planes_other           0.001  0.020  ? 145  'X-RAY DIFFRACTION' ? 
r_nbd_refined                ?      ?      ? ?    'X-RAY DIFFRACTION' ? 
r_nbd_other                  ?      ?      ? ?    'X-RAY DIFFRACTION' ? 
r_nbtor_refined              ?      ?      ? ?    'X-RAY DIFFRACTION' ? 
r_nbtor_other                ?      ?      ? ?    'X-RAY DIFFRACTION' ? 
r_xyhbond_nbd_refined        ?      ?      ? ?    'X-RAY DIFFRACTION' ? 
r_xyhbond_nbd_other          ?      ?      ? ?    'X-RAY DIFFRACTION' ? 
r_metal_ion_refined          ?      ?      ? ?    'X-RAY DIFFRACTION' ? 
r_metal_ion_other            ?      ?      ? ?    'X-RAY DIFFRACTION' ? 
r_symmetry_vdw_refined       ?      ?      ? ?    'X-RAY DIFFRACTION' ? 
r_symmetry_vdw_other         ?      ?      ? ?    'X-RAY DIFFRACTION' ? 
r_symmetry_hbond_refined     ?      ?      ? ?    'X-RAY DIFFRACTION' ? 
r_symmetry_hbond_other       ?      ?      ? ?    'X-RAY DIFFRACTION' ? 
r_symmetry_metal_ion_refined ?      ?      ? ?    'X-RAY DIFFRACTION' ? 
r_symmetry_metal_ion_other   ?      ?      ? ?    'X-RAY DIFFRACTION' ? 
r_mcbond_it                  2.524  2.536  ? 420  'X-RAY DIFFRACTION' ? 
r_mcbond_other               2.526  2.533  ? 419  'X-RAY DIFFRACTION' ? 
r_mcangle_it                 2.898  3.812  ? 523  'X-RAY DIFFRACTION' ? 
r_mcangle_other              2.895  3.816  ? 524  'X-RAY DIFFRACTION' ? 
r_scbond_it                  3.349  3.022  ? 375  'X-RAY DIFFRACTION' ? 
r_scbond_other               3.347  3.019  ? 376  'X-RAY DIFFRACTION' ? 
r_scangle_it                 ?      ?      ? ?    'X-RAY DIFFRACTION' ? 
r_scangle_other              4.138  4.365  ? 566  'X-RAY DIFFRACTION' ? 
r_long_range_B_refined       4.282  21.916 ? 860  'X-RAY DIFFRACTION' ? 
r_long_range_B_other         4.133  21.314 ? 835  'X-RAY DIFFRACTION' ? 
r_rigid_bond_restr           4.315  3.000  ? 1578 'X-RAY DIFFRACTION' ? 
r_sphericity_free            30.609 5.000  ? 25   'X-RAY DIFFRACTION' ? 
r_sphericity_bonded          17.768 5.000  ? 1617 'X-RAY DIFFRACTION' ? 
# 
_refine_ls_shell.pdbx_refine_id                   'X-RAY DIFFRACTION' 
_refine_ls_shell.pdbx_total_number_of_bins_used   20 
_refine_ls_shell.d_res_high                       1.450 
_refine_ls_shell.d_res_low                        1.488 
_refine_ls_shell.number_reflns_R_work             1420 
_refine_ls_shell.R_factor_R_work                  0.363 
_refine_ls_shell.percent_reflns_obs               78.36 
_refine_ls_shell.R_factor_R_free                  0.392 
_refine_ls_shell.R_factor_R_free_error            ? 
_refine_ls_shell.percent_reflns_R_free            ? 
_refine_ls_shell.number_reflns_R_free             86 
_refine_ls_shell.number_reflns_all                ? 
_refine_ls_shell.R_factor_all                     ? 
# 
_struct.entry_id                     4OZJ 
_struct.title                        'GlnK2 from Haloferax mediterranei complexed with ADP' 
_struct.pdbx_model_details           ? 
_struct.pdbx_formula_weight          ? 
_struct.pdbx_formula_weight_method   ? 
_struct.pdbx_model_type_details      ? 
_struct.pdbx_CASP_flag               ? 
# 
_struct_keywords.entry_id        4OZJ 
_struct_keywords.text            'GlnK, PII, GlnB, Signaling, Haloferax mediterranei, halophile, archaea, SIGNALING PROTEIN' 
_struct_keywords.pdbx_keywords   'SIGNALING PROTEIN' 
# 
loop_
_struct_asym.id 
_struct_asym.pdbx_blank_PDB_chainid_flag 
_struct_asym.pdbx_modified 
_struct_asym.entity_id 
_struct_asym.details 
A N N 1 ? 
B N N 2 ? 
C N N 3 ? 
# 
_struct_ref.id                         1 
_struct_ref.db_name                    UNP 
_struct_ref.db_code                    B8ZYW1_HALMT 
_struct_ref.pdbx_db_accession          B8ZYW1 
_struct_ref.entity_id                  1 
_struct_ref.pdbx_seq_one_letter_code   
;MSDADLPNDGGIKLVMAIIRPDKLADVKTALAEVGAPSLTVTNVSGRGSQPAKKSQWRGEEYTVDLHQKVKVECVVADTP
AEDVADAIADAAHTGEKGDGKIFILPVENAIQVRTGKTGRDAV
;
_struct_ref.pdbx_align_begin           1 
_struct_ref.pdbx_db_isoform            ? 
# 
_struct_ref_seq.align_id                      1 
_struct_ref_seq.ref_id                        1 
_struct_ref_seq.pdbx_PDB_id_code              4OZJ 
_struct_ref_seq.pdbx_strand_id                A 
_struct_ref_seq.seq_align_beg                 21 
_struct_ref_seq.pdbx_seq_align_beg_ins_code   ? 
_struct_ref_seq.seq_align_end                 143 
_struct_ref_seq.pdbx_seq_align_end_ins_code   ? 
_struct_ref_seq.pdbx_db_accession             B8ZYW1 
_struct_ref_seq.db_align_beg                  1 
_struct_ref_seq.pdbx_db_align_beg_ins_code    ? 
_struct_ref_seq.db_align_end                  123 
_struct_ref_seq.pdbx_db_align_end_ins_code    ? 
_struct_ref_seq.pdbx_auth_seq_align_beg       1 
_struct_ref_seq.pdbx_auth_seq_align_end       123 
# 
loop_
_struct_ref_seq_dif.align_id 
_struct_ref_seq_dif.pdbx_pdb_id_code 
_struct_ref_seq_dif.mon_id 
_struct_ref_seq_dif.pdbx_pdb_strand_id 
_struct_ref_seq_dif.seq_num 
_struct_ref_seq_dif.pdbx_pdb_ins_code 
_struct_ref_seq_dif.pdbx_seq_db_name 
_struct_ref_seq_dif.pdbx_seq_db_accession_code 
_struct_ref_seq_dif.db_mon_id 
_struct_ref_seq_dif.pdbx_seq_db_seq_num 
_struct_ref_seq_dif.details 
_struct_ref_seq_dif.pdbx_auth_seq_num 
_struct_ref_seq_dif.pdbx_ordinal 
1 4OZJ MET A 1  ? UNP B8ZYW1 ? ? 'expression tag' -19 1  
1 4OZJ GLY A 2  ? UNP B8ZYW1 ? ? 'expression tag' -18 2  
1 4OZJ SER A 3  ? UNP B8ZYW1 ? ? 'expression tag' -17 3  
1 4OZJ SER A 4  ? UNP B8ZYW1 ? ? 'expression tag' -16 4  
1 4OZJ HIS A 5  ? UNP B8ZYW1 ? ? 'expression tag' -15 5  
1 4OZJ HIS A 6  ? UNP B8ZYW1 ? ? 'expression tag' -14 6  
1 4OZJ HIS A 7  ? UNP B8ZYW1 ? ? 'expression tag' -13 7  
1 4OZJ HIS A 8  ? UNP B8ZYW1 ? ? 'expression tag' -12 8  
1 4OZJ HIS A 9  ? UNP B8ZYW1 ? ? 'expression tag' -11 9  
1 4OZJ HIS A 10 ? UNP B8ZYW1 ? ? 'expression tag' -10 10 
1 4OZJ SER A 11 ? UNP B8ZYW1 ? ? 'expression tag' -9  11 
1 4OZJ SER A 12 ? UNP B8ZYW1 ? ? 'expression tag' -8  12 
1 4OZJ GLY A 13 ? UNP B8ZYW1 ? ? 'expression tag' -7  13 
1 4OZJ LEU A 14 ? UNP B8ZYW1 ? ? 'expression tag' -6  14 
1 4OZJ VAL A 15 ? UNP B8ZYW1 ? ? 'expression tag' -5  15 
1 4OZJ PRO A 16 ? UNP B8ZYW1 ? ? 'expression tag' -4  16 
1 4OZJ ALA A 17 ? UNP B8ZYW1 ? ? 'expression tag' -3  17 
1 4OZJ GLY A 18 ? UNP B8ZYW1 ? ? 'expression tag' -2  18 
1 4OZJ SER A 19 ? UNP B8ZYW1 ? ? 'expression tag' -1  19 
1 4OZJ HIS A 20 ? UNP B8ZYW1 ? ? 'expression tag' 0   20 
# 
_pdbx_struct_assembly.id                   1 
_pdbx_struct_assembly.details              author_and_software_defined_assembly 
_pdbx_struct_assembly.method_details       PISA 
_pdbx_struct_assembly.oligomeric_details   trimeric 
_pdbx_struct_assembly.oligomeric_count     3 
# 
loop_
_pdbx_struct_assembly_prop.biol_id 
_pdbx_struct_assembly_prop.type 
_pdbx_struct_assembly_prop.value 
_pdbx_struct_assembly_prop.details 
1 'ABSA (A^2)' 9550  ? 
1 MORE         -45   ? 
1 'SSA (A^2)'  12290 ? 
# 
_pdbx_struct_assembly_gen.assembly_id       1 
_pdbx_struct_assembly_gen.oper_expression   1,2,3 
_pdbx_struct_assembly_gen.asym_id_list      A,B,C 
# 
loop_
_pdbx_struct_oper_list.id 
_pdbx_struct_oper_list.type 
_pdbx_struct_oper_list.name 
_pdbx_struct_oper_list.symmetry_operation 
_pdbx_struct_oper_list.matrix[1][1] 
_pdbx_struct_oper_list.matrix[1][2] 
_pdbx_struct_oper_list.matrix[1][3] 
_pdbx_struct_oper_list.vector[1] 
_pdbx_struct_oper_list.matrix[2][1] 
_pdbx_struct_oper_list.matrix[2][2] 
_pdbx_struct_oper_list.matrix[2][3] 
_pdbx_struct_oper_list.vector[2] 
_pdbx_struct_oper_list.matrix[3][1] 
_pdbx_struct_oper_list.matrix[3][2] 
_pdbx_struct_oper_list.matrix[3][3] 
_pdbx_struct_oper_list.vector[3] 
1 'identity operation'         1_555 x,y,z     1.0000000000 0.0000000000 0.0000000000  0.0000000000   0.0000000000 1.0000000000 0.0000000000  0.0000000000  0.0000000000  0.0000000000  1.0000000000  0.0000000000  
2 'crystal symmetry operation' 2_555 -y,x-y,z  0.3354980757 0.5403820456 0.7716399976  -12.5034739326 0.8826468265 0.1059293342 -0.4579449267 12.6777195198 -0.3292045275 0.8347252368  -0.4414274099 6.4472586466  
3 'crystal symmetry operation' 3_555 -x+y,-x,z 0.3354980757 0.8826468265 -0.3292045275 -4.8725907211  0.5403820456 0.1059293342 0.8347252368  0.0320209330  0.7716399976  -0.4579449267 -0.4414274099 18.2998746167 
# 
loop_
_struct_conf.conf_type_id 
_struct_conf.id 
_struct_conf.pdbx_PDB_helix_id 
_struct_conf.beg_label_comp_id 
_struct_conf.beg_label_asym_id 
_struct_conf.beg_label_seq_id 
_struct_conf.pdbx_beg_PDB_ins_code 
_struct_conf.end_label_comp_id 
_struct_conf.end_label_asym_id 
_struct_conf.end_label_seq_id 
_struct_conf.pdbx_end_PDB_ins_code 
_struct_conf.beg_auth_comp_id 
_struct_conf.beg_auth_asym_id 
_struct_conf.beg_auth_seq_id 
_struct_conf.end_auth_comp_id 
_struct_conf.end_auth_asym_id 
_struct_conf.end_auth_seq_id 
_struct_conf.pdbx_PDB_helix_class 
_struct_conf.details 
_struct_conf.pdbx_PDB_helix_length 
HELX_P HELX_P1 AA1 LEU A 26  ? GLY A 31  ? LEU A 6   GLY A 11  5 ? 6  
HELX_P HELX_P2 AA2 ARG A 40  ? ASP A 42  ? ARG A 20  ASP A 22  5 ? 3  
HELX_P HELX_P3 AA3 LYS A 43  ? GLY A 55  ? LYS A 23  GLY A 35  1 ? 13 
HELX_P HELX_P4 AA4 PRO A 100 ? HIS A 113 ? PRO A 80  HIS A 93  1 ? 14 
HELX_P HELX_P5 AA5 GLY A 139 ? VAL A 143 ? GLY A 119 VAL A 123 5 ? 5  
# 
_struct_conf_type.id          HELX_P 
_struct_conf_type.criteria    ? 
_struct_conf_type.reference   ? 
# 
_struct_sheet.id               AA1 
_struct_sheet.type             ? 
_struct_sheet.number_strands   4 
_struct_sheet.details          ? 
# 
loop_
_struct_sheet_order.sheet_id 
_struct_sheet_order.range_id_1 
_struct_sheet_order.range_id_2 
_struct_sheet_order.offset 
_struct_sheet_order.sense 
AA1 1 2 ? anti-parallel 
AA1 2 3 ? anti-parallel 
AA1 3 4 ? anti-parallel 
# 
loop_
_struct_sheet_range.sheet_id 
_struct_sheet_range.id 
_struct_sheet_range.beg_label_comp_id 
_struct_sheet_range.beg_label_asym_id 
_struct_sheet_range.beg_label_seq_id 
_struct_sheet_range.pdbx_beg_PDB_ins_code 
_struct_sheet_range.end_label_comp_id 
_struct_sheet_range.end_label_asym_id 
_struct_sheet_range.end_label_seq_id 
_struct_sheet_range.pdbx_end_PDB_ins_code 
_struct_sheet_range.beg_auth_comp_id 
_struct_sheet_range.beg_auth_asym_id 
_struct_sheet_range.beg_auth_seq_id 
_struct_sheet_range.end_auth_comp_id 
_struct_sheet_range.end_auth_asym_id 
_struct_sheet_range.end_auth_seq_id 
AA1 1 THR A 60  ? GLY A 66  ? THR A 40  GLY A 46  
AA1 2 HIS A 87  ? VAL A 96  ? HIS A 67  VAL A 76  
AA1 3 ILE A 32  ? ILE A 39  ? ILE A 12  ILE A 19  
AA1 4 LYS A 121 ? VAL A 127 ? LYS A 101 VAL A 107 
# 
loop_
_pdbx_struct_sheet_hbond.sheet_id 
_pdbx_struct_sheet_hbond.range_id_1 
_pdbx_struct_sheet_hbond.range_id_2 
_pdbx_struct_sheet_hbond.range_1_label_atom_id 
_pdbx_struct_sheet_hbond.range_1_label_comp_id 
_pdbx_struct_sheet_hbond.range_1_label_asym_id 
_pdbx_struct_sheet_hbond.range_1_label_seq_id 
_pdbx_struct_sheet_hbond.range_1_PDB_ins_code 
_pdbx_struct_sheet_hbond.range_1_auth_atom_id 
_pdbx_struct_sheet_hbond.range_1_auth_comp_id 
_pdbx_struct_sheet_hbond.range_1_auth_asym_id 
_pdbx_struct_sheet_hbond.range_1_auth_seq_id 
_pdbx_struct_sheet_hbond.range_2_label_atom_id 
_pdbx_struct_sheet_hbond.range_2_label_comp_id 
_pdbx_struct_sheet_hbond.range_2_label_asym_id 
_pdbx_struct_sheet_hbond.range_2_label_seq_id 
_pdbx_struct_sheet_hbond.range_2_PDB_ins_code 
_pdbx_struct_sheet_hbond.range_2_auth_atom_id 
_pdbx_struct_sheet_hbond.range_2_auth_comp_id 
_pdbx_struct_sheet_hbond.range_2_auth_asym_id 
_pdbx_struct_sheet_hbond.range_2_auth_seq_id 
AA1 1 2 N THR A 62 ? N THR A 42 O LYS A 91  ? O LYS A 71  
AA1 2 3 O CYS A 94 ? O CYS A 74 N VAL A 35  ? N VAL A 15  
AA1 3 4 N MET A 36 ? N MET A 16 O PHE A 123 ? O PHE A 103 
# 
_struct_site.id                   AC1 
_struct_site.pdbx_evidence_code   Software 
_struct_site.pdbx_auth_asym_id    A 
_struct_site.pdbx_auth_comp_id    ADP 
_struct_site.pdbx_auth_seq_id     201 
_struct_site.pdbx_auth_ins_code   ? 
_struct_site.pdbx_num_residues    19 
_struct_site.details              'binding site for residue ADP A 201' 
# 
loop_
_struct_site_gen.id 
_struct_site_gen.site_id 
_struct_site_gen.pdbx_num_res 
_struct_site_gen.label_comp_id 
_struct_site_gen.label_asym_id 
_struct_site_gen.label_seq_id 
_struct_site_gen.pdbx_auth_ins_code 
_struct_site_gen.auth_comp_id 
_struct_site_gen.auth_asym_id 
_struct_site_gen.auth_seq_id 
_struct_site_gen.label_atom_id 
_struct_site_gen.label_alt_id 
_struct_site_gen.symmetry 
_struct_site_gen.details 
1  AC1 19 ILE A 38  ? ILE A 18  . ? 1_555 ? 
2  AC1 19 SER A 58  ? SER A 38  . ? 2_555 ? 
3  AC1 19 LEU A 59  ? LEU A 39  . ? 2_555 ? 
4  AC1 19 THR A 60  ? THR A 40  . ? 2_555 ? 
5  AC1 19 GLY A 66  ? GLY A 46  . ? 1_555 ? 
6  AC1 19 ARG A 67  ? ARG A 47  . ? 1_555 ? 
7  AC1 19 GLY A 68  ? GLY A 48  . ? 1_555 ? 
8  AC1 19 SER A 69  ? SER A 49  . ? 1_555 ? 
9  AC1 19 GLU A 93  ? GLU A 73  . ? 2_555 ? 
10 AC1 19 VAL A 95  ? VAL A 75  . ? 2_555 ? 
11 AC1 19 LYS A 117 ? LYS A 97  . ? 1_555 ? 
12 AC1 19 GLY A 118 ? GLY A 98  . ? 1_555 ? 
13 AC1 19 ASP A 119 ? ASP A 99  . ? 1_555 ? 
14 AC1 19 GLY A 120 ? GLY A 100 . ? 1_555 ? 
15 AC1 19 LYS A 121 ? LYS A 101 . ? 1_555 ? 
16 AC1 19 VAL A 143 ? VAL A 123 . ? 2_555 ? 
17 AC1 19 HOH C .   ? HOH A 302 . ? 1_555 ? 
18 AC1 19 HOH C .   ? HOH A 335 . ? 2_555 ? 
19 AC1 19 HOH C .   ? HOH A 348 . ? 1_555 ? 
# 
_pdbx_validate_torsion.id              1 
_pdbx_validate_torsion.PDB_model_num   1 
_pdbx_validate_torsion.auth_comp_id    ALA 
_pdbx_validate_torsion.auth_asym_id    A 
_pdbx_validate_torsion.auth_seq_id     77 
_pdbx_validate_torsion.PDB_ins_code    ? 
_pdbx_validate_torsion.label_alt_id    ? 
_pdbx_validate_torsion.phi             -138.88 
_pdbx_validate_torsion.psi             -55.45 
# 
loop_
_pdbx_struct_special_symmetry.id 
_pdbx_struct_special_symmetry.PDB_model_num 
_pdbx_struct_special_symmetry.auth_asym_id 
_pdbx_struct_special_symmetry.auth_comp_id 
_pdbx_struct_special_symmetry.auth_seq_id 
_pdbx_struct_special_symmetry.PDB_ins_code 
_pdbx_struct_special_symmetry.label_asym_id 
_pdbx_struct_special_symmetry.label_comp_id 
_pdbx_struct_special_symmetry.label_seq_id 
1 1 A HOH 323 ? C HOH . 
2 1 A HOH 331 ? C HOH . 
3 1 A HOH 332 ? C HOH . 
4 1 A HOH 338 ? C HOH . 
5 1 A HOH 339 ? C HOH . 
6 1 A HOH 340 ? C HOH . 
# 
loop_
_pdbx_unobs_or_zero_occ_residues.id 
_pdbx_unobs_or_zero_occ_residues.PDB_model_num 
_pdbx_unobs_or_zero_occ_residues.polymer_flag 
_pdbx_unobs_or_zero_occ_residues.occupancy_flag 
_pdbx_unobs_or_zero_occ_residues.auth_asym_id 
_pdbx_unobs_or_zero_occ_residues.auth_comp_id 
_pdbx_unobs_or_zero_occ_residues.auth_seq_id 
_pdbx_unobs_or_zero_occ_residues.PDB_ins_code 
_pdbx_unobs_or_zero_occ_residues.label_asym_id 
_pdbx_unobs_or_zero_occ_residues.label_comp_id 
_pdbx_unobs_or_zero_occ_residues.label_seq_id 
1  1 Y 1 A MET -19 ? A MET 1  
2  1 Y 1 A GLY -18 ? A GLY 2  
3  1 Y 1 A SER -17 ? A SER 3  
4  1 Y 1 A SER -16 ? A SER 4  
5  1 Y 1 A HIS -15 ? A HIS 5  
6  1 Y 1 A HIS -14 ? A HIS 6  
7  1 Y 1 A HIS -13 ? A HIS 7  
8  1 Y 1 A HIS -12 ? A HIS 8  
9  1 Y 1 A HIS -11 ? A HIS 9  
10 1 Y 1 A HIS -10 ? A HIS 10 
11 1 Y 1 A SER -9  ? A SER 11 
12 1 Y 1 A SER -8  ? A SER 12 
13 1 Y 1 A GLY -7  ? A GLY 13 
14 1 Y 1 A LEU -6  ? A LEU 14 
15 1 Y 1 A VAL -5  ? A VAL 15 
16 1 Y 1 A PRO -4  ? A PRO 16 
17 1 Y 1 A ALA -3  ? A ALA 17 
18 1 Y 1 A GLY -2  ? A GLY 18 
19 1 Y 1 A SER -1  ? A SER 19 
20 1 Y 1 A HIS 0   ? A HIS 20 
21 1 Y 1 A MET 1   ? A MET 21 
22 1 Y 1 A SER 2   ? A SER 22 
23 1 Y 1 A ASP 3   ? A ASP 23 
24 1 Y 1 A ALA 4   ? A ALA 24 
25 1 Y 1 A ASP 5   ? A ASP 25 
26 1 Y 1 A GLN 50  ? A GLN 70 
27 1 Y 1 A PRO 51  ? A PRO 71 
28 1 Y 1 A ALA 52  ? A ALA 72 
29 1 Y 1 A LYS 53  ? A LYS 73 
30 1 Y 1 A LYS 54  ? A LYS 74 
31 1 Y 1 A SER 55  ? A SER 75 
32 1 Y 1 A GLN 56  ? A GLN 76 
33 1 Y 1 A TRP 57  ? A TRP 77 
34 1 Y 1 A ARG 58  ? A ARG 78 
35 1 Y 1 A GLY 59  ? A GLY 79 
36 1 Y 1 A GLU 60  ? A GLU 80 
37 1 Y 1 A GLU 61  ? A GLU 81 
38 1 Y 1 A TYR 62  ? A TYR 82 
39 1 Y 1 A THR 63  ? A THR 83 
# 
loop_
_chem_comp_atom.comp_id 
_chem_comp_atom.atom_id 
_chem_comp_atom.type_symbol 
_chem_comp_atom.pdbx_aromatic_flag 
_chem_comp_atom.pdbx_stereo_config 
_chem_comp_atom.pdbx_ordinal 
ADP PB     P N N 1   
ADP O1B    O N N 2   
ADP O2B    O N N 3   
ADP O3B    O N N 4   
ADP PA     P N S 5   
ADP O1A    O N N 6   
ADP O2A    O N N 7   
ADP O3A    O N N 8   
ADP "O5'"  O N N 9   
ADP "C5'"  C N N 10  
ADP "C4'"  C N R 11  
ADP "O4'"  O N N 12  
ADP "C3'"  C N S 13  
ADP "O3'"  O N N 14  
ADP "C2'"  C N R 15  
ADP "O2'"  O N N 16  
ADP "C1'"  C N R 17  
ADP N9     N Y N 18  
ADP C8     C Y N 19  
ADP N7     N Y N 20  
ADP C5     C Y N 21  
ADP C6     C Y N 22  
ADP N6     N N N 23  
ADP N1     N Y N 24  
ADP C2     C Y N 25  
ADP N3     N Y N 26  
ADP C4     C Y N 27  
ADP HOB2   H N N 28  
ADP HOB3   H N N 29  
ADP HOA2   H N N 30  
ADP "H5'1" H N N 31  
ADP "H5'2" H N N 32  
ADP "H4'"  H N N 33  
ADP "H3'"  H N N 34  
ADP "HO3'" H N N 35  
ADP "H2'"  H N N 36  
ADP "HO2'" H N N 37  
ADP "H1'"  H N N 38  
ADP H8     H N N 39  
ADP HN61   H N N 40  
ADP HN62   H N N 41  
ADP H2     H N N 42  
ALA N      N N N 43  
ALA CA     C N S 44  
ALA C      C N N 45  
ALA O      O N N 46  
ALA CB     C N N 47  
ALA OXT    O N N 48  
ALA H      H N N 49  
ALA H2     H N N 50  
ALA HA     H N N 51  
ALA HB1    H N N 52  
ALA HB2    H N N 53  
ALA HB3    H N N 54  
ALA HXT    H N N 55  
ARG N      N N N 56  
ARG CA     C N S 57  
ARG C      C N N 58  
ARG O      O N N 59  
ARG CB     C N N 60  
ARG CG     C N N 61  
ARG CD     C N N 62  
ARG NE     N N N 63  
ARG CZ     C N N 64  
ARG NH1    N N N 65  
ARG NH2    N N N 66  
ARG OXT    O N N 67  
ARG H      H N N 68  
ARG H2     H N N 69  
ARG HA     H N N 70  
ARG HB2    H N N 71  
ARG HB3    H N N 72  
ARG HG2    H N N 73  
ARG HG3    H N N 74  
ARG HD2    H N N 75  
ARG HD3    H N N 76  
ARG HE     H N N 77  
ARG HH11   H N N 78  
ARG HH12   H N N 79  
ARG HH21   H N N 80  
ARG HH22   H N N 81  
ARG HXT    H N N 82  
ASN N      N N N 83  
ASN CA     C N S 84  
ASN C      C N N 85  
ASN O      O N N 86  
ASN CB     C N N 87  
ASN CG     C N N 88  
ASN OD1    O N N 89  
ASN ND2    N N N 90  
ASN OXT    O N N 91  
ASN H      H N N 92  
ASN H2     H N N 93  
ASN HA     H N N 94  
ASN HB2    H N N 95  
ASN HB3    H N N 96  
ASN HD21   H N N 97  
ASN HD22   H N N 98  
ASN HXT    H N N 99  
ASP N      N N N 100 
ASP CA     C N S 101 
ASP C      C N N 102 
ASP O      O N N 103 
ASP CB     C N N 104 
ASP CG     C N N 105 
ASP OD1    O N N 106 
ASP OD2    O N N 107 
ASP OXT    O N N 108 
ASP H      H N N 109 
ASP H2     H N N 110 
ASP HA     H N N 111 
ASP HB2    H N N 112 
ASP HB3    H N N 113 
ASP HD2    H N N 114 
ASP HXT    H N N 115 
CYS N      N N N 116 
CYS CA     C N R 117 
CYS C      C N N 118 
CYS O      O N N 119 
CYS CB     C N N 120 
CYS SG     S N N 121 
CYS OXT    O N N 122 
CYS H      H N N 123 
CYS H2     H N N 124 
CYS HA     H N N 125 
CYS HB2    H N N 126 
CYS HB3    H N N 127 
CYS HG     H N N 128 
CYS HXT    H N N 129 
GLN N      N N N 130 
GLN CA     C N S 131 
GLN C      C N N 132 
GLN O      O N N 133 
GLN CB     C N N 134 
GLN CG     C N N 135 
GLN CD     C N N 136 
GLN OE1    O N N 137 
GLN NE2    N N N 138 
GLN OXT    O N N 139 
GLN H      H N N 140 
GLN H2     H N N 141 
GLN HA     H N N 142 
GLN HB2    H N N 143 
GLN HB3    H N N 144 
GLN HG2    H N N 145 
GLN HG3    H N N 146 
GLN HE21   H N N 147 
GLN HE22   H N N 148 
GLN HXT    H N N 149 
GLU N      N N N 150 
GLU CA     C N S 151 
GLU C      C N N 152 
GLU O      O N N 153 
GLU CB     C N N 154 
GLU CG     C N N 155 
GLU CD     C N N 156 
GLU OE1    O N N 157 
GLU OE2    O N N 158 
GLU OXT    O N N 159 
GLU H      H N N 160 
GLU H2     H N N 161 
GLU HA     H N N 162 
GLU HB2    H N N 163 
GLU HB3    H N N 164 
GLU HG2    H N N 165 
GLU HG3    H N N 166 
GLU HE2    H N N 167 
GLU HXT    H N N 168 
GLY N      N N N 169 
GLY CA     C N N 170 
GLY C      C N N 171 
GLY O      O N N 172 
GLY OXT    O N N 173 
GLY H      H N N 174 
GLY H2     H N N 175 
GLY HA2    H N N 176 
GLY HA3    H N N 177 
GLY HXT    H N N 178 
HIS N      N N N 179 
HIS CA     C N S 180 
HIS C      C N N 181 
HIS O      O N N 182 
HIS CB     C N N 183 
HIS CG     C Y N 184 
HIS ND1    N Y N 185 
HIS CD2    C Y N 186 
HIS CE1    C Y N 187 
HIS NE2    N Y N 188 
HIS OXT    O N N 189 
HIS H      H N N 190 
HIS H2     H N N 191 
HIS HA     H N N 192 
HIS HB2    H N N 193 
HIS HB3    H N N 194 
HIS HD1    H N N 195 
HIS HD2    H N N 196 
HIS HE1    H N N 197 
HIS HE2    H N N 198 
HIS HXT    H N N 199 
HOH O      O N N 200 
HOH H1     H N N 201 
HOH H2     H N N 202 
ILE N      N N N 203 
ILE CA     C N S 204 
ILE C      C N N 205 
ILE O      O N N 206 
ILE CB     C N S 207 
ILE CG1    C N N 208 
ILE CG2    C N N 209 
ILE CD1    C N N 210 
ILE OXT    O N N 211 
ILE H      H N N 212 
ILE H2     H N N 213 
ILE HA     H N N 214 
ILE HB     H N N 215 
ILE HG12   H N N 216 
ILE HG13   H N N 217 
ILE HG21   H N N 218 
ILE HG22   H N N 219 
ILE HG23   H N N 220 
ILE HD11   H N N 221 
ILE HD12   H N N 222 
ILE HD13   H N N 223 
ILE HXT    H N N 224 
LEU N      N N N 225 
LEU CA     C N S 226 
LEU C      C N N 227 
LEU O      O N N 228 
LEU CB     C N N 229 
LEU CG     C N N 230 
LEU CD1    C N N 231 
LEU CD2    C N N 232 
LEU OXT    O N N 233 
LEU H      H N N 234 
LEU H2     H N N 235 
LEU HA     H N N 236 
LEU HB2    H N N 237 
LEU HB3    H N N 238 
LEU HG     H N N 239 
LEU HD11   H N N 240 
LEU HD12   H N N 241 
LEU HD13   H N N 242 
LEU HD21   H N N 243 
LEU HD22   H N N 244 
LEU HD23   H N N 245 
LEU HXT    H N N 246 
LYS N      N N N 247 
LYS CA     C N S 248 
LYS C      C N N 249 
LYS O      O N N 250 
LYS CB     C N N 251 
LYS CG     C N N 252 
LYS CD     C N N 253 
LYS CE     C N N 254 
LYS NZ     N N N 255 
LYS OXT    O N N 256 
LYS H      H N N 257 
LYS H2     H N N 258 
LYS HA     H N N 259 
LYS HB2    H N N 260 
LYS HB3    H N N 261 
LYS HG2    H N N 262 
LYS HG3    H N N 263 
LYS HD2    H N N 264 
LYS HD3    H N N 265 
LYS HE2    H N N 266 
LYS HE3    H N N 267 
LYS HZ1    H N N 268 
LYS HZ2    H N N 269 
LYS HZ3    H N N 270 
LYS HXT    H N N 271 
MET N      N N N 272 
MET CA     C N S 273 
MET C      C N N 274 
MET O      O N N 275 
MET CB     C N N 276 
MET CG     C N N 277 
MET SD     S N N 278 
MET CE     C N N 279 
MET OXT    O N N 280 
MET H      H N N 281 
MET H2     H N N 282 
MET HA     H N N 283 
MET HB2    H N N 284 
MET HB3    H N N 285 
MET HG2    H N N 286 
MET HG3    H N N 287 
MET HE1    H N N 288 
MET HE2    H N N 289 
MET HE3    H N N 290 
MET HXT    H N N 291 
PHE N      N N N 292 
PHE CA     C N S 293 
PHE C      C N N 294 
PHE O      O N N 295 
PHE CB     C N N 296 
PHE CG     C Y N 297 
PHE CD1    C Y N 298 
PHE CD2    C Y N 299 
PHE CE1    C Y N 300 
PHE CE2    C Y N 301 
PHE CZ     C Y N 302 
PHE OXT    O N N 303 
PHE H      H N N 304 
PHE H2     H N N 305 
PHE HA     H N N 306 
PHE HB2    H N N 307 
PHE HB3    H N N 308 
PHE HD1    H N N 309 
PHE HD2    H N N 310 
PHE HE1    H N N 311 
PHE HE2    H N N 312 
PHE HZ     H N N 313 
PHE HXT    H N N 314 
PRO N      N N N 315 
PRO CA     C N S 316 
PRO C      C N N 317 
PRO O      O N N 318 
PRO CB     C N N 319 
PRO CG     C N N 320 
PRO CD     C N N 321 
PRO OXT    O N N 322 
PRO H      H N N 323 
PRO HA     H N N 324 
PRO HB2    H N N 325 
PRO HB3    H N N 326 
PRO HG2    H N N 327 
PRO HG3    H N N 328 
PRO HD2    H N N 329 
PRO HD3    H N N 330 
PRO HXT    H N N 331 
SER N      N N N 332 
SER CA     C N S 333 
SER C      C N N 334 
SER O      O N N 335 
SER CB     C N N 336 
SER OG     O N N 337 
SER OXT    O N N 338 
SER H      H N N 339 
SER H2     H N N 340 
SER HA     H N N 341 
SER HB2    H N N 342 
SER HB3    H N N 343 
SER HG     H N N 344 
SER HXT    H N N 345 
THR N      N N N 346 
THR CA     C N S 347 
THR C      C N N 348 
THR O      O N N 349 
THR CB     C N R 350 
THR OG1    O N N 351 
THR CG2    C N N 352 
THR OXT    O N N 353 
THR H      H N N 354 
THR H2     H N N 355 
THR HA     H N N 356 
THR HB     H N N 357 
THR HG1    H N N 358 
THR HG21   H N N 359 
THR HG22   H N N 360 
THR HG23   H N N 361 
THR HXT    H N N 362 
TRP N      N N N 363 
TRP CA     C N S 364 
TRP C      C N N 365 
TRP O      O N N 366 
TRP CB     C N N 367 
TRP CG     C Y N 368 
TRP CD1    C Y N 369 
TRP CD2    C Y N 370 
TRP NE1    N Y N 371 
TRP CE2    C Y N 372 
TRP CE3    C Y N 373 
TRP CZ2    C Y N 374 
TRP CZ3    C Y N 375 
TRP CH2    C Y N 376 
TRP OXT    O N N 377 
TRP H      H N N 378 
TRP H2     H N N 379 
TRP HA     H N N 380 
TRP HB2    H N N 381 
TRP HB3    H N N 382 
TRP HD1    H N N 383 
TRP HE1    H N N 384 
TRP HE3    H N N 385 
TRP HZ2    H N N 386 
TRP HZ3    H N N 387 
TRP HH2    H N N 388 
TRP HXT    H N N 389 
TYR N      N N N 390 
TYR CA     C N S 391 
TYR C      C N N 392 
TYR O      O N N 393 
TYR CB     C N N 394 
TYR CG     C Y N 395 
TYR CD1    C Y N 396 
TYR CD2    C Y N 397 
TYR CE1    C Y N 398 
TYR CE2    C Y N 399 
TYR CZ     C Y N 400 
TYR OH     O N N 401 
TYR OXT    O N N 402 
TYR H      H N N 403 
TYR H2     H N N 404 
TYR HA     H N N 405 
TYR HB2    H N N 406 
TYR HB3    H N N 407 
TYR HD1    H N N 408 
TYR HD2    H N N 409 
TYR HE1    H N N 410 
TYR HE2    H N N 411 
TYR HH     H N N 412 
TYR HXT    H N N 413 
VAL N      N N N 414 
VAL CA     C N S 415 
VAL C      C N N 416 
VAL O      O N N 417 
VAL CB     C N N 418 
VAL CG1    C N N 419 
VAL CG2    C N N 420 
VAL OXT    O N N 421 
VAL H      H N N 422 
VAL H2     H N N 423 
VAL HA     H N N 424 
VAL HB     H N N 425 
VAL HG11   H N N 426 
VAL HG12   H N N 427 
VAL HG13   H N N 428 
VAL HG21   H N N 429 
VAL HG22   H N N 430 
VAL HG23   H N N 431 
VAL HXT    H N N 432 
# 
loop_
_chem_comp_bond.comp_id 
_chem_comp_bond.atom_id_1 
_chem_comp_bond.atom_id_2 
_chem_comp_bond.value_order 
_chem_comp_bond.pdbx_aromatic_flag 
_chem_comp_bond.pdbx_stereo_config 
_chem_comp_bond.pdbx_ordinal 
ADP PB    O1B    doub N N 1   
ADP PB    O2B    sing N N 2   
ADP PB    O3B    sing N N 3   
ADP PB    O3A    sing N N 4   
ADP O2B   HOB2   sing N N 5   
ADP O3B   HOB3   sing N N 6   
ADP PA    O1A    doub N N 7   
ADP PA    O2A    sing N N 8   
ADP PA    O3A    sing N N 9   
ADP PA    "O5'"  sing N N 10  
ADP O2A   HOA2   sing N N 11  
ADP "O5'" "C5'"  sing N N 12  
ADP "C5'" "C4'"  sing N N 13  
ADP "C5'" "H5'1" sing N N 14  
ADP "C5'" "H5'2" sing N N 15  
ADP "C4'" "O4'"  sing N N 16  
ADP "C4'" "C3'"  sing N N 17  
ADP "C4'" "H4'"  sing N N 18  
ADP "O4'" "C1'"  sing N N 19  
ADP "C3'" "O3'"  sing N N 20  
ADP "C3'" "C2'"  sing N N 21  
ADP "C3'" "H3'"  sing N N 22  
ADP "O3'" "HO3'" sing N N 23  
ADP "C2'" "O2'"  sing N N 24  
ADP "C2'" "C1'"  sing N N 25  
ADP "C2'" "H2'"  sing N N 26  
ADP "O2'" "HO2'" sing N N 27  
ADP "C1'" N9     sing N N 28  
ADP "C1'" "H1'"  sing N N 29  
ADP N9    C8     sing Y N 30  
ADP N9    C4     sing Y N 31  
ADP C8    N7     doub Y N 32  
ADP C8    H8     sing N N 33  
ADP N7    C5     sing Y N 34  
ADP C5    C6     sing Y N 35  
ADP C5    C4     doub Y N 36  
ADP C6    N6     sing N N 37  
ADP C6    N1     doub Y N 38  
ADP N6    HN61   sing N N 39  
ADP N6    HN62   sing N N 40  
ADP N1    C2     sing Y N 41  
ADP C2    N3     doub Y N 42  
ADP C2    H2     sing N N 43  
ADP N3    C4     sing Y N 44  
ALA N     CA     sing N N 45  
ALA N     H      sing N N 46  
ALA N     H2     sing N N 47  
ALA CA    C      sing N N 48  
ALA CA    CB     sing N N 49  
ALA CA    HA     sing N N 50  
ALA C     O      doub N N 51  
ALA C     OXT    sing N N 52  
ALA CB    HB1    sing N N 53  
ALA CB    HB2    sing N N 54  
ALA CB    HB3    sing N N 55  
ALA OXT   HXT    sing N N 56  
ARG N     CA     sing N N 57  
ARG N     H      sing N N 58  
ARG N     H2     sing N N 59  
ARG CA    C      sing N N 60  
ARG CA    CB     sing N N 61  
ARG CA    HA     sing N N 62  
ARG C     O      doub N N 63  
ARG C     OXT    sing N N 64  
ARG CB    CG     sing N N 65  
ARG CB    HB2    sing N N 66  
ARG CB    HB3    sing N N 67  
ARG CG    CD     sing N N 68  
ARG CG    HG2    sing N N 69  
ARG CG    HG3    sing N N 70  
ARG CD    NE     sing N N 71  
ARG CD    HD2    sing N N 72  
ARG CD    HD3    sing N N 73  
ARG NE    CZ     sing N N 74  
ARG NE    HE     sing N N 75  
ARG CZ    NH1    sing N N 76  
ARG CZ    NH2    doub N N 77  
ARG NH1   HH11   sing N N 78  
ARG NH1   HH12   sing N N 79  
ARG NH2   HH21   sing N N 80  
ARG NH2   HH22   sing N N 81  
ARG OXT   HXT    sing N N 82  
ASN N     CA     sing N N 83  
ASN N     H      sing N N 84  
ASN N     H2     sing N N 85  
ASN CA    C      sing N N 86  
ASN CA    CB     sing N N 87  
ASN CA    HA     sing N N 88  
ASN C     O      doub N N 89  
ASN C     OXT    sing N N 90  
ASN CB    CG     sing N N 91  
ASN CB    HB2    sing N N 92  
ASN CB    HB3    sing N N 93  
ASN CG    OD1    doub N N 94  
ASN CG    ND2    sing N N 95  
ASN ND2   HD21   sing N N 96  
ASN ND2   HD22   sing N N 97  
ASN OXT   HXT    sing N N 98  
ASP N     CA     sing N N 99  
ASP N     H      sing N N 100 
ASP N     H2     sing N N 101 
ASP CA    C      sing N N 102 
ASP CA    CB     sing N N 103 
ASP CA    HA     sing N N 104 
ASP C     O      doub N N 105 
ASP C     OXT    sing N N 106 
ASP CB    CG     sing N N 107 
ASP CB    HB2    sing N N 108 
ASP CB    HB3    sing N N 109 
ASP CG    OD1    doub N N 110 
ASP CG    OD2    sing N N 111 
ASP OD2   HD2    sing N N 112 
ASP OXT   HXT    sing N N 113 
CYS N     CA     sing N N 114 
CYS N     H      sing N N 115 
CYS N     H2     sing N N 116 
CYS CA    C      sing N N 117 
CYS CA    CB     sing N N 118 
CYS CA    HA     sing N N 119 
CYS C     O      doub N N 120 
CYS C     OXT    sing N N 121 
CYS CB    SG     sing N N 122 
CYS CB    HB2    sing N N 123 
CYS CB    HB3    sing N N 124 
CYS SG    HG     sing N N 125 
CYS OXT   HXT    sing N N 126 
GLN N     CA     sing N N 127 
GLN N     H      sing N N 128 
GLN N     H2     sing N N 129 
GLN CA    C      sing N N 130 
GLN CA    CB     sing N N 131 
GLN CA    HA     sing N N 132 
GLN C     O      doub N N 133 
GLN C     OXT    sing N N 134 
GLN CB    CG     sing N N 135 
GLN CB    HB2    sing N N 136 
GLN CB    HB3    sing N N 137 
GLN CG    CD     sing N N 138 
GLN CG    HG2    sing N N 139 
GLN CG    HG3    sing N N 140 
GLN CD    OE1    doub N N 141 
GLN CD    NE2    sing N N 142 
GLN NE2   HE21   sing N N 143 
GLN NE2   HE22   sing N N 144 
GLN OXT   HXT    sing N N 145 
GLU N     CA     sing N N 146 
GLU N     H      sing N N 147 
GLU N     H2     sing N N 148 
GLU CA    C      sing N N 149 
GLU CA    CB     sing N N 150 
GLU CA    HA     sing N N 151 
GLU C     O      doub N N 152 
GLU C     OXT    sing N N 153 
GLU CB    CG     sing N N 154 
GLU CB    HB2    sing N N 155 
GLU CB    HB3    sing N N 156 
GLU CG    CD     sing N N 157 
GLU CG    HG2    sing N N 158 
GLU CG    HG3    sing N N 159 
GLU CD    OE1    doub N N 160 
GLU CD    OE2    sing N N 161 
GLU OE2   HE2    sing N N 162 
GLU OXT   HXT    sing N N 163 
GLY N     CA     sing N N 164 
GLY N     H      sing N N 165 
GLY N     H2     sing N N 166 
GLY CA    C      sing N N 167 
GLY CA    HA2    sing N N 168 
GLY CA    HA3    sing N N 169 
GLY C     O      doub N N 170 
GLY C     OXT    sing N N 171 
GLY OXT   HXT    sing N N 172 
HIS N     CA     sing N N 173 
HIS N     H      sing N N 174 
HIS N     H2     sing N N 175 
HIS CA    C      sing N N 176 
HIS CA    CB     sing N N 177 
HIS CA    HA     sing N N 178 
HIS C     O      doub N N 179 
HIS C     OXT    sing N N 180 
HIS CB    CG     sing N N 181 
HIS CB    HB2    sing N N 182 
HIS CB    HB3    sing N N 183 
HIS CG    ND1    sing Y N 184 
HIS CG    CD2    doub Y N 185 
HIS ND1   CE1    doub Y N 186 
HIS ND1   HD1    sing N N 187 
HIS CD2   NE2    sing Y N 188 
HIS CD2   HD2    sing N N 189 
HIS CE1   NE2    sing Y N 190 
HIS CE1   HE1    sing N N 191 
HIS NE2   HE2    sing N N 192 
HIS OXT   HXT    sing N N 193 
HOH O     H1     sing N N 194 
HOH O     H2     sing N N 195 
ILE N     CA     sing N N 196 
ILE N     H      sing N N 197 
ILE N     H2     sing N N 198 
ILE CA    C      sing N N 199 
ILE CA    CB     sing N N 200 
ILE CA    HA     sing N N 201 
ILE C     O      doub N N 202 
ILE C     OXT    sing N N 203 
ILE CB    CG1    sing N N 204 
ILE CB    CG2    sing N N 205 
ILE CB    HB     sing N N 206 
ILE CG1   CD1    sing N N 207 
ILE CG1   HG12   sing N N 208 
ILE CG1   HG13   sing N N 209 
ILE CG2   HG21   sing N N 210 
ILE CG2   HG22   sing N N 211 
ILE CG2   HG23   sing N N 212 
ILE CD1   HD11   sing N N 213 
ILE CD1   HD12   sing N N 214 
ILE CD1   HD13   sing N N 215 
ILE OXT   HXT    sing N N 216 
LEU N     CA     sing N N 217 
LEU N     H      sing N N 218 
LEU N     H2     sing N N 219 
LEU CA    C      sing N N 220 
LEU CA    CB     sing N N 221 
LEU CA    HA     sing N N 222 
LEU C     O      doub N N 223 
LEU C     OXT    sing N N 224 
LEU CB    CG     sing N N 225 
LEU CB    HB2    sing N N 226 
LEU CB    HB3    sing N N 227 
LEU CG    CD1    sing N N 228 
LEU CG    CD2    sing N N 229 
LEU CG    HG     sing N N 230 
LEU CD1   HD11   sing N N 231 
LEU CD1   HD12   sing N N 232 
LEU CD1   HD13   sing N N 233 
LEU CD2   HD21   sing N N 234 
LEU CD2   HD22   sing N N 235 
LEU CD2   HD23   sing N N 236 
LEU OXT   HXT    sing N N 237 
LYS N     CA     sing N N 238 
LYS N     H      sing N N 239 
LYS N     H2     sing N N 240 
LYS CA    C      sing N N 241 
LYS CA    CB     sing N N 242 
LYS CA    HA     sing N N 243 
LYS C     O      doub N N 244 
LYS C     OXT    sing N N 245 
LYS CB    CG     sing N N 246 
LYS CB    HB2    sing N N 247 
LYS CB    HB3    sing N N 248 
LYS CG    CD     sing N N 249 
LYS CG    HG2    sing N N 250 
LYS CG    HG3    sing N N 251 
LYS CD    CE     sing N N 252 
LYS CD    HD2    sing N N 253 
LYS CD    HD3    sing N N 254 
LYS CE    NZ     sing N N 255 
LYS CE    HE2    sing N N 256 
LYS CE    HE3    sing N N 257 
LYS NZ    HZ1    sing N N 258 
LYS NZ    HZ2    sing N N 259 
LYS NZ    HZ3    sing N N 260 
LYS OXT   HXT    sing N N 261 
MET N     CA     sing N N 262 
MET N     H      sing N N 263 
MET N     H2     sing N N 264 
MET CA    C      sing N N 265 
MET CA    CB     sing N N 266 
MET CA    HA     sing N N 267 
MET C     O      doub N N 268 
MET C     OXT    sing N N 269 
MET CB    CG     sing N N 270 
MET CB    HB2    sing N N 271 
MET CB    HB3    sing N N 272 
MET CG    SD     sing N N 273 
MET CG    HG2    sing N N 274 
MET CG    HG3    sing N N 275 
MET SD    CE     sing N N 276 
MET CE    HE1    sing N N 277 
MET CE    HE2    sing N N 278 
MET CE    HE3    sing N N 279 
MET OXT   HXT    sing N N 280 
PHE N     CA     sing N N 281 
PHE N     H      sing N N 282 
PHE N     H2     sing N N 283 
PHE CA    C      sing N N 284 
PHE CA    CB     sing N N 285 
PHE CA    HA     sing N N 286 
PHE C     O      doub N N 287 
PHE C     OXT    sing N N 288 
PHE CB    CG     sing N N 289 
PHE CB    HB2    sing N N 290 
PHE CB    HB3    sing N N 291 
PHE CG    CD1    doub Y N 292 
PHE CG    CD2    sing Y N 293 
PHE CD1   CE1    sing Y N 294 
PHE CD1   HD1    sing N N 295 
PHE CD2   CE2    doub Y N 296 
PHE CD2   HD2    sing N N 297 
PHE CE1   CZ     doub Y N 298 
PHE CE1   HE1    sing N N 299 
PHE CE2   CZ     sing Y N 300 
PHE CE2   HE2    sing N N 301 
PHE CZ    HZ     sing N N 302 
PHE OXT   HXT    sing N N 303 
PRO N     CA     sing N N 304 
PRO N     CD     sing N N 305 
PRO N     H      sing N N 306 
PRO CA    C      sing N N 307 
PRO CA    CB     sing N N 308 
PRO CA    HA     sing N N 309 
PRO C     O      doub N N 310 
PRO C     OXT    sing N N 311 
PRO CB    CG     sing N N 312 
PRO CB    HB2    sing N N 313 
PRO CB    HB3    sing N N 314 
PRO CG    CD     sing N N 315 
PRO CG    HG2    sing N N 316 
PRO CG    HG3    sing N N 317 
PRO CD    HD2    sing N N 318 
PRO CD    HD3    sing N N 319 
PRO OXT   HXT    sing N N 320 
SER N     CA     sing N N 321 
SER N     H      sing N N 322 
SER N     H2     sing N N 323 
SER CA    C      sing N N 324 
SER CA    CB     sing N N 325 
SER CA    HA     sing N N 326 
SER C     O      doub N N 327 
SER C     OXT    sing N N 328 
SER CB    OG     sing N N 329 
SER CB    HB2    sing N N 330 
SER CB    HB3    sing N N 331 
SER OG    HG     sing N N 332 
SER OXT   HXT    sing N N 333 
THR N     CA     sing N N 334 
THR N     H      sing N N 335 
THR N     H2     sing N N 336 
THR CA    C      sing N N 337 
THR CA    CB     sing N N 338 
THR CA    HA     sing N N 339 
THR C     O      doub N N 340 
THR C     OXT    sing N N 341 
THR CB    OG1    sing N N 342 
THR CB    CG2    sing N N 343 
THR CB    HB     sing N N 344 
THR OG1   HG1    sing N N 345 
THR CG2   HG21   sing N N 346 
THR CG2   HG22   sing N N 347 
THR CG2   HG23   sing N N 348 
THR OXT   HXT    sing N N 349 
TRP N     CA     sing N N 350 
TRP N     H      sing N N 351 
TRP N     H2     sing N N 352 
TRP CA    C      sing N N 353 
TRP CA    CB     sing N N 354 
TRP CA    HA     sing N N 355 
TRP C     O      doub N N 356 
TRP C     OXT    sing N N 357 
TRP CB    CG     sing N N 358 
TRP CB    HB2    sing N N 359 
TRP CB    HB3    sing N N 360 
TRP CG    CD1    doub Y N 361 
TRP CG    CD2    sing Y N 362 
TRP CD1   NE1    sing Y N 363 
TRP CD1   HD1    sing N N 364 
TRP CD2   CE2    doub Y N 365 
TRP CD2   CE3    sing Y N 366 
TRP NE1   CE2    sing Y N 367 
TRP NE1   HE1    sing N N 368 
TRP CE2   CZ2    sing Y N 369 
TRP CE3   CZ3    doub Y N 370 
TRP CE3   HE3    sing N N 371 
TRP CZ2   CH2    doub Y N 372 
TRP CZ2   HZ2    sing N N 373 
TRP CZ3   CH2    sing Y N 374 
TRP CZ3   HZ3    sing N N 375 
TRP CH2   HH2    sing N N 376 
TRP OXT   HXT    sing N N 377 
TYR N     CA     sing N N 378 
TYR N     H      sing N N 379 
TYR N     H2     sing N N 380 
TYR CA    C      sing N N 381 
TYR CA    CB     sing N N 382 
TYR CA    HA     sing N N 383 
TYR C     O      doub N N 384 
TYR C     OXT    sing N N 385 
TYR CB    CG     sing N N 386 
TYR CB    HB2    sing N N 387 
TYR CB    HB3    sing N N 388 
TYR CG    CD1    doub Y N 389 
TYR CG    CD2    sing Y N 390 
TYR CD1   CE1    sing Y N 391 
TYR CD1   HD1    sing N N 392 
TYR CD2   CE2    doub Y N 393 
TYR CD2   HD2    sing N N 394 
TYR CE1   CZ     doub Y N 395 
TYR CE1   HE1    sing N N 396 
TYR CE2   CZ     sing Y N 397 
TYR CE2   HE2    sing N N 398 
TYR CZ    OH     sing N N 399 
TYR OH    HH     sing N N 400 
TYR OXT   HXT    sing N N 401 
VAL N     CA     sing N N 402 
VAL N     H      sing N N 403 
VAL N     H2     sing N N 404 
VAL CA    C      sing N N 405 
VAL CA    CB     sing N N 406 
VAL CA    HA     sing N N 407 
VAL C     O      doub N N 408 
VAL C     OXT    sing N N 409 
VAL CB    CG1    sing N N 410 
VAL CB    CG2    sing N N 411 
VAL CB    HB     sing N N 412 
VAL CG1   HG11   sing N N 413 
VAL CG1   HG12   sing N N 414 
VAL CG1   HG13   sing N N 415 
VAL CG2   HG21   sing N N 416 
VAL CG2   HG22   sing N N 417 
VAL CG2   HG23   sing N N 418 
VAL OXT   HXT    sing N N 419 
# 
loop_
_pdbx_audit_support.funding_organization 
_pdbx_audit_support.country 
_pdbx_audit_support.grant_number 
_pdbx_audit_support.ordinal 
'Spanish government'   Spain BFU2011-30407      1 
'Spanish government'   Spain BIO2008_00082      2 
'Valencian government' Spain 'Prometeo 2009/51' 3 
# 
_atom_sites.entry_id                    4OZJ 
_atom_sites.fract_transf_matrix[1][1]   0.00658957 
_atom_sites.fract_transf_matrix[1][2]   -0.00953309 
_atom_sites.fract_transf_matrix[1][3]   0.00577424 
_atom_sites.fract_transf_matrix[2][1]   0.00810404 
_atom_sites.fract_transf_matrix[2][2]   -0.00737061 
_atom_sites.fract_transf_matrix[2][3]   -0.00690098 
_atom_sites.fract_transf_matrix[3][1]   0.00774609 
_atom_sites.fract_transf_matrix[3][2]   0.00659661 
_atom_sites.fract_transf_matrix[3][3]   0.00205096 
_atom_sites.fract_transf_vector[1]      0.030923 
_atom_sites.fract_transf_vector[2]      0.135091 
_atom_sites.fract_transf_vector[3]      0.157017 
# 
loop_
_atom_type.symbol 
C 
N 
O 
P 
S 
# 
loop_
_atom_site.group_PDB 
_atom_site.id 
_atom_site.type_symbol 
_atom_site.label_atom_id 
_atom_site.label_alt_id 
_atom_site.label_comp_id 
_atom_site.label_asym_id 
_atom_site.label_entity_id 
_atom_site.label_seq_id 
_atom_site.pdbx_PDB_ins_code 
_atom_site.Cartn_x 
_atom_site.Cartn_y 
_atom_site.Cartn_z 
_atom_site.occupancy 
_atom_site.B_iso_or_equiv 
_atom_site.pdbx_formal_charge 
_atom_site.auth_seq_id 
_atom_site.auth_comp_id 
_atom_site.auth_asym_id 
_atom_site.auth_atom_id 
_atom_site.pdbx_PDB_model_num 
ATOM   1   N N     . LEU A 1 26  ? 20.256  5.219   4.077   1.00 64.45  ? 6   LEU A N     1 
ATOM   2   C CA    . LEU A 1 26  ? 19.336  4.044   4.188   1.00 59.46  ? 6   LEU A CA    1 
ATOM   3   C C     . LEU A 1 26  ? 17.941  4.366   3.635   1.00 55.16  ? 6   LEU A C     1 
ATOM   4   O O     . LEU A 1 26  ? 17.535  5.528   3.617   1.00 52.43  ? 6   LEU A O     1 
ATOM   5   C CB    . LEU A 1 26  ? 19.223  3.591   5.644   1.00 61.94  ? 6   LEU A CB    1 
ATOM   6   N N     . PRO A 1 27  ? 17.203  3.335   3.181   1.00 43.87  ? 7   PRO A N     1 
ATOM   7   C CA    . PRO A 1 27  ? 15.869  3.560   2.610   1.00 41.34  ? 7   PRO A CA    1 
ATOM   8   C C     . PRO A 1 27  ? 14.892  4.220   3.589   1.00 39.89  ? 7   PRO A C     1 
ATOM   9   O O     . PRO A 1 27  ? 14.953  3.977   4.795   1.00 42.12  ? 7   PRO A O     1 
ATOM   10  C CB    . PRO A 1 27  ? 15.392  2.152   2.222   1.00 40.82  ? 7   PRO A CB    1 
ATOM   11  C CG    . PRO A 1 27  ? 16.316  1.201   2.909   1.00 47.42  ? 7   PRO A CG    1 
ATOM   12  C CD    . PRO A 1 27  ? 17.607  1.921   3.112   1.00 49.43  ? 7   PRO A CD    1 
ATOM   13  N N     . ASN A 1 28  ? 14.014  5.065   3.053   1.00 40.45  ? 8   ASN A N     1 
ATOM   14  C CA    . ASN A 1 28  ? 13.027  5.804   3.849   1.00 35.08  ? 8   ASN A CA    1 
ATOM   15  C C     . ASN A 1 28  ? 13.666  6.623   4.977   1.00 40.24  ? 8   ASN A C     1 
ATOM   16  O O     . ASN A 1 28  ? 13.085  6.778   6.050   1.00 39.66  ? 8   ASN A O     1 
ATOM   17  C CB    . ASN A 1 28  ? 11.966  4.849   4.404   1.00 32.63  ? 8   ASN A CB    1 
ATOM   18  C CG    . ASN A 1 28  ? 11.278  4.053   3.312   1.00 31.67  ? 8   ASN A CG    1 
ATOM   19  O OD1   . ASN A 1 28  ? 10.617  4.619   2.440   1.00 33.68  ? 8   ASN A OD1   1 
ATOM   20  N ND2   . ASN A 1 28  ? 11.421  2.736   3.356   1.00 30.86  ? 8   ASN A ND2   1 
ATOM   21  N N     . ASP A 1 29  ? 14.868  7.134   4.712   1.00 45.64  ? 9   ASP A N     1 
ATOM   22  C CA    . ASP A 1 29  ? 15.624  7.944   5.669   1.00 48.21  ? 9   ASP A CA    1 
ATOM   23  C C     . ASP A 1 29  ? 15.823  7.225   7.019   1.00 45.23  ? 9   ASP A C     1 
ATOM   24  O O     . ASP A 1 29  ? 15.858  7.857   8.079   1.00 49.52  ? 9   ASP A O     1 
ATOM   25  C CB    . ASP A 1 29  ? 14.932  9.306   5.855   1.00 51.93  ? 9   ASP A CB    1 
ATOM   26  C CG    . ASP A 1 29  ? 15.913  10.480  5.881   1.00 64.30  ? 9   ASP A CG    1 
ATOM   27  O OD1   . ASP A 1 29  ? 17.129  10.278  5.646   1.00 78.67  ? 9   ASP A OD1   1 
ATOM   28  O OD2   . ASP A 1 29  ? 15.457  11.618  6.127   1.00 78.04  ? 9   ASP A OD2   1 
ATOM   29  N N     . GLY A 1 30  ? 15.956  5.899   6.964   1.00 41.58  ? 10  GLY A N     1 
ATOM   30  C CA    . GLY A 1 30  ? 16.142  5.080   8.163   1.00 39.56  ? 10  GLY A CA    1 
ATOM   31  C C     . GLY A 1 30  ? 14.879  4.836   8.970   1.00 39.41  ? 10  GLY A C     1 
ATOM   32  O O     . GLY A 1 30  ? 14.944  4.270   10.059  1.00 44.63  ? 10  GLY A O     1 
ATOM   33  N N     . GLY A 1 31  ? 13.731  5.244   8.430   1.00 38.35  ? 11  GLY A N     1 
ATOM   34  C CA    . GLY A 1 31  ? 12.459  5.139   9.123   1.00 34.77  ? 11  GLY A CA    1 
ATOM   35  C C     . GLY A 1 31  ? 11.489  4.140   8.521   1.00 30.70  ? 11  GLY A C     1 
ATOM   36  O O     . GLY A 1 31  ? 11.861  3.264   7.745   1.00 33.76  ? 11  GLY A O     1 
ATOM   37  N N     . ILE A 1 32  ? 10.227  4.301   8.893   1.00 26.81  ? 12  ILE A N     1 
ATOM   38  C CA    . ILE A 1 32  ? 9.150   3.390   8.535   1.00 24.74  ? 12  ILE A CA    1 
ATOM   39  C C     . ILE A 1 32  ? 8.064   4.247   7.893   1.00 23.89  ? 12  ILE A C     1 
ATOM   40  O O     . ILE A 1 32  ? 7.817   5.368   8.343   1.00 25.74  ? 12  ILE A O     1 
ATOM   41  C CB    . ILE A 1 32  ? 8.550   2.714   9.789   1.00 24.43  ? 12  ILE A CB    1 
ATOM   42  C CG1   . ILE A 1 32  ? 9.654   2.067   10.637  1.00 24.97  ? 12  ILE A CG1   1 
ATOM   43  C CG2   . ILE A 1 32  ? 7.520   1.662   9.407   1.00 22.95  ? 12  ILE A CG2   1 
ATOM   44  C CD1   . ILE A 1 32  ? 9.201   1.691   12.036  1.00 28.43  ? 12  ILE A CD1   1 
ATOM   45  N N     . LYS A 1 33  ? 7.436   3.724   6.842   1.00 23.66  ? 13  LYS A N     1 
ATOM   46  C CA    . LYS A 1 33  ? 6.365   4.430   6.138   1.00 22.93  ? 13  LYS A CA    1 
ATOM   47  C C     . LYS A 1 33  ? 5.193   3.515   5.880   1.00 20.46  ? 13  LYS A C     1 
ATOM   48  O O     . LYS A 1 33  ? 5.368   2.314   5.701   1.00 22.61  ? 13  LYS A O     1 
ATOM   49  C CB    . LYS A 1 33  ? 6.851   4.954   4.779   1.00 23.98  ? 13  LYS A CB    1 
ATOM   50  C CG    . LYS A 1 33  ? 8.102   5.798   4.822   1.00 27.30  ? 13  LYS A CG    1 
ATOM   51  C CD    . LYS A 1 33  ? 7.882   7.134   5.492   1.00 30.45  ? 13  LYS A CD    1 
ATOM   52  C CE    . LYS A 1 33  ? 9.182   7.913   5.568   1.00 34.17  ? 13  LYS A CE    1 
ATOM   53  N NZ    . LYS A 1 33  ? 9.076   9.081   6.481   1.00 40.72  ? 13  LYS A NZ    1 
ATOM   54  N N     . LEU A 1 34  ? 3.995   4.106   5.857   1.00 20.00  ? 14  LEU A N     1 
ATOM   55  C CA    . LEU A 1 34  ? 2.784   3.424   5.466   1.00 18.69  ? 14  LEU A CA    1 
ATOM   56  C C     . LEU A 1 34  ? 2.410   3.885   4.062   1.00 19.01  ? 14  LEU A C     1 
ATOM   57  O O     . LEU A 1 34  ? 2.238   5.088   3.815   1.00 21.60  ? 14  LEU A O     1 
ATOM   58  C CB    . LEU A 1 34  ? 1.631   3.750   6.430   1.00 20.30  ? 14  LEU A CB    1 
ATOM   59  C CG    . LEU A 1 34  ? 0.218   3.373   5.962   1.00 22.20  ? 14  LEU A CG    1 
ATOM   60  C CD1   . LEU A 1 34  ? 0.083   1.874   5.805   1.00 24.58  ? 14  LEU A CD1   1 
ATOM   61  C CD2   . LEU A 1 34  ? -0.827  3.906   6.932   1.00 22.42  ? 14  LEU A CD2   1 
ATOM   62  N N     . VAL A 1 35  ? 2.312   2.930   3.145   1.00 20.39  ? 15  VAL A N     1 
ATOM   63  C CA    . VAL A 1 35  ? 1.826   3.187   1.801   1.00 19.37  ? 15  VAL A CA    1 
ATOM   64  C C     . VAL A 1 35  ? 0.377   2.729   1.768   1.00 20.11  ? 15  VAL A C     1 
ATOM   65  O O     . VAL A 1 35  ? 0.091   1.575   2.024   1.00 21.30  ? 15  VAL A O     1 
ATOM   66  C CB    . VAL A 1 35  ? 2.643   2.430   0.743   1.00 20.64  ? 15  VAL A CB    1 
ATOM   67  C CG1   . VAL A 1 35  ? 2.137   2.771   -0.658  1.00 21.82  ? 15  VAL A CG1   1 
ATOM   68  C CG2   . VAL A 1 35  ? 4.119   2.781   0.886   1.00 23.77  ? 15  VAL A CG2   1 
ATOM   69  N N     . MET A 1 36  ? -0.530  3.665   1.496   1.00 17.90  ? 16  MET A N     1 
ATOM   70  C CA    . MET A 1 36  ? -1.959  3.415   1.474   1.00 18.28  ? 16  MET A CA    1 
ATOM   71  C C     . MET A 1 36  ? -2.487  3.722   0.088   1.00 17.79  ? 16  MET A C     1 
ATOM   72  O O     . MET A 1 36  ? -2.409  4.865   -0.361  1.00 23.47  ? 16  MET A O     1 
ATOM   73  C CB    . MET A 1 36  ? -2.652  4.333   2.485   1.00 21.81  ? 16  MET A CB    1 
ATOM   74  C CG    . MET A 1 36  ? -4.160  4.234   2.511   1.00 27.97  ? 16  MET A CG    1 
ATOM   75  S SD    . MET A 1 36  ? -4.931  5.548   3.498   1.00 38.37  ? 16  MET A SD    1 
ATOM   76  C CE    . MET A 1 36  ? -4.194  5.245   5.098   1.00 38.66  ? 16  MET A CE    1 
ATOM   77  N N     . ALA A 1 37  ? -3.024  2.714   -0.585  1.00 15.99  ? 17  ALA A N     1 
ATOM   78  C CA    . ALA A 1 37  ? -3.513  2.853   -1.959  1.00 17.49  ? 17  ALA A CA    1 
ATOM   79  C C     . ALA A 1 37  ? -4.991  2.550   -2.025  1.00 17.79  ? 17  ALA A C     1 
ATOM   80  O O     . ALA A 1 37  ? -5.458  1.605   -1.393  1.00 19.88  ? 17  ALA A O     1 
ATOM   81  C CB    . ALA A 1 37  ? -2.762  1.893   -2.870  1.00 19.00  ? 17  ALA A CB    1 
ATOM   82  N N     . ILE A 1 38  ? -5.750  3.383   -2.734  1.00 15.81  ? 18  ILE A N     1 
ATOM   83  C CA    . ILE A 1 38  ? -7.125  3.055   -3.030  1.00 16.84  ? 18  ILE A CA    1 
ATOM   84  C C     . ILE A 1 38  ? -7.190  2.777   -4.511  1.00 16.58  ? 18  ILE A C     1 
ATOM   85  O O     . ILE A 1 38  ? -6.812  3.639   -5.314  1.00 20.48  ? 18  ILE A O     1 
ATOM   86  C CB    . ILE A 1 38  ? -8.124  4.162   -2.649  1.00 18.72  ? 18  ILE A CB    1 
ATOM   87  C CG1   . ILE A 1 38  ? -7.995  4.534   -1.177  1.00 25.10  ? 18  ILE A CG1   1 
ATOM   88  C CG2   . ILE A 1 38  ? -9.539  3.704   -2.974  1.00 22.21  ? 18  ILE A CG2   1 
ATOM   89  C CD1   . ILE A 1 38  ? -7.004  5.631   -0.925  1.00 32.62  ? 18  ILE A CD1   1 
ATOM   90  N N     . ILE A 1 39  ? -7.652  1.588   -4.866  1.00 17.24  ? 19  ILE A N     1 
ATOM   91  C CA    . ILE A 1 39  ? -7.576  1.107   -6.251  1.00 18.29  ? 19  ILE A CA    1 
ATOM   92  C C     . ILE A 1 39  ? -8.852  0.383   -6.634  1.00 17.01  ? 19  ILE A C     1 
ATOM   93  O O     . ILE A 1 39  ? -9.710  0.128   -5.787  1.00 17.47  ? 19  ILE A O     1 
ATOM   94  C CB    . ILE A 1 39  ? -6.382  0.142   -6.453  1.00 21.94  ? 19  ILE A CB    1 
ATOM   95  C CG1   . ILE A 1 39  ? -6.576  -1.104  -5.581  1.00 19.14  ? 19  ILE A CG1   1 
ATOM   96  C CG2   . ILE A 1 39  ? -5.083  0.852   -6.159  1.00 23.74  ? 19  ILE A CG2   1 
ATOM   97  C CD1   . ILE A 1 39  ? -5.536  -2.191  -5.745  1.00 22.65  ? 19  ILE A CD1   1 
ATOM   98  N N     . ARG A 1 40  ? -8.993  0.057   -7.913  1.00 17.37  ? 20  ARG A N     1 
ATOM   99  C CA    . ARG A 1 40  ? -10.106 -0.750  -8.388  1.00 17.90  ? 20  ARG A CA    1 
ATOM   100 C C     . ARG A 1 40  ? -10.015 -2.174  -7.855  1.00 19.17  ? 20  ARG A C     1 
ATOM   101 O O     . ARG A 1 40  ? -8.919  -2.758  -7.854  1.00 21.63  ? 20  ARG A O     1 
ATOM   102 C CB    . ARG A 1 40  ? -10.080 -0.826  -9.919  1.00 18.55  ? 20  ARG A CB    1 
ATOM   103 C CG    . ARG A 1 40  ? -10.244 0.512   -10.593 1.00 19.76  ? 20  ARG A CG    1 
ATOM   104 C CD    . ARG A 1 40  ? -10.021 0.395   -12.099 1.00 21.23  ? 20  ARG A CD    1 
ATOM   105 N NE    . ARG A 1 40  ? -10.047 1.704   -12.743 1.00 22.29  ? 20  ARG A NE    1 
ATOM   106 C CZ    . ARG A 1 40  ? -11.137 2.410   -13.020 1.00 23.55  ? 20  ARG A CZ    1 
ATOM   107 N NH1   . ARG A 1 40  ? -12.349 1.952   -12.741 1.00 26.12  ? 20  ARG A NH1   1 
ATOM   108 N NH2   . ARG A 1 40  ? -11.001 3.591   -13.613 1.00 26.45  ? 20  ARG A NH2   1 
ATOM   109 N N     . PRO A 1 41  ? -11.158 -2.767  -7.460  1.00 19.92  ? 21  PRO A N     1 
ATOM   110 C CA    . PRO A 1 41  ? -11.115 -4.149  -6.945  1.00 21.24  ? 21  PRO A CA    1 
ATOM   111 C C     . PRO A 1 41  ? -10.497 -5.166  -7.911  1.00 22.81  ? 21  PRO A C     1 
ATOM   112 O O     . PRO A 1 41  ? -9.763  -6.085  -7.482  1.00 24.08  ? 21  PRO A O     1 
ATOM   113 C CB    . PRO A 1 41  ? -12.592 -4.463  -6.675  1.00 24.57  ? 21  PRO A CB    1 
ATOM   114 C CG    . PRO A 1 41  ? -13.208 -3.129  -6.414  1.00 24.23  ? 21  PRO A CG    1 
ATOM   115 C CD    . PRO A 1 41  ? -12.523 -2.208  -7.382  1.00 22.07  ? 21  PRO A CD    1 
ATOM   116 N N     . ASP A 1 42  ? -10.742 -4.992  -9.206  1.00 22.24  ? 22  ASP A N     1 
ATOM   117 C CA    . ASP A 1 42  ? -10.245 -5.956  -10.185 1.00 22.45  ? 22  ASP A CA    1 
ATOM   118 C C     . ASP A 1 42  ? -8.723  -5.919  -10.387 1.00 23.48  ? 22  ASP A C     1 
ATOM   119 O O     . ASP A 1 42  ? -8.166  -6.825  -11.006 1.00 27.97  ? 22  ASP A O     1 
ATOM   120 C CB    . ASP A 1 42  ? -10.973 -5.815  -11.521 1.00 27.47  ? 22  ASP A CB    1 
ATOM   121 C CG    . ASP A 1 42  ? -10.663 -4.512  -12.235 1.00 40.15  ? 22  ASP A CG    1 
ATOM   122 O OD1   . ASP A 1 42  ? -10.125 -3.576  -11.601 1.00 56.09  ? 22  ASP A OD1   1 
ATOM   123 O OD2   . ASP A 1 42  ? -10.963 -4.415  -13.447 1.00 67.78  ? 22  ASP A OD2   1 
ATOM   124 N N     . LYS A 1 43  ? -8.060  -4.894  -9.854  1.00 20.49  ? 23  LYS A N     1 
ATOM   125 C CA    . LYS A 1 43  ? -6.601  -4.750  -9.937  1.00 20.80  ? 23  LYS A CA    1 
ATOM   126 C C     . LYS A 1 43  ? -5.860  -5.298  -8.724  1.00 21.08  ? 23  LYS A C     1 
ATOM   127 O O     . LYS A 1 43  ? -4.641  -5.273  -8.675  1.00 20.55  ? 23  LYS A O     1 
ATOM   128 C CB    . LYS A 1 43  ? -6.253  -3.278  -10.106 1.00 20.64  ? 23  LYS A CB    1 
ATOM   129 C CG    . LYS A 1 43  ? -6.654  -2.701  -11.450 1.00 21.92  ? 23  LYS A CG    1 
ATOM   130 C CD    . LYS A 1 43  ? -6.070  -3.545  -12.567 1.00 23.59  ? 23  LYS A CD    1 
ATOM   131 C CE    . LYS A 1 43  ? -6.047  -2.794  -13.862 1.00 26.62  ? 23  LYS A CE    1 
ATOM   132 N NZ    . LYS A 1 43  ? -5.286  -3.592  -14.854 1.00 34.42  ? 23  LYS A NZ    1 
ATOM   133 N N     . LEU A 1 44  ? -6.592  -5.759  -7.711  1.00 20.10  ? 24  LEU A N     1 
ATOM   134 C CA    . LEU A 1 44  ? -5.923  -6.275  -6.518  1.00 19.71  ? 24  LEU A CA    1 
ATOM   135 C C     . LEU A 1 44  ? -4.962  -7.439  -6.831  1.00 20.52  ? 24  LEU A C     1 
ATOM   136 O O     . LEU A 1 44  ? -3.838  -7.471  -6.313  1.00 21.19  ? 24  LEU A O     1 
ATOM   137 C CB    . LEU A 1 44  ? -6.946  -6.692  -5.457  1.00 18.63  ? 24  LEU A CB    1 
ATOM   138 C CG    . LEU A 1 44  ? -6.359  -7.300  -4.178  1.00 19.53  ? 24  LEU A CG    1 
ATOM   139 C CD1   . LEU A 1 44  ? -5.371  -6.345  -3.517  1.00 22.24  ? 24  LEU A CD1   1 
ATOM   140 C CD2   . LEU A 1 44  ? -7.474  -7.720  -3.225  1.00 20.98  ? 24  LEU A CD2   1 
ATOM   141 N N     . ALA A 1 45  ? -5.383  -8.385  -7.667  1.00 21.02  ? 25  ALA A N     1 
ATOM   142 C CA    . ALA A 1 45  ? -4.515  -9.529  -7.974  1.00 24.45  ? 25  ALA A CA    1 
ATOM   143 C C     . ALA A 1 45  ? -3.182  -9.060  -8.580  1.00 25.28  ? 25  ALA A C     1 
ATOM   144 O O     . ALA A 1 45  ? -2.104  -9.518  -8.192  1.00 25.96  ? 25  ALA A O     1 
ATOM   145 C CB    . ALA A 1 45  ? -5.223  -10.514 -8.890  1.00 28.27  ? 25  ALA A CB    1 
ATOM   146 N N     . ASP A 1 46  ? -3.252  -8.126  -9.523  1.00 21.64  ? 26  ASP A N     1 
ATOM   147 C CA    . ASP A 1 46  ? -2.037  -7.612  -10.163 1.00 25.95  ? 26  ASP A CA    1 
ATOM   148 C C     . ASP A 1 46  ? -1.163  -6.812  -9.191  1.00 22.14  ? 26  ASP A C     1 
ATOM   149 O O     . ASP A 1 46  ? 0.068   -6.914  -9.230  1.00 22.82  ? 26  ASP A O     1 
ATOM   150 C CB    . ASP A 1 46  ? -2.405  -6.774  -11.386 1.00 27.19  ? 26  ASP A CB    1 
ATOM   151 C CG    . ASP A 1 46  ? -2.844  -7.632  -12.581 1.00 35.65  ? 26  ASP A CG    1 
ATOM   152 O OD1   . ASP A 1 46  ? -2.647  -8.871  -12.562 1.00 38.22  ? 26  ASP A OD1   1 
ATOM   153 O OD2   . ASP A 1 46  ? -3.401  -7.068  -13.548 1.00 43.64  ? 26  ASP A OD2   1 
ATOM   154 N N     . VAL A 1 47  ? -1.797  -6.063  -8.283  1.00 20.43  ? 27  VAL A N     1 
ATOM   155 C CA    . VAL A 1 47  ? -1.062  -5.327  -7.249  1.00 20.78  ? 27  VAL A CA    1 
ATOM   156 C C     . VAL A 1 47  ? -0.333  -6.302  -6.291  1.00 19.93  ? 27  VAL A C     1 
ATOM   157 O O     . VAL A 1 47  ? 0.824   -6.087  -5.933  1.00 21.47  ? 27  VAL A O     1 
ATOM   158 C CB    . VAL A 1 47  ? -2.005  -4.367  -6.487  1.00 19.37  ? 27  VAL A CB    1 
ATOM   159 C CG1   . VAL A 1 47  ? -1.356  -3.867  -5.205  1.00 24.18  ? 27  VAL A CG1   1 
ATOM   160 C CG2   . VAL A 1 47  ? -2.353  -3.217  -7.424  1.00 20.57  ? 27  VAL A CG2   1 
ATOM   161 N N     . LYS A 1 48  ? -1.006  -7.375  -5.899  1.00 20.46  ? 28  LYS A N     1 
ATOM   162 C CA    . LYS A 1 48  ? -0.383  -8.372  -5.032  1.00 21.22  ? 28  LYS A CA    1 
ATOM   163 C C     . LYS A 1 48  ? 0.888   -8.955  -5.698  1.00 23.30  ? 28  LYS A C     1 
ATOM   164 O O     . LYS A 1 48  ? 1.939   -9.081  -5.065  1.00 25.88  ? 28  LYS A O     1 
ATOM   165 C CB    . LYS A 1 48  ? -1.380  -9.486  -4.700  1.00 22.81  ? 28  LYS A CB    1 
ATOM   166 C CG    . LYS A 1 48  ? -2.461  -9.090  -3.712  1.00 25.08  ? 28  LYS A CG    1 
ATOM   167 C CD    . LYS A 1 48  ? -3.173  -10.311 -3.187  1.00 32.25  ? 28  LYS A CD    1 
ATOM   168 C CE    . LYS A 1 48  ? -3.987  -11.033 -4.232  1.00 34.41  ? 28  LYS A CE    1 
ATOM   169 N NZ    . LYS A 1 48  ? -4.562  -12.244 -3.594  1.00 33.45  ? 28  LYS A NZ    1 
ATOM   170 N N     . THR A 1 49  ? 0.784   -9.280  -6.985  1.00 24.57  ? 29  THR A N     1 
ATOM   171 C CA    . THR A 1 49  ? 1.910   -9.831  -7.742  1.00 24.41  ? 29  THR A CA    1 
ATOM   172 C C     . THR A 1 49  ? 3.046   -8.812  -7.808  1.00 27.42  ? 29  THR A C     1 
ATOM   173 O O     . THR A 1 49  ? 4.197   -9.153  -7.553  1.00 28.04  ? 29  THR A O     1 
ATOM   174 C CB    . THR A 1 49  ? 1.454   -10.231 -9.150  1.00 28.36  ? 29  THR A CB    1 
ATOM   175 O OG1   . THR A 1 49  ? 0.399   -11.196 -9.043  1.00 31.74  ? 29  THR A OG1   1 
ATOM   176 C CG2   . THR A 1 49  ? 2.623   -10.823 -9.967  1.00 28.78  ? 29  THR A CG2   1 
ATOM   177 N N     . ALA A 1 50  ? 2.709   -7.548  -8.080  1.00 25.21  ? 30  ALA A N     1 
ATOM   178 C CA    . ALA A 1 50  ? 3.720   -6.493  -8.156  1.00 28.79  ? 30  ALA A CA    1 
ATOM   179 C C     . ALA A 1 50  ? 4.446   -6.270  -6.831  1.00 25.40  ? 30  ALA A C     1 
ATOM   180 O O     . ALA A 1 50  ? 5.663   -6.065  -6.807  1.00 30.43  ? 30  ALA A O     1 
ATOM   181 C CB    . ALA A 1 50  ? 3.112   -5.195  -8.654  1.00 26.94  ? 30  ALA A CB    1 
ATOM   182 N N     . LEU A 1 51  ? 3.705   -6.334  -5.729  1.00 23.52  ? 31  LEU A N     1 
ATOM   183 C CA    . LEU A 1 51  ? 4.312   -6.182  -4.414  1.00 24.63  ? 31  LEU A CA    1 
ATOM   184 C C     . LEU A 1 51  ? 5.269   -7.324  -4.098  1.00 26.66  ? 31  LEU A C     1 
ATOM   185 O O     . LEU A 1 51  ? 6.369   -7.100  -3.595  1.00 29.36  ? 31  LEU A O     1 
ATOM   186 C CB    . LEU A 1 51  ? 3.230   -6.076  -3.344  1.00 22.00  ? 31  LEU A CB    1 
ATOM   187 C CG    . LEU A 1 51  ? 2.459   -4.761  -3.312  1.00 23.25  ? 31  LEU A CG    1 
ATOM   188 C CD1   . LEU A 1 51  ? 1.213   -4.893  -2.444  1.00 26.71  ? 31  LEU A CD1   1 
ATOM   189 C CD2   . LEU A 1 51  ? 3.343   -3.647  -2.786  1.00 28.37  ? 31  LEU A CD2   1 
ATOM   190 N N     . ALA A 1 52  ? 4.865   -8.545  -4.418  1.00 25.31  ? 32  ALA A N     1 
ATOM   191 C CA    . ALA A 1 52  ? 5.749   -9.703  -4.243  1.00 28.18  ? 32  ALA A CA    1 
ATOM   192 C C     . ALA A 1 52  ? 7.024   -9.535  -5.075  1.00 29.98  ? 32  ALA A C     1 
ATOM   193 O O     . ALA A 1 52  ? 8.120   -9.833  -4.609  1.00 39.01  ? 32  ALA A O     1 
ATOM   194 C CB    . ALA A 1 52  ? 5.029   -10.985 -4.627  1.00 31.65  ? 32  ALA A CB    1 
ATOM   195 N N     . GLU A 1 53  ? 6.869   -9.038  -6.301  1.00 33.38  ? 33  GLU A N     1 
ATOM   196 C CA    . GLU A 1 53  ? 7.994   -8.889  -7.227  1.00 34.85  ? 33  GLU A CA    1 
ATOM   197 C C     . GLU A 1 53  ? 8.987   -7.805  -6.794  1.00 35.51  ? 33  GLU A C     1 
ATOM   198 O O     . GLU A 1 53  ? 10.181  -7.922  -7.060  1.00 44.50  ? 33  GLU A O     1 
ATOM   199 C CB    . GLU A 1 53  ? 7.498   -8.628  -8.655  1.00 39.01  ? 33  GLU A CB    1 
ATOM   200 C CG    . GLU A 1 53  ? 6.878   -9.856  -9.323  1.00 50.03  ? 33  GLU A CG    1 
ATOM   201 C CD    . GLU A 1 53  ? 6.537   -9.647  -10.797 1.00 61.24  ? 33  GLU A CD    1 
ATOM   202 O OE1   . GLU A 1 53  ? 5.796   -10.484 -11.367 1.00 68.37  ? 33  GLU A OE1   1 
ATOM   203 O OE2   . GLU A 1 53  ? 7.009   -8.652  -11.396 1.00 71.98  ? 33  GLU A OE2   1 
ATOM   204 N N     . VAL A 1 54  ? 8.506   -6.774  -6.102  1.00 33.55  ? 34  VAL A N     1 
ATOM   205 C CA    . VAL A 1 54  ? 9.374   -5.692  -5.625  1.00 37.60  ? 34  VAL A CA    1 
ATOM   206 C C     . VAL A 1 54  ? 10.015  -6.036  -4.266  1.00 36.80  ? 34  VAL A C     1 
ATOM   207 O O     . VAL A 1 54  ? 10.866  -5.298  -3.763  1.00 40.59  ? 34  VAL A O     1 
ATOM   208 C CB    . VAL A 1 54  ? 8.620   -4.336  -5.615  1.00 38.37  ? 34  VAL A CB    1 
ATOM   209 C CG1   . VAL A 1 54  ? 7.749   -4.177  -4.381  1.00 37.33  ? 34  VAL A CG1   1 
ATOM   210 C CG2   . VAL A 1 54  ? 9.588   -3.167  -5.730  1.00 46.05  ? 34  VAL A CG2   1 
ATOM   211 N N     . GLY A 1 55  ? 9.609   -7.165  -3.685  1.00 32.85  ? 35  GLY A N     1 
ATOM   212 C CA    . GLY A 1 55  ? 10.223  -7.681  -2.457  1.00 36.47  ? 35  GLY A CA    1 
ATOM   213 C C     . GLY A 1 55  ? 9.571   -7.215  -1.170  1.00 36.53  ? 35  GLY A C     1 
ATOM   214 O O     . GLY A 1 55  ? 10.183  -7.258  -0.105  1.00 39.93  ? 35  GLY A O     1 
ATOM   215 N N     . ALA A 1 56  ? 8.326   -6.769  -1.277  1.00 34.12  ? 36  ALA A N     1 
ATOM   216 C CA    . ALA A 1 56  ? 7.567   -6.280  -0.135  1.00 31.24  ? 36  ALA A CA    1 
ATOM   217 C C     . ALA A 1 56  ? 6.166   -6.871  -0.205  1.00 29.02  ? 36  ALA A C     1 
ATOM   218 O O     . ALA A 1 56  ? 5.198   -6.146  -0.430  1.00 36.81  ? 36  ALA A O     1 
ATOM   219 C CB    . ALA A 1 56  ? 7.519   -4.756  -0.172  1.00 35.97  ? 36  ALA A CB    1 
ATOM   220 N N     . PRO A 1 57  ? 6.051   -8.198  -0.021  1.00 29.54  ? 37  PRO A N     1 
ATOM   221 C CA    . PRO A 1 57  ? 4.763   -8.860  -0.215  1.00 32.00  ? 37  PRO A CA    1 
ATOM   222 C C     . PRO A 1 57  ? 3.688   -8.559  0.843   1.00 31.46  ? 37  PRO A C     1 
ATOM   223 O O     . PRO A 1 57  ? 2.504   -8.703  0.534   1.00 30.31  ? 37  PRO A O     1 
ATOM   224 C CB    . PRO A 1 57  ? 5.127   -10.346 -0.174  1.00 34.80  ? 37  PRO A CB    1 
ATOM   225 C CG    . PRO A 1 57  ? 6.336   -10.404 0.701   1.00 37.46  ? 37  PRO A CG    1 
ATOM   226 C CD    . PRO A 1 57  ? 7.103   -9.149  0.390   1.00 32.97  ? 37  PRO A CD    1 
ATOM   227 N N     . SER A 1 58  ? 4.093   -8.170  2.058   1.00 25.89  ? 38  SER A N     1 
ATOM   228 C CA    . SER A 1 58  ? 3.159   -7.962  3.177   1.00 23.35  ? 38  SER A CA    1 
ATOM   229 C C     . SER A 1 58  ? 2.150   -6.876  2.877   1.00 23.75  ? 38  SER A C     1 
ATOM   230 O O     . SER A 1 58  ? 2.523   -5.789  2.465   1.00 27.99  ? 38  SER A O     1 
ATOM   231 C CB    . SER A 1 58  ? 3.896   -7.544  4.453   1.00 27.01  ? 38  SER A CB    1 
ATOM   232 O OG    . SER A 1 58  ? 4.784   -8.546  4.888   1.00 31.05  ? 38  SER A OG    1 
ATOM   233 N N     . LEU A 1 59  ? 0.877   -7.160  3.115   1.00 20.45  ? 39  LEU A N     1 
ATOM   234 C CA    . LEU A 1 59  ? -0.167  -6.154  2.874   1.00 17.52  ? 39  LEU A CA    1 
ATOM   235 C C     . LEU A 1 59  ? -1.404  -6.481  3.666   1.00 15.84  ? 39  LEU A C     1 
ATOM   236 O O     . LEU A 1 59  ? -1.660  -7.643  4.000   1.00 17.28  ? 39  LEU A O     1 
ATOM   237 C CB    . LEU A 1 59  ? -0.496  -6.048  1.364   1.00 22.57  ? 39  LEU A CB    1 
ATOM   238 C CG    . LEU A 1 59  ? -1.515  -7.017  0.748   1.00 23.51  ? 39  LEU A CG    1 
ATOM   239 C CD1   . LEU A 1 59  ? -2.025  -6.532  -0.607  1.00 26.74  ? 39  LEU A CD1   1 
ATOM   240 C CD2   . LEU A 1 59  ? -0.908  -8.383  0.620   1.00 26.97  ? 39  LEU A CD2   1 
ATOM   241 N N     . THR A 1 60  ? -2.183  -5.424  3.907   1.00 16.91  ? 40  THR A N     1 
ATOM   242 C CA    . THR A 1 60  ? -3.505  -5.525  4.502   1.00 16.11  ? 40  THR A CA    1 
ATOM   243 C C     . THR A 1 60  ? -4.495  -4.842  3.532   1.00 13.89  ? 40  THR A C     1 
ATOM   244 O O     . THR A 1 60  ? -4.248  -3.735  3.059   1.00 18.23  ? 40  THR A O     1 
ATOM   245 C CB    . THR A 1 60  ? -3.518  -4.855  5.887   1.00 17.19  ? 40  THR A CB    1 
ATOM   246 O OG1   . THR A 1 60  ? -2.654  -5.582  6.772   1.00 18.75  ? 40  THR A OG1   1 
ATOM   247 C CG2   . THR A 1 60  ? -4.894  -4.867  6.490   1.00 19.67  ? 40  THR A CG2   1 
ATOM   248 N N     . VAL A 1 61  ? -5.565  -5.553  3.231   1.00 13.73  ? 41  VAL A N     1 
ATOM   249 C CA    . VAL A 1 61  ? -6.619  -5.124  2.312   1.00 14.03  ? 41  VAL A CA    1 
ATOM   250 C C     . VAL A 1 61  ? -7.919  -4.847  3.068   1.00 14.22  ? 41  VAL A C     1 
ATOM   251 O O     . VAL A 1 61  ? -8.380  -5.674  3.841   1.00 14.91  ? 41  VAL A O     1 
ATOM   252 C CB    . VAL A 1 61  ? -6.897  -6.237  1.274   1.00 17.67  ? 41  VAL A CB    1 
ATOM   253 C CG1   . VAL A 1 61  ? -8.101  -5.905  0.394   1.00 22.48  ? 41  VAL A CG1   1 
ATOM   254 C CG2   . VAL A 1 61  ? -5.641  -6.481  0.428   1.00 20.82  ? 41  VAL A CG2   1 
ATOM   255 N N     . THR A 1 62  ? -8.574  -3.733  2.713   1.00 14.58  ? 42  THR A N     1 
ATOM   256 C CA    . THR A 1 62  ? -9.862  -3.351  3.267   1.00 15.00  ? 42  THR A CA    1 
ATOM   257 C C     . THR A 1 62  ? -10.781 -3.064  2.091   1.00 14.91  ? 42  THR A C     1 
ATOM   258 O O     . THR A 1 62  ? -10.386 -2.371  1.164   1.00 16.41  ? 42  THR A O     1 
ATOM   259 C CB    . THR A 1 62  ? -9.739  -2.059  4.124   1.00 17.72  ? 42  THR A CB    1 
ATOM   260 O OG1   . THR A 1 62  ? -8.731  -2.237  5.121   1.00 22.87  ? 42  THR A OG1   1 
ATOM   261 C CG2   . THR A 1 62  ? -11.062 -1.718  4.814   1.00 18.00  ? 42  THR A CG2   1 
ATOM   262 N N     . ASN A 1 63  ? -11.993 -3.570  2.161   1.00 14.15  ? 43  ASN A N     1 
ATOM   263 C CA    . ASN A 1 63  ? -13.019 -3.228  1.209   1.00 14.76  ? 43  ASN A CA    1 
ATOM   264 C C     . ASN A 1 63  ? -13.662 -1.894  1.589   1.00 13.31  ? 43  ASN A C     1 
ATOM   265 O O     . ASN A 1 63  ? -14.109 -1.716  2.714   1.00 17.00  ? 43  ASN A O     1 
ATOM   266 C CB    . ASN A 1 63  ? -14.033 -4.341  1.133   1.00 16.69  ? 43  ASN A CB    1 
ATOM   267 C CG    . ASN A 1 63  ? -13.401 -5.627  0.695   1.00 19.76  ? 43  ASN A CG    1 
ATOM   268 O OD1   . ASN A 1 63  ? -12.869 -5.715  -0.409  1.00 25.36  ? 43  ASN A OD1   1 
ATOM   269 N ND2   . ASN A 1 63  ? -13.407 -6.610  1.574   1.00 21.77  ? 43  ASN A ND2   1 
ATOM   270 N N     . VAL A 1 64  ? -13.717 -0.964  0.636   1.00 12.87  ? 44  VAL A N     1 
ATOM   271 C CA    . VAL A 1 64  ? -14.185 0.414   0.879   1.00 13.19  ? 44  VAL A CA    1 
ATOM   272 C C     . VAL A 1 64  ? -15.074 0.873   -0.264  1.00 13.00  ? 44  VAL A C     1 
ATOM   273 O O     . VAL A 1 64  ? -15.286 0.161   -1.227  1.00 15.43  ? 44  VAL A O     1 
ATOM   274 C CB    . VAL A 1 64  ? -12.999 1.378   1.085   1.00 14.84  ? 44  VAL A CB    1 
ATOM   275 C CG1   . VAL A 1 64  ? -12.092 0.912   2.227   1.00 15.23  ? 44  VAL A CG1   1 
ATOM   276 C CG2   . VAL A 1 64  ? -12.183 1.508   -0.207  1.00 15.04  ? 44  VAL A CG2   1 
ATOM   277 N N     . SER A 1 65  ? -15.645 2.061   -0.105  1.00 14.10  ? 45  SER A N     1 
ATOM   278 C CA    A SER A 1 65  ? -16.472 2.727   -1.110  0.50 14.91  ? 45  SER A CA    1 
ATOM   279 C CA    B SER A 1 65  ? -16.348 2.699   -1.207  0.50 15.86  ? 45  SER A CA    1 
ATOM   280 C C     . SER A 1 65  ? -15.942 4.149   -1.256  1.00 13.87  ? 45  SER A C     1 
ATOM   281 O O     . SER A 1 65  ? -15.437 4.715   -0.295  1.00 17.43  ? 45  SER A O     1 
ATOM   282 C CB    A SER A 1 65  ? -17.928 2.763   -0.639  0.50 16.46  ? 45  SER A CB    1 
ATOM   283 C CB    B SER A 1 65  ? -17.853 2.531   -1.088  0.50 17.49  ? 45  SER A CB    1 
ATOM   284 O OG    A SER A 1 65  ? -18.423 1.463   -0.340  0.50 16.57  ? 45  SER A OG    1 
ATOM   285 O OG    B SER A 1 65  ? -18.332 3.147   0.082   0.50 19.73  ? 45  SER A OG    1 
ATOM   286 N N     . GLY A 1 66  ? -16.081 4.753   -2.423  1.00 14.95  ? 46  GLY A N     1 
ATOM   287 C CA    . GLY A 1 66  ? -15.571 6.096   -2.545  1.00 17.44  ? 46  GLY A CA    1 
ATOM   288 C C     . GLY A 1 66  ? -16.073 6.858   -3.746  1.00 15.45  ? 46  GLY A C     1 
ATOM   289 O O     . GLY A 1 66  ? -16.786 6.319   -4.592  1.00 17.87  ? 46  GLY A O     1 
ATOM   290 N N     . ARG A 1 67  ? -15.727 8.130   -3.768  1.00 17.51  ? 47  ARG A N     1 
ATOM   291 C CA    . ARG A 1 67  ? -15.847 8.951   -4.961  1.00 18.68  ? 47  ARG A CA    1 
ATOM   292 C C     . ARG A 1 67  ? -14.650 9.870   -5.025  1.00 20.10  ? 47  ARG A C     1 
ATOM   293 O O     . ARG A 1 67  ? -14.015 10.163  -4.023  1.00 21.10  ? 47  ARG A O     1 
ATOM   294 C CB    . ARG A 1 67  ? -17.153 9.751   -4.979  1.00 21.75  ? 47  ARG A CB    1 
ATOM   295 C CG    . ARG A 1 67  ? -17.181 10.836  -3.930  1.00 23.27  ? 47  ARG A CG    1 
ATOM   296 C CD    . ARG A 1 67  ? -18.424 11.706  -3.963  1.00 25.32  ? 47  ARG A CD    1 
ATOM   297 N NE    . ARG A 1 67  ? -18.336 12.691  -2.895  1.00 24.92  ? 47  ARG A NE    1 
ATOM   298 C CZ    . ARG A 1 67  ? -19.375 13.359  -2.377  1.00 26.70  ? 47  ARG A CZ    1 
ATOM   299 N NH1   . ARG A 1 67  ? -19.161 14.234  -1.400  1.00 27.90  ? 47  ARG A NH1   1 
ATOM   300 N NH2   . ARG A 1 67  ? -20.619 13.128  -2.797  1.00 32.05  ? 47  ARG A NH2   1 
ATOM   301 N N     . GLY A 1 68  ? -14.325 10.322  -6.238  1.00 22.35  ? 48  GLY A N     1 
ATOM   302 C CA    . GLY A 1 68  ? -13.252 11.289  -6.431  1.00 25.10  ? 48  GLY A CA    1 
ATOM   303 C C     . GLY A 1 68  ? -13.856 12.657  -6.741  1.00 27.89  ? 48  GLY A C     1 
ATOM   304 O O     . GLY A 1 68  ? -14.835 13.074  -6.102  1.00 34.85  ? 48  GLY A O     1 
ATOM   305 N N     . SER A 1 69  ? -13.268 13.343  -7.720  1.00 35.09  ? 49  SER A N     1 
ATOM   306 C CA    . SER A 1 69  ? -13.753 14.644  -8.206  1.00 38.51  ? 49  SER A CA    1 
ATOM   307 C C     . SER A 1 69  ? -14.832 14.499  -9.298  1.00 37.70  ? 49  SER A C     1 
ATOM   308 O O     . SER A 1 69  ? -15.232 15.495  -9.914  1.00 57.69  ? 49  SER A O     1 
ATOM   309 C CB    . SER A 1 69  ? -12.577 15.451  -8.773  1.00 45.27  ? 49  SER A CB    1 
ATOM   310 O OG    . SER A 1 69  ? -11.532 15.586  -7.827  1.00 50.20  ? 49  SER A OG    1 
ATOM   311 N N     . VAL A 1 84  ? -22.487 11.559  -6.368  1.00 41.85  ? 64  VAL A N     1 
ATOM   312 C CA    . VAL A 1 84  ? -23.093 11.274  -5.062  1.00 40.31  ? 64  VAL A CA    1 
ATOM   313 C C     . VAL A 1 84  ? -22.951 9.817   -4.623  1.00 43.75  ? 64  VAL A C     1 
ATOM   314 O O     . VAL A 1 84  ? -22.561 9.559   -3.481  1.00 49.67  ? 64  VAL A O     1 
ATOM   315 C CB    . VAL A 1 84  ? -24.594 11.653  -5.034  1.00 44.15  ? 64  VAL A CB    1 
ATOM   316 C CG1   . VAL A 1 84  ? -25.237 11.251  -3.709  1.00 43.81  ? 64  VAL A CG1   1 
ATOM   317 C CG2   . VAL A 1 84  ? -24.765 13.148  -5.272  1.00 45.69  ? 64  VAL A CG2   1 
ATOM   318 N N     . ASP A 1 85  ? -23.296 8.876   -5.507  1.00 40.07  ? 65  ASP A N     1 
ATOM   319 C CA    . ASP A 1 85  ? -23.260 7.437   -5.156  1.00 40.66  ? 65  ASP A CA    1 
ATOM   320 C C     . ASP A 1 85  ? -21.848 6.935   -5.091  1.00 38.88  ? 65  ASP A C     1 
ATOM   321 O O     . ASP A 1 85  ? -21.005 7.283   -5.914  1.00 54.64  ? 65  ASP A O     1 
ATOM   322 C CB    . ASP A 1 85  ? -24.044 6.596   -6.164  1.00 42.41  ? 65  ASP A CB    1 
ATOM   323 C CG    . ASP A 1 85  ? -25.531 6.922   -6.161  1.00 50.81  ? 65  ASP A CG    1 
ATOM   324 O OD1   . ASP A 1 85  ? -26.005 7.538   -5.179  1.00 57.02  ? 65  ASP A OD1   1 
ATOM   325 O OD2   . ASP A 1 85  ? -26.226 6.562   -7.139  1.00 64.65  ? 65  ASP A OD2   1 
ATOM   326 N N     . LEU A 1 86  ? -21.568 6.097   -4.114  1.00 22.61  ? 66  LEU A N     1 
ATOM   327 C CA    . LEU A 1 86  ? -20.204 5.660   -3.992  1.00 19.10  ? 66  LEU A CA    1 
ATOM   328 C C     . LEU A 1 86  ? -19.973 4.352   -4.731  1.00 17.67  ? 66  LEU A C     1 
ATOM   329 O O     . LEU A 1 86  ? -20.869 3.522   -4.860  1.00 18.78  ? 66  LEU A O     1 
ATOM   330 C CB    . LEU A 1 86  ? -19.855 5.539   -2.524  1.00 18.85  ? 66  LEU A CB    1 
ATOM   331 C CG    . LEU A 1 86  ? -20.069 6.808   -1.698  1.00 19.35  ? 66  LEU A CG    1 
ATOM   332 C CD1   . LEU A 1 86  ? -19.514 6.547   -0.314  1.00 21.25  ? 66  LEU A CD1   1 
ATOM   333 C CD2   . LEU A 1 86  ? -19.417 8.039   -2.297  1.00 21.97  ? 66  LEU A CD2   1 
ATOM   334 N N     . HIS A 1 87  ? -18.756 4.223   -5.240  1.00 17.19  ? 67  HIS A N     1 
ATOM   335 C CA    . HIS A 1 87  ? -18.339 3.054   -5.989  1.00 15.91  ? 67  HIS A CA    1 
ATOM   336 C C     . HIS A 1 87  ? -17.472 2.151   -5.110  1.00 15.50  ? 67  HIS A C     1 
ATOM   337 O O     . HIS A 1 87  ? -16.720 2.625   -4.264  1.00 16.56  ? 67  HIS A O     1 
ATOM   338 C CB    . HIS A 1 87  ? -17.532 3.472   -7.245  1.00 19.33  ? 67  HIS A CB    1 
ATOM   339 C CG    . HIS A 1 87  ? -18.341 4.129   -8.326  1.00 30.26  ? 67  HIS A CG    1 
ATOM   340 N ND1   . HIS A 1 87  ? -17.773 4.636   -9.472  1.00 41.20  ? 67  HIS A ND1   1 
ATOM   341 C CD2   . HIS A 1 87  ? -19.666 4.354   -8.432  1.00 36.80  ? 67  HIS A CD2   1 
ATOM   342 C CE1   . HIS A 1 87  ? -18.718 5.146   -10.243 1.00 55.53  ? 67  HIS A CE1   1 
ATOM   343 N NE2   . HIS A 1 87  ? -19.879 4.993   -9.632  1.00 55.13  ? 67  HIS A NE2   1 
ATOM   344 N N     . GLN A 1 88  ? -17.558 0.862   -5.386  1.00 15.59  ? 68  GLN A N     1 
ATOM   345 C CA    . GLN A 1 88  ? -16.716 -0.153  -4.718  1.00 14.97  ? 68  GLN A CA    1 
ATOM   346 C C     . GLN A 1 88  ? -15.246 0.088   -5.045  1.00 15.13  ? 68  GLN A C     1 
ATOM   347 O O     . GLN A 1 88  ? -14.881 0.202   -6.217  1.00 18.32  ? 68  GLN A O     1 
ATOM   348 C CB    . GLN A 1 88  ? -17.160 -1.535  -5.197  1.00 18.73  ? 68  GLN A CB    1 
ATOM   349 C CG    . GLN A 1 88  ? -16.452 -2.738  -4.598  1.00 21.63  ? 68  GLN A CG    1 
ATOM   350 C CD    . GLN A 1 88  ? -16.654 -4.030  -5.402  1.00 24.60  ? 68  GLN A CD    1 
ATOM   351 O OE1   . GLN A 1 88  ? -16.758 -4.023  -6.640  1.00 27.12  ? 68  GLN A OE1   1 
ATOM   352 N NE2   . GLN A 1 88  ? -16.683 -5.141  -4.707  1.00 31.16  ? 68  GLN A NE2   1 
ATOM   353 N N     . LYS A 1 89  ? -14.396 0.130   -4.026  1.00 15.15  ? 69  LYS A N     1 
ATOM   354 C CA    . LYS A 1 89  ? -12.950 0.232   -4.201  1.00 15.91  ? 69  LYS A CA    1 
ATOM   355 C C     . LYS A 1 89  ? -12.253 -0.724  -3.216  1.00 14.03  ? 69  LYS A C     1 
ATOM   356 O O     . LYS A 1 89  ? -12.903 -1.334  -2.347  1.00 15.18  ? 69  LYS A O     1 
ATOM   357 C CB    . LYS A 1 89  ? -12.435 1.666   -4.031  1.00 16.33  ? 69  LYS A CB    1 
ATOM   358 C CG    . LYS A 1 89  ? -13.073 2.710   -4.962  1.00 16.53  ? 69  LYS A CG    1 
ATOM   359 C CD    . LYS A 1 89  ? -12.601 2.556   -6.399  1.00 17.47  ? 69  LYS A CD    1 
ATOM   360 C CE    . LYS A 1 89  ? -13.428 3.467   -7.304  1.00 19.42  ? 69  LYS A CE    1 
ATOM   361 N NZ    . LYS A 1 89  ? -13.028 3.352   -8.734  1.00 21.14  ? 69  LYS A NZ    1 
ATOM   362 N N     . VAL A 1 90  ? -10.937 -0.842  -3.346  1.00 15.15  ? 70  VAL A N     1 
ATOM   363 C CA    A VAL A 1 90  ? -10.114 -1.611  -2.414  0.50 15.20  ? 70  VAL A CA    1 
ATOM   364 C CA    B VAL A 1 90  ? -10.176 -1.572  -2.335  0.50 15.86  ? 70  VAL A CA    1 
ATOM   365 C C     . VAL A 1 90  ? -9.036  -0.697  -1.839  1.00 15.03  ? 70  VAL A C     1 
ATOM   366 O O     . VAL A 1 90  ? -8.425  0.058   -2.580  1.00 16.80  ? 70  VAL A O     1 
ATOM   367 C CB    A VAL A 1 90  ? -9.463  -2.825  -3.111  0.50 16.97  ? 70  VAL A CB    1 
ATOM   368 C CB    B VAL A 1 90  ? -9.674  -2.954  -2.800  0.50 19.03  ? 70  VAL A CB    1 
ATOM   369 C CG1   A VAL A 1 90  ? -8.413  -3.450  -2.211  0.50 16.52  ? 70  VAL A CG1   1 
ATOM   370 C CG1   B VAL A 1 90  ? -10.825 -3.818  -3.277  0.50 23.53  ? 70  VAL A CG1   1 
ATOM   371 C CG2   A VAL A 1 90  ? -10.523 -3.848  -3.440  0.50 22.19  ? 70  VAL A CG2   1 
ATOM   372 C CG2   B VAL A 1 90  ? -8.645  -2.777  -3.874  0.50 17.63  ? 70  VAL A CG2   1 
ATOM   373 N N     . LYS A 1 91  ? -8.813  -0.758  -0.521  1.00 14.15  ? 71  LYS A N     1 
ATOM   374 C CA    . LYS A 1 91  ? -7.699  -0.073  0.112   1.00 14.45  ? 71  LYS A CA    1 
ATOM   375 C C     . LYS A 1 91  ? -6.618  -1.130  0.390   1.00 14.91  ? 71  LYS A C     1 
ATOM   376 O O     . LYS A 1 91  ? -6.915  -2.170  0.994   1.00 18.50  ? 71  LYS A O     1 
ATOM   377 C CB    . LYS A 1 91  ? -8.128  0.594   1.428   1.00 17.85  ? 71  LYS A CB    1 
ATOM   378 C CG    . LYS A 1 91  ? -7.000  1.289   2.166   1.00 20.07  ? 71  LYS A CG    1 
ATOM   379 C CD    . LYS A 1 91  ? -7.357  1.693   3.585   1.00 28.46  ? 71  LYS A CD    1 
ATOM   380 C CE    . LYS A 1 91  ? -8.199  2.923   3.603   1.00 29.49  ? 71  LYS A CE    1 
ATOM   381 N NZ    . LYS A 1 91  ? -8.386  3.283   5.026   1.00 32.37  ? 71  LYS A NZ    1 
ATOM   382 N N     . VAL A 1 92  ? -5.391  -0.857  -0.043  1.00 16.93  ? 72  VAL A N     1 
ATOM   383 C CA    . VAL A 1 92  ? -4.232  -1.697  0.222   1.00 16.55  ? 72  VAL A CA    1 
ATOM   384 C C     . VAL A 1 92  ? -3.303  -0.896  1.102   1.00 18.35  ? 72  VAL A C     1 
ATOM   385 O O     . VAL A 1 92  ? -3.003  0.258   0.812   1.00 20.48  ? 72  VAL A O     1 
ATOM   386 C CB    . VAL A 1 92  ? -3.523  -2.080  -1.090  1.00 20.94  ? 72  VAL A CB    1 
ATOM   387 C CG1   . VAL A 1 92  ? -2.235  -2.836  -0.832  1.00 24.73  ? 72  VAL A CG1   1 
ATOM   388 C CG2   . VAL A 1 92  ? -4.462  -2.885  -1.967  1.00 22.98  ? 72  VAL A CG2   1 
ATOM   389 N N     . GLU A 1 93  ? -2.858  -1.500  2.201   1.00 17.98  ? 73  GLU A N     1 
ATOM   390 C CA    . GLU A 1 93  ? -1.906  -0.861  3.084   1.00 17.85  ? 73  GLU A CA    1 
ATOM   391 C C     . GLU A 1 93  ? -0.684  -1.742  3.240   1.00 16.38  ? 73  GLU A C     1 
ATOM   392 O O     . GLU A 1 93  ? -0.805  -2.940  3.542   1.00 19.16  ? 73  GLU A O     1 
ATOM   393 C CB    . GLU A 1 93  ? -2.516  -0.607  4.452   1.00 18.34  ? 73  GLU A CB    1 
ATOM   394 C CG    . GLU A 1 93  ? -3.516  0.528   4.438   1.00 20.85  ? 73  GLU A CG    1 
ATOM   395 C CD    . GLU A 1 93  ? -4.283  0.675   5.731   1.00 27.76  ? 73  GLU A CD    1 
ATOM   396 O OE1   . GLU A 1 93  ? -4.882  -0.329  6.196   1.00 31.47  ? 73  GLU A OE1   1 
ATOM   397 O OE2   . GLU A 1 93  ? -4.319  1.810   6.273   1.00 36.88  ? 73  GLU A OE2   1 
ATOM   398 N N     . CYS A 1 94  ? 0.472   -1.111  3.070   1.00 18.29  ? 74  CYS A N     1 
ATOM   399 C CA    A CYS A 1 94  ? 1.780   -1.757  3.158   0.60 18.55  ? 74  CYS A CA    1 
ATOM   400 C CA    B CYS A 1 94  ? 1.741   -1.774  3.166   0.40 20.54  ? 74  CYS A CA    1 
ATOM   401 C C     . CYS A 1 94  ? 2.683   -0.897  4.002   1.00 18.01  ? 74  CYS A C     1 
ATOM   402 O O     . CYS A 1 94  ? 3.006   0.233   3.621   1.00 21.04  ? 74  CYS A O     1 
ATOM   403 C CB    A CYS A 1 94  ? 2.422   -1.871  1.770   0.60 18.04  ? 74  CYS A CB    1 
ATOM   404 C CB    B CYS A 1 94  ? 2.248   -2.009  1.740   0.40 24.33  ? 74  CYS A CB    1 
ATOM   405 S SG    A CYS A 1 94  ? 1.504   -2.854  0.584   0.60 19.32  ? 74  CYS A SG    1 
ATOM   406 S SG    B CYS A 1 94  ? 3.991   -2.394  1.593   0.40 39.67  ? 74  CYS A SG    1 
ATOM   407 N N     . VAL A 1 95  ? 3.108   -1.416  5.153   1.00 19.78  ? 75  VAL A N     1 
ATOM   408 C CA    . VAL A 1 95  ? 4.077   -0.708  5.962   1.00 19.99  ? 75  VAL A CA    1 
ATOM   409 C C     . VAL A 1 95  ? 5.449   -1.225  5.528   1.00 20.78  ? 75  VAL A C     1 
ATOM   410 O O     . VAL A 1 95  ? 5.670   -2.442  5.438   1.00 23.02  ? 75  VAL A O     1 
ATOM   411 C CB    . VAL A 1 95  ? 3.815   -0.883  7.479   1.00 19.95  ? 75  VAL A CB    1 
ATOM   412 C CG1   . VAL A 1 95  ? 4.889   -0.176  8.289   1.00 22.69  ? 75  VAL A CG1   1 
ATOM   413 C CG2   . VAL A 1 95  ? 2.438   -0.334  7.820   1.00 20.60  ? 75  VAL A CG2   1 
ATOM   414 N N     . VAL A 1 96  ? 6.354   -0.293  5.242   1.00 21.26  ? 76  VAL A N     1 
ATOM   415 C CA    . VAL A 1 96  ? 7.669   -0.605  4.695   1.00 22.58  ? 76  VAL A CA    1 
ATOM   416 C C     . VAL A 1 96  ? 8.777   0.101   5.466   1.00 23.37  ? 76  VAL A C     1 
ATOM   417 O O     . VAL A 1 96  ? 8.571   1.172   6.050   1.00 25.16  ? 76  VAL A O     1 
ATOM   418 C CB    . VAL A 1 96  ? 7.751   -0.213  3.197   1.00 24.60  ? 76  VAL A CB    1 
ATOM   419 C CG1   . VAL A 1 96  ? 6.687   -0.941  2.405   1.00 28.83  ? 76  VAL A CG1   1 
ATOM   420 C CG2   . VAL A 1 96  ? 7.617   1.293   2.991   1.00 25.09  ? 76  VAL A CG2   1 
ATOM   421 N N     . ALA A 1 97  ? 9.957   -0.507  5.457   1.00 26.74  ? 77  ALA A N     1 
ATOM   422 C CA    . ALA A 1 97  ? 11.154  0.096   6.032   1.00 26.62  ? 77  ALA A CA    1 
ATOM   423 C C     . ALA A 1 97  ? 12.365  -0.155  5.130   1.00 29.75  ? 77  ALA A C     1 
ATOM   424 O O     . ALA A 1 97  ? 13.028  0.793   4.712   1.00 34.27  ? 77  ALA A O     1 
ATOM   425 C CB    . ALA A 1 97  ? 11.398  -0.434  7.439   1.00 29.48  ? 77  ALA A CB    1 
ATOM   426 N N     . ASP A 1 98  ? 12.629  -1.429  4.831   1.00 32.12  ? 78  ASP A N     1 
ATOM   427 C CA    . ASP A 1 98  ? 13.765  -1.837  3.987   1.00 33.47  ? 78  ASP A CA    1 
ATOM   428 C C     . ASP A 1 98  ? 13.623  -1.447  2.511   1.00 35.75  ? 78  ASP A C     1 
ATOM   429 O O     . ASP A 1 98  ? 14.620  -1.210  1.831   1.00 43.80  ? 78  ASP A O     1 
ATOM   430 C CB    . ASP A 1 98  ? 13.966  -3.356  4.063   1.00 39.21  ? 78  ASP A CB    1 
ATOM   431 C CG    . ASP A 1 98  ? 14.559  -3.816  5.390   1.00 47.05  ? 78  ASP A CG    1 
ATOM   432 O OD1   . ASP A 1 98  ? 15.117  -2.977  6.133   1.00 55.30  ? 78  ASP A OD1   1 
ATOM   433 O OD2   . ASP A 1 98  ? 14.478  -5.032  5.683   1.00 57.36  ? 78  ASP A OD2   1 
ATOM   434 N N     . THR A 1 99  ? 12.388  -1.401  2.019   1.00 33.07  ? 79  THR A N     1 
ATOM   435 C CA    . THR A 1 99  ? 12.104  -1.088  0.626   1.00 32.37  ? 79  THR A CA    1 
ATOM   436 C C     . THR A 1 99  ? 11.639  0.366   0.536   1.00 29.09  ? 79  THR A C     1 
ATOM   437 O O     . THR A 1 99  ? 10.716  0.750   1.252   1.00 30.51  ? 79  THR A O     1 
ATOM   438 C CB    . THR A 1 99  ? 10.988  -2.001  0.090   1.00 33.42  ? 79  THR A CB    1 
ATOM   439 O OG1   . THR A 1 99  ? 11.345  -3.370  0.302   1.00 38.29  ? 79  THR A OG1   1 
ATOM   440 C CG2   . THR A 1 99  ? 10.738  -1.764  -1.399  1.00 35.29  ? 79  THR A CG2   1 
ATOM   441 N N     . PRO A 1 100 ? 12.249  1.169   -0.360  1.00 31.89  ? 80  PRO A N     1 
ATOM   442 C CA    . PRO A 1 100 ? 11.813  2.563   -0.491  1.00 31.77  ? 80  PRO A CA    1 
ATOM   443 C C     . PRO A 1 100 ? 10.309  2.682   -0.749  1.00 29.58  ? 80  PRO A C     1 
ATOM   444 O O     . PRO A 1 100 ? 9.762   1.970   -1.596  1.00 29.89  ? 80  PRO A O     1 
ATOM   445 C CB    . PRO A 1 100 ? 12.615  3.072   -1.698  1.00 31.56  ? 80  PRO A CB    1 
ATOM   446 C CG    . PRO A 1 100 ? 13.830  2.222   -1.717  1.00 36.45  ? 80  PRO A CG    1 
ATOM   447 C CD    . PRO A 1 100 ? 13.367  0.863   -1.274  1.00 32.54  ? 80  PRO A CD    1 
ATOM   448 N N     . ALA A 1 101 ? 9.649   3.564   -0.008  1.00 28.87  ? 81  ALA A N     1 
ATOM   449 C CA    . ALA A 1 101 ? 8.199   3.710   -0.111  1.00 27.58  ? 81  ALA A CA    1 
ATOM   450 C C     . ALA A 1 101 ? 7.752   4.139   -1.512  1.00 29.12  ? 81  ALA A C     1 
ATOM   451 O O     . ALA A 1 101 ? 6.721   3.690   -1.992  1.00 27.65  ? 81  ALA A O     1 
ATOM   452 C CB    . ALA A 1 101 ? 7.696   4.695   0.928   1.00 28.43  ? 81  ALA A CB    1 
ATOM   453 N N     . GLU A 1 102 ? 8.541   4.989   -2.168  1.00 34.60  ? 82  GLU A N     1 
ATOM   454 C CA    . GLU A 1 102 ? 8.242   5.391   -3.547  1.00 36.25  ? 82  GLU A CA    1 
ATOM   455 C C     . GLU A 1 102 ? 8.360   4.228   -4.548  1.00 31.84  ? 82  GLU A C     1 
ATOM   456 O O     . GLU A 1 102 ? 7.610   4.178   -5.518  1.00 36.85  ? 82  GLU A O     1 
ATOM   457 C CB    . GLU A 1 102 ? 9.102   6.588   -3.979  1.00 43.14  ? 82  GLU A CB    1 
ATOM   458 C CG    . GLU A 1 102 ? 8.415   7.927   -3.725  1.00 50.55  ? 82  GLU A CG    1 
ATOM   459 C CD    . GLU A 1 102 ? 9.356   9.117   -3.803  1.00 57.00  ? 82  GLU A CD    1 
ATOM   460 O OE1   . GLU A 1 102 ? 9.051   10.072  -4.552  1.00 68.29  ? 82  GLU A OE1   1 
ATOM   461 O OE2   . GLU A 1 102 ? 10.396  9.105   -3.111  1.00 76.57  ? 82  GLU A OE2   1 
ATOM   462 N N     . ASP A 1 103 ? 9.265   3.281   -4.295  1.00 32.17  ? 83  ASP A N     1 
ATOM   463 C CA    . ASP A 1 103 ? 9.345   2.064   -5.120  1.00 36.06  ? 83  ASP A CA    1 
ATOM   464 C C     . ASP A 1 103 ? 8.094   1.199   -4.985  1.00 29.90  ? 83  ASP A C     1 
ATOM   465 O O     . ASP A 1 103 ? 7.582   0.671   -5.963  1.00 31.14  ? 83  ASP A O     1 
ATOM   466 C CB    . ASP A 1 103 ? 10.570  1.224   -4.747  1.00 38.82  ? 83  ASP A CB    1 
ATOM   467 C CG    . ASP A 1 103 ? 11.879  1.892   -5.118  1.00 48.80  ? 83  ASP A CG    1 
ATOM   468 O OD1   . ASP A 1 103 ? 11.856  2.952   -5.784  1.00 54.23  ? 83  ASP A OD1   1 
ATOM   469 O OD2   . ASP A 1 103 ? 12.937  1.345   -4.740  1.00 55.04  ? 83  ASP A OD2   1 
ATOM   470 N N     . VAL A 1 104 ? 7.617   1.038   -3.756  1.00 27.18  ? 84  VAL A N     1 
ATOM   471 C CA    . VAL A 1 104 ? 6.389   0.287   -3.511  1.00 26.06  ? 84  VAL A CA    1 
ATOM   472 C C     . VAL A 1 104 ? 5.192   1.005   -4.167  1.00 23.89  ? 84  VAL A C     1 
ATOM   473 O O     . VAL A 1 104 ? 4.370   0.374   -4.824  1.00 24.67  ? 84  VAL A O     1 
ATOM   474 C CB    . VAL A 1 104 ? 6.148   0.105   -1.992  1.00 25.66  ? 84  VAL A CB    1 
ATOM   475 C CG1   . VAL A 1 104 ? 4.797   -0.542  -1.720  1.00 28.91  ? 84  VAL A CG1   1 
ATOM   476 C CG2   . VAL A 1 104 ? 7.275   -0.717  -1.377  1.00 28.36  ? 84  VAL A CG2   1 
ATOM   477 N N     . ALA A 1 105 ? 5.113   2.323   -3.983  1.00 23.26  ? 85  ALA A N     1 
ATOM   478 C CA    . ALA A 1 105 ? 4.051   3.133   -4.589  1.00 25.10  ? 85  ALA A CA    1 
ATOM   479 C C     . ALA A 1 105 ? 4.042   3.017   -6.121  1.00 26.78  ? 85  ALA A C     1 
ATOM   480 O O     . ALA A 1 105 ? 2.986   2.846   -6.731  1.00 25.85  ? 85  ALA A O     1 
ATOM   481 C CB    . ALA A 1 105 ? 4.185   4.589   -4.156  1.00 28.82  ? 85  ALA A CB    1 
ATOM   482 N N     . ASP A 1 106 ? 5.226   3.060   -6.727  1.00 30.27  ? 86  ASP A N     1 
ATOM   483 C CA    . ASP A 1 106 ? 5.345   2.926   -8.181  1.00 29.85  ? 86  ASP A CA    1 
ATOM   484 C C     . ASP A 1 106 ? 4.866   1.568   -8.667  1.00 28.70  ? 86  ASP A C     1 
ATOM   485 O O     . ASP A 1 106 ? 4.177   1.480   -9.685  1.00 33.20  ? 86  ASP A O     1 
ATOM   486 C CB    . ASP A 1 106 ? 6.793   3.143   -8.631  1.00 34.21  ? 86  ASP A CB    1 
ATOM   487 C CG    . ASP A 1 106 ? 7.230   4.602   -8.537  1.00 46.61  ? 86  ASP A CG    1 
ATOM   488 O OD1   . ASP A 1 106 ? 6.372   5.482   -8.283  1.00 55.50  ? 86  ASP A OD1   1 
ATOM   489 O OD2   . ASP A 1 106 ? 8.442   4.865   -8.721  1.00 60.42  ? 86  ASP A OD2   1 
ATOM   490 N N     . ALA A 1 107 ? 5.238   0.514   -7.937  1.00 26.40  ? 87  ALA A N     1 
ATOM   491 C CA    . ALA A 1 107 ? 4.791   -0.848  -8.246  1.00 27.60  ? 87  ALA A CA    1 
ATOM   492 C C     . ALA A 1 107 ? 3.273   -0.985  -8.190  1.00 23.17  ? 87  ALA A C     1 
ATOM   493 O O     . ALA A 1 107 ? 2.653   -1.595  -9.069  1.00 25.23  ? 87  ALA A O     1 
ATOM   494 C CB    . ALA A 1 107 ? 5.442   -1.843  -7.293  1.00 27.22  ? 87  ALA A CB    1 
ATOM   495 N N     . ILE A 1 108 ? 2.664   -0.422  -7.146  1.00 23.24  ? 88  ILE A N     1 
ATOM   496 C CA    . ILE A 1 108 ? 1.210   -0.461  -7.045  1.00 23.16  ? 88  ILE A CA    1 
ATOM   497 C C     . ILE A 1 108 ? 0.573   0.341   -8.178  1.00 22.27  ? 88  ILE A C     1 
ATOM   498 O O     . ILE A 1 108 ? -0.343  -0.138  -8.838  1.00 23.17  ? 88  ILE A O     1 
ATOM   499 C CB    . ILE A 1 108 ? 0.712   0.075   -5.686  1.00 21.60  ? 88  ILE A CB    1 
ATOM   500 C CG1   . ILE A 1 108 ? 1.232   -0.820  -4.552  1.00 21.98  ? 88  ILE A CG1   1 
ATOM   501 C CG2   . ILE A 1 108 ? -0.806  0.126   -5.676  1.00 24.16  ? 88  ILE A CG2   1 
ATOM   502 C CD1   . ILE A 1 108 ? 1.014   -0.237  -3.161  1.00 24.48  ? 88  ILE A CD1   1 
ATOM   503 N N     . ALA A 1 109 ? 1.062   1.555   -8.400  1.00 22.96  ? 89  ALA A N     1 
ATOM   504 C CA    . ALA A 1 109 ? 0.465   2.435   -9.416  1.00 25.41  ? 89  ALA A CA    1 
ATOM   505 C C     . ALA A 1 109 ? 0.494   1.779   -10.802 1.00 26.89  ? 89  ALA A C     1 
ATOM   506 O O     . ALA A 1 109 ? -0.506  1.772   -11.520 1.00 27.63  ? 89  ALA A O     1 
ATOM   507 C CB    . ALA A 1 109 ? 1.179   3.768   -9.444  1.00 28.46  ? 89  ALA A CB    1 
ATOM   508 N N     . ASP A 1 110 ? 1.632   1.195   -11.160 1.00 25.42  ? 90  ASP A N     1 
ATOM   509 C CA    . ASP A 1 110 ? 1.775   0.589   -12.481 1.00 27.25  ? 90  ASP A CA    1 
ATOM   510 C C     . ASP A 1 110 ? 0.792   -0.582  -12.631 1.00 23.55  ? 90  ASP A C     1 
ATOM   511 O O     . ASP A 1 110 ? 0.180   -0.750  -13.683 1.00 30.10  ? 90  ASP A O     1 
ATOM   512 C CB    . ASP A 1 110 ? 3.209   0.107   -12.687 1.00 31.07  ? 90  ASP A CB    1 
ATOM   513 C CG    . ASP A 1 110 ? 4.223   1.250   -12.818 1.00 37.21  ? 90  ASP A CG    1 
ATOM   514 O OD1   . ASP A 1 110 ? 3.833   2.443   -12.857 1.00 49.41  ? 90  ASP A OD1   1 
ATOM   515 O OD2   . ASP A 1 110 ? 5.434   0.940   -12.884 1.00 54.13  ? 90  ASP A OD2   1 
ATOM   516 N N     . ALA A 1 111 ? 0.637   -1.379  -11.565 1.00 21.59  ? 91  ALA A N     1 
ATOM   517 C CA    . ALA A 1 111 ? -0.256  -2.535  -11.611 1.00 23.42  ? 91  ALA A CA    1 
ATOM   518 C C     . ALA A 1 111 ? -1.742  -2.150  -11.554 1.00 21.65  ? 91  ALA A C     1 
ATOM   519 O O     . ALA A 1 111 ? -2.594  -2.837  -12.098 1.00 24.29  ? 91  ALA A O     1 
ATOM   520 C CB    . ALA A 1 111 ? 0.076   -3.506  -10.483 1.00 22.28  ? 91  ALA A CB    1 
ATOM   521 N N     . ALA A 1 112 ? -2.042  -1.056  -10.869 1.00 20.87  ? 92  ALA A N     1 
ATOM   522 C CA    . ALA A 1 112 ? -3.423  -0.597  -10.708 1.00 20.08  ? 92  ALA A CA    1 
ATOM   523 C C     . ALA A 1 112 ? -3.938  0.285   -11.857 1.00 19.94  ? 92  ALA A C     1 
ATOM   524 O O     . ALA A 1 112 ? -5.132  0.543   -11.969 1.00 21.71  ? 92  ALA A O     1 
ATOM   525 C CB    . ALA A 1 112 ? -3.554  0.159   -9.408  1.00 20.28  ? 92  ALA A CB    1 
ATOM   526 N N     . HIS A 1 113 ? -3.036  0.702   -12.733 1.00 22.03  ? 93  HIS A N     1 
ATOM   527 C CA    . HIS A 1 113 ? -3.366  1.640   -13.792 1.00 22.14  ? 93  HIS A CA    1 
ATOM   528 C C     . HIS A 1 113 ? -4.295  1.044   -14.863 1.00 22.76  ? 93  HIS A C     1 
ATOM   529 O O     . HIS A 1 113 ? -4.116  -0.103  -15.284 1.00 27.13  ? 93  HIS A O     1 
ATOM   530 C CB    . HIS A 1 113 ? -2.073  2.127   -14.437 1.00 21.47  ? 93  HIS A CB    1 
ATOM   531 C CG    . HIS A 1 113 ? -2.286  3.073   -15.570 1.00 22.65  ? 93  HIS A CG    1 
ATOM   532 N ND1   . HIS A 1 113 ? -2.416  2.652   -16.875 1.00 27.60  ? 93  HIS A ND1   1 
ATOM   533 C CD2   . HIS A 1 113 ? -2.411  4.418   -15.590 1.00 24.08  ? 93  HIS A CD2   1 
ATOM   534 C CE1   . HIS A 1 113 ? -2.612  3.701   -17.654 1.00 27.89  ? 93  HIS A CE1   1 
ATOM   535 N NE2   . HIS A 1 113 ? -2.598  4.789   -16.902 1.00 27.49  ? 93  HIS A NE2   1 
ATOM   536 N N     . THR A 1 114 ? -5.283  1.831   -15.295 1.00 23.80  ? 94  THR A N     1 
ATOM   537 C CA    . THR A 1 114 ? -6.061  1.536   -16.503 1.00 25.99  ? 94  THR A CA    1 
ATOM   538 C C     . THR A 1 114 ? -6.098  2.724   -17.466 1.00 26.35  ? 94  THR A C     1 
ATOM   539 O O     . THR A 1 114 ? -6.294  2.525   -18.657 1.00 31.43  ? 94  THR A O     1 
ATOM   540 C CB    . THR A 1 114 ? -7.529  1.133   -16.227 1.00 26.45  ? 94  THR A CB    1 
ATOM   541 O OG1   . THR A 1 114 ? -8.311  2.292   -15.875 1.00 27.79  ? 94  THR A OG1   1 
ATOM   542 C CG2   . THR A 1 114 ? -7.638  0.068   -15.146 1.00 26.54  ? 94  THR A CG2   1 
ATOM   543 N N     . GLY A 1 115 ? -5.925  3.943   -16.953 1.00 27.05  ? 95  GLY A N     1 
ATOM   544 C CA    . GLY A 1 115 ? -6.032  5.159   -17.753 1.00 26.82  ? 95  GLY A CA    1 
ATOM   545 C C     . GLY A 1 115 ? -7.397  5.840   -17.747 1.00 26.74  ? 95  GLY A C     1 
ATOM   546 O O     . GLY A 1 115 ? -7.552  6.909   -18.337 1.00 33.47  ? 95  GLY A O     1 
ATOM   547 N N     . GLU A 1 116 ? -8.378  5.226   -17.082 1.00 29.95  ? 96  GLU A N     1 
ATOM   548 C CA    . GLU A 1 116 ? -9.716  5.786   -16.921 1.00 29.96  ? 96  GLU A CA    1 
ATOM   549 C C     . GLU A 1 116 ? -9.872  6.415   -15.537 1.00 25.43  ? 96  GLU A C     1 
ATOM   550 O O     . GLU A 1 116 ? -9.263  5.968   -14.554 1.00 27.07  ? 96  GLU A O     1 
ATOM   551 C CB    . GLU A 1 116 ? -10.782 4.696   -17.095 1.00 34.61  ? 96  GLU A CB    1 
ATOM   552 C CG    . GLU A 1 116 ? -10.733 3.943   -18.424 1.00 36.14  ? 96  GLU A CG    1 
ATOM   553 C CD    . GLU A 1 116 ? -11.133 4.793   -19.620 1.00 46.49  ? 96  GLU A CD    1 
ATOM   554 O OE1   . GLU A 1 116 ? -10.754 4.436   -20.757 1.00 57.49  ? 96  GLU A OE1   1 
ATOM   555 O OE2   . GLU A 1 116 ? -11.826 5.817   -19.440 1.00 57.39  ? 96  GLU A OE2   1 
ATOM   556 N N     . LYS A 1 117 ? -10.703 7.445   -15.458 1.00 27.11  ? 97  LYS A N     1 
ATOM   557 C CA    . LYS A 1 117 ? -11.063 8.040   -14.179 1.00 24.51  ? 97  LYS A CA    1 
ATOM   558 C C     . LYS A 1 117 ? -11.601 6.956   -13.245 1.00 23.63  ? 97  LYS A C     1 
ATOM   559 O O     . LYS A 1 117 ? -12.330 6.058   -13.674 1.00 25.21  ? 97  LYS A O     1 
ATOM   560 C CB    . LYS A 1 117 ? -12.072 9.176   -14.376 1.00 29.21  ? 97  LYS A CB    1 
ATOM   561 C CG    . LYS A 1 117 ? -11.478 10.330  -15.180 1.00 35.37  ? 97  LYS A CG    1 
ATOM   562 C CD    . LYS A 1 117 ? -12.443 11.494  -15.341 1.00 43.11  ? 97  LYS A CD    1 
ATOM   563 C CE    . LYS A 1 117 ? -11.791 12.647  -16.091 1.00 53.35  ? 97  LYS A CE    1 
ATOM   564 N NZ    . LYS A 1 117 ? -10.745 13.330  -15.278 1.00 60.27  ? 97  LYS A NZ    1 
ATOM   565 N N     . GLY A 1 118 ? -11.203 7.033   -11.976 1.00 23.99  ? 98  GLY A N     1 
ATOM   566 C CA    . GLY A 1 118 ? -11.513 5.999   -10.985 1.00 21.06  ? 98  GLY A CA    1 
ATOM   567 C C     . GLY A 1 118 ? -10.342 5.092   -10.617 1.00 18.61  ? 98  GLY A C     1 
ATOM   568 O O     . GLY A 1 118 ? -10.476 4.239   -9.746  1.00 22.06  ? 98  GLY A O     1 
ATOM   569 N N     . ASP A 1 119 ? -9.192  5.293   -11.256 1.00 21.55  ? 99  ASP A N     1 
ATOM   570 C CA    . ASP A 1 119 ? -8.008  4.471   -10.979 1.00 20.73  ? 99  ASP A CA    1 
ATOM   571 C C     . ASP A 1 119 ? -7.487  4.588   -9.550  1.00 20.69  ? 99  ASP A C     1 
ATOM   572 O O     . ASP A 1 119 ? -6.865  3.669   -9.062  1.00 20.78  ? 99  ASP A O     1 
ATOM   573 C CB    . ASP A 1 119 ? -6.863  4.821   -11.919 1.00 21.88  ? 99  ASP A CB    1 
ATOM   574 C CG    . ASP A 1 119 ? -6.945  4.096   -13.252 1.00 22.80  ? 99  ASP A CG    1 
ATOM   575 O OD1   . ASP A 1 119 ? -7.892  3.310   -13.510 1.00 23.36  ? 99  ASP A OD1   1 
ATOM   576 O OD2   . ASP A 1 119 ? -6.011  4.316   -14.042 1.00 23.63  ? 99  ASP A OD2   1 
ATOM   577 N N     . GLY A 1 120 ? -7.691  5.726   -8.898  1.00 20.56  ? 100 GLY A N     1 
ATOM   578 C CA    . GLY A 1 120 ? -7.362  5.856   -7.478  1.00 20.34  ? 100 GLY A CA    1 
ATOM   579 C C     . GLY A 1 120 ? -6.081  6.598   -7.213  1.00 17.80  ? 100 GLY A C     1 
ATOM   580 O O     . GLY A 1 120 ? -5.516  7.254   -8.105  1.00 20.00  ? 100 GLY A O     1 
ATOM   581 N N     . LYS A 1 121 ? -5.621  6.509   -5.982  1.00 17.37  ? 101 LYS A N     1 
ATOM   582 C CA    . LYS A 1 121 ? -4.530  7.303   -5.499  1.00 19.89  ? 101 LYS A CA    1 
ATOM   583 C C     . LYS A 1 121 ? -3.762  6.498   -4.476  1.00 17.13  ? 101 LYS A C     1 
ATOM   584 O O     . LYS A 1 121 ? -4.313  5.601   -3.839  1.00 20.82  ? 101 LYS A O     1 
ATOM   585 C CB    . LYS A 1 121 ? -5.041  8.599   -4.856  1.00 22.87  ? 101 LYS A CB    1 
ATOM   586 C CG    . LYS A 1 121 ? -5.661  9.572   -5.868  1.00 26.22  ? 101 LYS A CG    1 
ATOM   587 C CD    . LYS A 1 121 ? -5.676  11.012  -5.380  1.00 30.31  ? 101 LYS A CD    1 
ATOM   588 C CE    . LYS A 1 121 ? -6.351  11.928  -6.399  1.00 32.98  ? 101 LYS A CE    1 
ATOM   589 N NZ    . LYS A 1 121 ? -7.824  11.782  -6.381  1.00 31.85  ? 101 LYS A NZ    1 
ATOM   590 N N     . ILE A 1 122 ? -2.493  6.848   -4.336  1.00 19.20  ? 102 ILE A N     1 
ATOM   591 C CA    . ILE A 1 122 ? -1.617  6.287   -3.345  1.00 19.61  ? 102 ILE A CA    1 
ATOM   592 C C     . ILE A 1 122 ? -1.095  7.405   -2.461  1.00 19.51  ? 102 ILE A C     1 
ATOM   593 O O     . ILE A 1 122 ? -0.674  8.445   -2.945  1.00 21.67  ? 102 ILE A O     1 
ATOM   594 C CB    . ILE A 1 122 ? -0.435  5.552   -4.007  1.00 20.56  ? 102 ILE A CB    1 
ATOM   595 C CG1   . ILE A 1 122 ? -0.964  4.559   -5.046  1.00 24.51  ? 102 ILE A CG1   1 
ATOM   596 C CG2   . ILE A 1 122 ? 0.387   4.836   -2.932  1.00 22.69  ? 102 ILE A CG2   1 
ATOM   597 C CD1   . ILE A 1 122 ? 0.103   4.016   -5.962  1.00 28.69  ? 102 ILE A CD1   1 
ATOM   598 N N     . PHE A 1 123 ? -1.132  7.163   -1.148  1.00 18.97  ? 103 PHE A N     1 
ATOM   599 C CA    . PHE A 1 123 ? -0.665  8.104   -0.160  1.00 18.45  ? 103 PHE A CA    1 
ATOM   600 C C     . PHE A 1 123 ? 0.423   7.466   0.692   1.00 19.00  ? 103 PHE A C     1 
ATOM   601 O O     . PHE A 1 123 ? 0.355   6.282   0.995   1.00 23.85  ? 103 PHE A O     1 
ATOM   602 C CB    . PHE A 1 123 ? -1.835  8.532   0.736   1.00 19.67  ? 103 PHE A CB    1 
ATOM   603 C CG    . PHE A 1 123 ? -3.026  9.028   -0.033  1.00 20.26  ? 103 PHE A CG    1 
ATOM   604 C CD1   . PHE A 1 123 ? -2.957  10.238  -0.690  1.00 20.59  ? 103 PHE A CD1   1 
ATOM   605 C CD2   . PHE A 1 123 ? -4.184  8.278   -0.128  1.00 22.64  ? 103 PHE A CD2   1 
ATOM   606 C CE1   . PHE A 1 123 ? -4.039  10.711  -1.401  1.00 21.84  ? 103 PHE A CE1   1 
ATOM   607 C CE2   . PHE A 1 123 ? -5.273  8.741   -0.858  1.00 22.79  ? 103 PHE A CE2   1 
ATOM   608 C CZ    . PHE A 1 123 ? -5.198  9.965   -1.486  1.00 23.10  ? 103 PHE A CZ    1 
ATOM   609 N N     . ILE A 1 124 ? 1.410   8.256   1.077   1.00 19.54  ? 104 ILE A N     1 
ATOM   610 C CA    . ILE A 1 124 ? 2.483   7.783   1.959   1.00 22.84  ? 104 ILE A CA    1 
ATOM   611 C C     . ILE A 1 124 ? 2.421   8.573   3.267   1.00 23.04  ? 104 ILE A C     1 
ATOM   612 O O     . ILE A 1 124 ? 2.424   9.803   3.250   1.00 24.28  ? 104 ILE A O     1 
ATOM   613 C CB    . ILE A 1 124 ? 3.869   7.907   1.286   1.00 23.98  ? 104 ILE A CB    1 
ATOM   614 C CG1   . ILE A 1 124 ? 3.912   7.056   -0.002  1.00 26.03  ? 104 ILE A CG1   1 
ATOM   615 C CG2   . ILE A 1 124 ? 4.974   7.438   2.217   1.00 24.80  ? 104 ILE A CG2   1 
ATOM   616 C CD1   . ILE A 1 124 ? 5.115   7.320   -0.883  1.00 28.24  ? 104 ILE A CD1   1 
ATOM   617 N N     . LEU A 1 125 ? 2.342   7.851   4.387   1.00 23.10  ? 105 LEU A N     1 
ATOM   618 C CA    . LEU A 1 125 ? 2.246   8.440   5.720   1.00 23.14  ? 105 LEU A CA    1 
ATOM   619 C C     . LEU A 1 125 ? 3.418   8.000   6.582   1.00 23.18  ? 105 LEU A C     1 
ATOM   620 O O     . LEU A 1 125 ? 3.891   6.865   6.456   1.00 24.34  ? 105 LEU A O     1 
ATOM   621 C CB    . LEU A 1 125 ? 0.953   7.994   6.403   1.00 23.21  ? 105 LEU A CB    1 
ATOM   622 C CG    . LEU A 1 125 ? -0.339  8.582   5.822   1.00 24.53  ? 105 LEU A CG    1 
ATOM   623 C CD1   . LEU A 1 125 ? -0.848  7.761   4.649   1.00 26.31  ? 105 LEU A CD1   1 
ATOM   624 C CD2   . LEU A 1 125 ? -1.422  8.710   6.879   1.00 28.42  ? 105 LEU A CD2   1 
ATOM   625 N N     . PRO A 1 126 ? 3.871   8.874   7.484   1.00 25.40  ? 106 PRO A N     1 
ATOM   626 C CA    . PRO A 1 126 ? 4.914   8.476   8.423   1.00 25.55  ? 106 PRO A CA    1 
ATOM   627 C C     . PRO A 1 126 ? 4.429   7.510   9.514   1.00 25.68  ? 106 PRO A C     1 
ATOM   628 O O     . PRO A 1 126 ? 3.295   7.601   10.004  1.00 27.11  ? 106 PRO A O     1 
ATOM   629 C CB    . PRO A 1 126 ? 5.360   9.805   9.031   1.00 28.65  ? 106 PRO A CB    1 
ATOM   630 C CG    . PRO A 1 126 ? 4.148   10.663  8.972   1.00 28.55  ? 106 PRO A CG    1 
ATOM   631 C CD    . PRO A 1 126 ? 3.388   10.240  7.747   1.00 28.76  ? 106 PRO A CD    1 
ATOM   632 N N     . VAL A 1 127 ? 5.297   6.568   9.863   1.00 25.70  ? 107 VAL A N     1 
ATOM   633 C CA    . VAL A 1 127 ? 5.057   5.636   10.963  1.00 23.66  ? 107 VAL A CA    1 
ATOM   634 C C     . VAL A 1 127 ? 6.216   5.818   11.924  1.00 24.92  ? 107 VAL A C     1 
ATOM   635 O O     . VAL A 1 127 ? 7.360   5.838   11.498  1.00 28.75  ? 107 VAL A O     1 
ATOM   636 C CB    . VAL A 1 127 ? 5.001   4.182   10.461  1.00 23.49  ? 107 VAL A CB    1 
ATOM   637 C CG1   . VAL A 1 127 ? 4.953   3.195   11.613  1.00 23.71  ? 107 VAL A CG1   1 
ATOM   638 C CG2   . VAL A 1 127 ? 3.806   3.976   9.545   1.00 24.03  ? 107 VAL A CG2   1 
ATOM   639 N N     . GLU A 1 128 ? 5.924   5.953   13.217  1.00 24.63  ? 108 GLU A N     1 
ATOM   640 C CA    . GLU A 1 128 ? 6.973   6.220   14.200  1.00 26.95  ? 108 GLU A CA    1 
ATOM   641 C C     . GLU A 1 128 ? 7.541   4.966   14.854  1.00 27.64  ? 108 GLU A C     1 
ATOM   642 O O     . GLU A 1 128 ? 8.678   4.969   15.310  1.00 31.67  ? 108 GLU A O     1 
ATOM   643 C CB    . GLU A 1 128 ? 6.455   7.185   15.266  1.00 30.28  ? 108 GLU A CB    1 
ATOM   644 C CG    . GLU A 1 128 ? 6.278   8.596   14.718  1.00 35.84  ? 108 GLU A CG    1 
ATOM   645 C CD    . GLU A 1 128 ? 5.725   9.578   15.735  1.00 45.37  ? 108 GLU A CD    1 
ATOM   646 O OE1   . GLU A 1 128 ? 5.327   9.147   16.840  1.00 46.90  ? 108 GLU A OE1   1 
ATOM   647 O OE2   . GLU A 1 128 ? 5.685   10.795  15.423  1.00 53.07  ? 108 GLU A OE2   1 
ATOM   648 N N     . ASN A 1 129 ? 6.752   3.903   14.911  1.00 25.57  ? 109 ASN A N     1 
ATOM   649 C CA    . ASN A 1 129 ? 7.211   2.655   15.496  1.00 26.19  ? 109 ASN A CA    1 
ATOM   650 C C     . ASN A 1 129 ? 6.395   1.479   15.000  1.00 26.05  ? 109 ASN A C     1 
ATOM   651 O O     . ASN A 1 129 ? 5.277   1.641   14.491  1.00 23.73  ? 109 ASN A O     1 
ATOM   652 C CB    . ASN A 1 129 ? 7.169   2.717   17.032  1.00 30.64  ? 109 ASN A CB    1 
ATOM   653 C CG    . ASN A 1 129 ? 8.150   1.749   17.699  1.00 40.31  ? 109 ASN A CG    1 
ATOM   654 O OD1   . ASN A 1 129 ? 8.981   1.097   17.043  1.00 40.70  ? 109 ASN A OD1   1 
ATOM   655 N ND2   . ASN A 1 129 ? 8.054   1.655   19.018  1.00 50.13  ? 109 ASN A ND2   1 
ATOM   656 N N     . ALA A 1 130 ? 6.979   0.293   15.159  1.00 26.41  ? 110 ALA A N     1 
ATOM   657 C CA    . ALA A 1 130 ? 6.337   -0.958  14.816  1.00 25.29  ? 110 ALA A CA    1 
ATOM   658 C C     . ALA A 1 130 ? 6.698   -2.017  15.848  1.00 23.74  ? 110 ALA A C     1 
ATOM   659 O O     . ALA A 1 130 ? 7.832   -2.046  16.356  1.00 27.27  ? 110 ALA A O     1 
ATOM   660 C CB    . ALA A 1 130 ? 6.757   -1.420  13.429  1.00 28.67  ? 110 ALA A CB    1 
ATOM   661 N N     . ILE A 1 131 ? 5.749   -2.902  16.121  1.00 23.96  ? 111 ILE A N     1 
ATOM   662 C CA    . ILE A 1 131 ? 5.965   -4.047  16.992  1.00 24.37  ? 111 ILE A CA    1 
ATOM   663 C C     . ILE A 1 131 ? 5.447   -5.314  16.326  1.00 23.15  ? 111 ILE A C     1 
ATOM   664 O O     . ILE A 1 131 ? 4.328   -5.362  15.839  1.00 25.65  ? 111 ILE A O     1 
ATOM   665 C CB    . ILE A 1 131 ? 5.241   -3.868  18.347  1.00 29.08  ? 111 ILE A CB    1 
ATOM   666 C CG1   . ILE A 1 131 ? 5.687   -2.567  19.018  1.00 36.03  ? 111 ILE A CG1   1 
ATOM   667 C CG2   . ILE A 1 131 ? 5.491   -5.080  19.242  1.00 31.16  ? 111 ILE A CG2   1 
ATOM   668 C CD1   . ILE A 1 131 ? 4.991   -2.276  20.331  1.00 43.77  ? 111 ILE A CD1   1 
ATOM   669 N N     . GLN A 1 132 ? 6.275   -6.354  16.316  1.00 23.49  ? 112 GLN A N     1 
ATOM   670 C CA    . GLN A 1 132 ? 5.810   -7.676  15.915  1.00 24.86  ? 112 GLN A CA    1 
ATOM   671 C C     . GLN A 1 132 ? 5.108   -8.324  17.094  1.00 24.57  ? 112 GLN A C     1 
ATOM   672 O O     . GLN A 1 132 ? 5.712   -8.479  18.158  1.00 31.12  ? 112 GLN A O     1 
ATOM   673 C CB    . GLN A 1 132 ? 6.976   -8.569  15.508  1.00 30.67  ? 112 GLN A CB    1 
ATOM   674 C CG    . GLN A 1 132 ? 7.386   -8.469  14.064  1.00 36.69  ? 112 GLN A CG    1 
ATOM   675 C CD    . GLN A 1 132 ? 8.615   -9.288  13.737  1.00 36.51  ? 112 GLN A CD    1 
ATOM   676 O OE1   . GLN A 1 132 ? 9.257   -9.063  12.711  1.00 52.44  ? 112 GLN A OE1   1 
ATOM   677 N NE2   . GLN A 1 132 ? 8.951   -10.239 14.599  1.00 33.70  ? 112 GLN A NE2   1 
ATOM   678 N N     . VAL A 1 133 ? 3.868   -8.748  16.911  1.00 22.43  ? 113 VAL A N     1 
ATOM   679 C CA    . VAL A 1 133 ? 3.109   -9.370  17.997  1.00 23.38  ? 113 VAL A CA    1 
ATOM   680 C C     . VAL A 1 133 ? 3.746   -10.710 18.431  1.00 24.29  ? 113 VAL A C     1 
ATOM   681 O O     . VAL A 1 133 ? 3.841   -10.998 19.611  1.00 26.04  ? 113 VAL A O     1 
ATOM   682 C CB    . VAL A 1 133 ? 1.636   -9.599  17.590  1.00 20.44  ? 113 VAL A CB    1 
ATOM   683 C CG1   . VAL A 1 133 ? 0.895   -10.409 18.653  1.00 23.30  ? 113 VAL A CG1   1 
ATOM   684 C CG2   . VAL A 1 133 ? 0.921   -8.263  17.337  1.00 19.78  ? 113 VAL A CG2   1 
ATOM   685 N N     . ARG A 1 134 ? 4.175   -11.521 17.470  1.00 22.93  ? 114 ARG A N     1 
ATOM   686 C CA    . ARG A 1 134 ? 4.672   -12.884 17.776  1.00 24.32  ? 114 ARG A CA    1 
ATOM   687 C C     . ARG A 1 134 ? 5.901   -12.879 18.667  1.00 26.37  ? 114 ARG A C     1 
ATOM   688 O O     . ARG A 1 134 ? 6.000   -13.731 19.539  1.00 28.65  ? 114 ARG A O     1 
ATOM   689 C CB    . ARG A 1 134 ? 4.955   -13.641 16.486  1.00 26.56  ? 114 ARG A CB    1 
ATOM   690 C CG    . ARG A 1 134 ? 5.246   -15.131 16.662  1.00 30.18  ? 114 ARG A CG    1 
ATOM   691 C CD    . ARG A 1 134 ? 5.292   -15.830 15.315  1.00 34.54  ? 114 ARG A CD    1 
ATOM   692 N NE    . ARG A 1 134 ? 6.569   -15.613 14.641  1.00 39.47  ? 114 ARG A NE    1 
ATOM   693 C CZ    . ARG A 1 134 ? 7.585   -16.485 14.640  1.00 41.55  ? 114 ARG A CZ    1 
ATOM   694 N NH1   . ARG A 1 134 ? 7.481   -17.659 15.259  1.00 44.72  ? 114 ARG A NH1   1 
ATOM   695 N NH2   . ARG A 1 134 ? 8.706   -16.181 14.008  1.00 45.21  ? 114 ARG A NH2   1 
ATOM   696 N N     . THR A 1 135 ? 6.798   -11.917 18.469  1.00 24.83  ? 115 THR A N     1 
ATOM   697 C CA    . THR A 1 135 ? 8.091   -11.869 19.165  1.00 26.15  ? 115 THR A CA    1 
ATOM   698 C C     . THR A 1 135 ? 8.224   -10.707 20.142  1.00 27.29  ? 115 THR A C     1 
ATOM   699 O O     . THR A 1 135 ? 9.075   -10.748 21.039  1.00 37.23  ? 115 THR A O     1 
ATOM   700 C CB    . THR A 1 135 ? 9.219   -11.698 18.145  1.00 27.25  ? 115 THR A CB    1 
ATOM   701 O OG1   . THR A 1 135 ? 8.958   -10.496 17.390  1.00 29.89  ? 115 THR A OG1   1 
ATOM   702 C CG2   . THR A 1 135 ? 9.229   -12.861 17.200  1.00 29.29  ? 115 THR A CG2   1 
ATOM   703 N N     . GLY A 1 136 ? 7.397   -9.673  19.981  1.00 28.46  ? 116 GLY A N     1 
ATOM   704 C CA    . GLY A 1 136 ? 7.591   -8.420  20.702  1.00 29.34  ? 116 GLY A CA    1 
ATOM   705 C C     . GLY A 1 136 ? 8.790   -7.602  20.233  1.00 29.10  ? 116 GLY A C     1 
ATOM   706 O O     . GLY A 1 136 ? 9.164   -6.620  20.866  1.00 32.75  ? 116 GLY A O     1 
ATOM   707 N N     . LYS A 1 137 ? 9.391   -7.992  19.115  1.00 29.03  ? 117 LYS A N     1 
ATOM   708 C CA    . LYS A 1 137 ? 10.437  -7.192  18.488  1.00 30.67  ? 117 LYS A CA    1 
ATOM   709 C C     . LYS A 1 137 ? 9.870   -5.835  18.038  1.00 28.34  ? 117 LYS A C     1 
ATOM   710 O O     . LYS A 1 137 ? 8.779   -5.774  17.493  1.00 29.78  ? 117 LYS A O     1 
ATOM   711 C CB    . LYS A 1 137 ? 10.994  -7.916  17.270  1.00 32.30  ? 117 LYS A CB    1 
ATOM   712 C CG    . LYS A 1 137 ? 12.158  -7.190  16.626  1.00 38.07  ? 117 LYS A CG    1 
ATOM   713 C CD    . LYS A 1 137 ? 13.011  -8.122  15.792  1.00 41.79  ? 117 LYS A CD    1 
ATOM   714 C CE    . LYS A 1 137 ? 14.152  -7.372  15.123  1.00 45.50  ? 117 LYS A CE    1 
ATOM   715 N NZ    . LYS A 1 137 ? 15.032  -6.643  16.087  1.00 49.01  ? 117 LYS A NZ    1 
ATOM   716 N N     . THR A 1 138 ? 10.641  -4.771  18.259  1.00 30.22  ? 118 THR A N     1 
ATOM   717 C CA    . THR A 1 138 ? 10.212  -3.414  17.928  1.00 31.58  ? 118 THR A CA    1 
ATOM   718 C C     . THR A 1 138 ? 11.202  -2.705  17.005  1.00 34.24  ? 118 THR A C     1 
ATOM   719 O O     . THR A 1 138 ? 12.363  -3.114  16.872  1.00 41.66  ? 118 THR A O     1 
ATOM   720 C CB    . THR A 1 138 ? 10.050  -2.539  19.189  1.00 38.59  ? 118 THR A CB    1 
ATOM   721 O OG1   . THR A 1 138 ? 11.339  -2.207  19.715  1.00 44.44  ? 118 THR A OG1   1 
ATOM   722 C CG2   . THR A 1 138 ? 9.233   -3.255  20.251  1.00 38.22  ? 118 THR A CG2   1 
ATOM   723 N N     . GLY A 1 139 ? 10.729  -1.624  16.393  1.00 34.84  ? 119 GLY A N     1 
ATOM   724 C CA    . GLY A 1 139 ? 11.556  -0.778  15.531  1.00 35.41  ? 119 GLY A CA    1 
ATOM   725 C C     . GLY A 1 139 ? 11.478  -1.158  14.064  1.00 35.01  ? 119 GLY A C     1 
ATOM   726 O O     . GLY A 1 139 ? 10.619  -1.941  13.653  1.00 33.34  ? 119 GLY A O     1 
ATOM   727 N N     . ARG A 1 140 ? 12.405  -0.617  13.277  1.00 35.78  ? 120 ARG A N     1 
ATOM   728 C CA    . ARG A 1 140 ? 12.382  -0.809  11.820  1.00 27.54  ? 120 ARG A CA    1 
ATOM   729 C C     . ARG A 1 140 ? 12.565  -2.261  11.405  1.00 32.05  ? 120 ARG A C     1 
ATOM   730 O O     . ARG A 1 140 ? 11.994  -2.706  10.404  1.00 38.40  ? 120 ARG A O     1 
ATOM   731 C CB    . ARG A 1 140 ? 13.402  0.105   11.118  1.00 37.94  ? 120 ARG A CB    1 
ATOM   732 C CG    . ARG A 1 140 ? 14.859  -0.123  11.487  1.00 44.18  ? 120 ARG A CG    1 
ATOM   733 C CD    . ARG A 1 140 ? 15.792  0.759   10.667  1.00 49.57  ? 120 ARG A CD    1 
ATOM   734 N NE    . ARG A 1 140 ? 15.493  0.707   9.235   1.00 52.99  ? 120 ARG A NE    1 
ATOM   735 C CZ    . ARG A 1 140 ? 15.771  -0.317  8.428   1.00 57.11  ? 120 ARG A CZ    1 
ATOM   736 N NH1   . ARG A 1 140 ? 15.446  -0.245  7.142   1.00 55.87  ? 120 ARG A NH1   1 
ATOM   737 N NH2   . ARG A 1 140 ? 16.366  -1.415  8.889   1.00 60.52  ? 120 ARG A NH2   1 
ATOM   738 N N     . ASP A 1 141 ? 13.331  -3.010  12.195  1.00 38.03  ? 121 ASP A N     1 
ATOM   739 C CA    . ASP A 1 141 ? 13.546  -4.422  11.927  1.00 40.21  ? 121 ASP A CA    1 
ATOM   740 C C     . ASP A 1 141 ? 12.314  -5.287  12.251  1.00 36.48  ? 121 ASP A C     1 
ATOM   741 O O     . ASP A 1 141 ? 12.252  -6.446  11.834  1.00 42.66  ? 121 ASP A O     1 
ATOM   742 C CB    . ASP A 1 141 ? 14.780  -4.915  12.693  1.00 45.87  ? 121 ASP A CB    1 
ATOM   743 C CG    . ASP A 1 141 ? 16.054  -4.181  12.290  1.00 56.55  ? 121 ASP A CG    1 
ATOM   744 O OD1   . ASP A 1 141 ? 16.185  -3.793  11.108  1.00 61.63  ? 121 ASP A OD1   1 
ATOM   745 O OD2   . ASP A 1 141 ? 16.929  -3.991  13.161  1.00 72.06  ? 121 ASP A OD2   1 
ATOM   746 N N     . ALA A 1 142 ? 11.335  -4.733  12.978  1.00 31.68  ? 122 ALA A N     1 
ATOM   747 C CA    . ALA A 1 142 ? 10.051  -5.412  13.165  1.00 34.32  ? 122 ALA A CA    1 
ATOM   748 C C     . ALA A 1 142 ? 9.200   -5.353  11.887  1.00 32.95  ? 122 ALA A C     1 
ATOM   749 O O     . ALA A 1 142 ? 8.223   -6.092  11.766  1.00 35.72  ? 122 ALA A O     1 
ATOM   750 C CB    . ALA A 1 142 ? 9.291   -4.821  14.344  1.00 34.61  ? 122 ALA A CB    1 
ATOM   751 N N     . VAL A 1 143 ? 9.570   -4.439  10.980  1.00 33.86  ? 123 VAL A N     1 
ATOM   752 C CA    . VAL A 1 143 ? 9.155   -4.392  9.556   1.00 40.75  ? 123 VAL A CA    1 
ATOM   753 C C     . VAL A 1 143 ? 8.405   -3.083  9.235   1.00 38.69  ? 123 VAL A C     1 
ATOM   754 O O     . VAL A 1 143 ? 8.011   -2.798  8.097   1.00 43.70  ? 123 VAL A O     1 
ATOM   755 C CB    . VAL A 1 143 ? 8.465   -5.704  9.041   1.00 42.61  ? 123 VAL A CB    1 
ATOM   756 C CG1   . VAL A 1 143 ? 7.062   -5.475  8.497   1.00 43.28  ? 123 VAL A CG1   1 
ATOM   757 C CG2   . VAL A 1 143 ? 9.306   -6.361  7.960   1.00 46.54  ? 123 VAL A CG2   1 
ATOM   758 O OXT   . VAL A 1 143 ? 8.209   -2.236  10.115  1.00 45.79  ? 123 VAL A OXT   1 
HETATM 759 P PB    . ADP B 2 .   ? -11.844 10.295  -10.086 1.00 49.05  ? 201 ADP A PB    1 
HETATM 760 O O1B   . ADP B 2 .   ? -13.318 10.087  -10.370 1.00 70.45  ? 201 ADP A O1B   1 
HETATM 761 O O2B   . ADP B 2 .   ? -11.518 11.680  -9.524  1.00 63.11  ? 201 ADP A O2B   1 
HETATM 762 O O3B   . ADP B 2 .   ? -10.949 9.897   -11.244 1.00 49.36  ? 201 ADP A O3B   1 
HETATM 763 P PA    . ADP B 2 .   ? -10.098 8.845   -8.439  1.00 32.81  ? 201 ADP A PA    1 
HETATM 764 O O1A   . ADP B 2 .   ? -9.500  7.878   -9.443  1.00 25.03  ? 201 ADP A O1A   1 
HETATM 765 O O2A   . ADP B 2 .   ? -9.430  10.163  -8.116  1.00 41.07  ? 201 ADP A O2A   1 
HETATM 766 O O3A   . ADP B 2 .   ? -11.582 9.220   -8.903  1.00 43.73  ? 201 ADP A O3A   1 
HETATM 767 O "O5'" . ADP B 2 .   ? -10.376 8.104   -7.101  1.00 26.50  ? 201 ADP A "O5'" 1 
HETATM 768 C "C5'" . ADP B 2 .   ? -10.844 6.768   -7.022  1.00 21.92  ? 201 ADP A "C5'" 1 
HETATM 769 C "C4'" . ADP B 2 .   ? -11.078 6.487   -5.542  1.00 18.89  ? 201 ADP A "C4'" 1 
HETATM 770 O "O4'" . ADP B 2 .   ? -9.949  6.816   -4.713  1.00 19.40  ? 201 ADP A "O4'" 1 
HETATM 771 C "C3'" . ADP B 2 .   ? -12.240 7.297   -4.965  1.00 19.48  ? 201 ADP A "C3'" 1 
HETATM 772 O "O3'" . ADP B 2 .   ? -13.476 6.671   -5.278  1.00 19.96  ? 201 ADP A "O3'" 1 
HETATM 773 C "C2'" . ADP B 2 .   ? -11.919 7.310   -3.478  1.00 19.28  ? 201 ADP A "C2'" 1 
HETATM 774 O "O2'" . ADP B 2 .   ? -12.267 6.064   -2.885  1.00 18.47  ? 201 ADP A "O2'" 1 
HETATM 775 C "C1'" . ADP B 2 .   ? -10.412 7.420   -3.498  1.00 19.09  ? 201 ADP A "C1'" 1 
HETATM 776 N N9    . ADP B 2 .   ? -9.902  8.816   -3.417  1.00 19.13  ? 201 ADP A N9    1 
HETATM 777 C C8    . ADP B 2 .   ? -9.464  9.581   -4.451  1.00 20.74  ? 201 ADP A C8    1 
HETATM 778 N N7    . ADP B 2 .   ? -9.000  10.777  -4.023  1.00 22.33  ? 201 ADP A N7    1 
HETATM 779 C C5    . ADP B 2 .   ? -9.169  10.774  -2.669  1.00 20.95  ? 201 ADP A C5    1 
HETATM 780 C C6    . ADP B 2 .   ? -8.902  11.718  -1.590  1.00 19.30  ? 201 ADP A C6    1 
HETATM 781 N N6    . ADP B 2 .   ? -8.374  12.931  -1.850  1.00 23.11  ? 201 ADP A N6    1 
HETATM 782 N N1    . ADP B 2 .   ? -9.213  11.336  -0.316  1.00 20.53  ? 201 ADP A N1    1 
HETATM 783 C C2    . ADP B 2 .   ? -9.752  10.131  -0.047  1.00 21.22  ? 201 ADP A C2    1 
HETATM 784 N N3    . ADP B 2 .   ? -10.022 9.206   -0.985  1.00 18.36  ? 201 ADP A N3    1 
HETATM 785 C C4    . ADP B 2 .   ? -9.771  9.503   -2.300  1.00 17.50  ? 201 ADP A C4    1 
HETATM 786 O O     . HOH C 3 .   ? -8.798  -0.378  7.010   1.00 38.15  ? 301 HOH A O     1 
HETATM 787 O O     . HOH C 3 .   ? -8.390  8.566   -11.750 1.00 35.50  ? 302 HOH A O     1 
HETATM 788 O O     . HOH C 3 .   ? -6.249  -1.869  4.206   1.00 22.44  ? 303 HOH A O     1 
HETATM 789 O O     . HOH C 3 .   ? 4.803   -4.505  1.864   1.00 41.26  ? 304 HOH A O     1 
HETATM 790 O O     . HOH C 3 .   ? -12.322 -9.051  1.265   1.00 34.81  ? 305 HOH A O     1 
HETATM 791 O O     . HOH C 3 .   ? 3.938   -9.738  21.988  1.00 43.87  ? 306 HOH A O     1 
HETATM 792 O O     . HOH C 3 .   ? -16.363 -5.595  -8.800  1.00 39.26  ? 307 HOH A O     1 
HETATM 793 O O     . HOH C 3 .   ? -5.937  8.262   -10.576 1.00 27.80  ? 308 HOH A O     1 
HETATM 794 O O     . HOH C 3 .   ? -16.188 0.188   -8.594  1.00 29.17  ? 309 HOH A O     1 
HETATM 795 O O     . HOH C 3 .   ? 6.959   -4.443  4.081   1.00 42.14  ? 310 HOH A O     1 
HETATM 796 O O     . HOH C 3 .   ? -12.781 -3.319  -10.806 1.00 34.11  ? 311 HOH A O     1 
HETATM 797 O O     . HOH C 3 .   ? -10.474 -7.751  -5.354  1.00 31.15  ? 312 HOH A O     1 
HETATM 798 O O     . HOH C 3 .   ? 8.428   8.010   9.050   1.00 39.24  ? 313 HOH A O     1 
HETATM 799 O O     . HOH C 3 .   ? -16.870 -2.151  -0.884  1.00 29.12  ? 314 HOH A O     1 
HETATM 800 O O     . HOH C 3 .   ? -13.942 -3.962  -2.352  1.00 26.88  ? 315 HOH A O     1 
HETATM 801 O O     . HOH C 3 .   ? -13.525 0.667   -9.479  1.00 35.26  ? 316 HOH A O     1 
HETATM 802 O O     . HOH C 3 .   ? -22.915 14.594  -1.988  1.00 46.12  ? 317 HOH A O     1 
HETATM 803 O O     . HOH C 3 .   ? -15.008 5.253   -9.893  1.00 33.28  ? 318 HOH A O     1 
HETATM 804 O O     . HOH C 3 .   ? -12.676 -5.203  4.416   1.00 37.17  ? 319 HOH A O     1 
HETATM 805 O O     . HOH C 3 .   ? -8.159  -8.566  -8.385  1.00 34.53  ? 320 HOH A O     1 
HETATM 806 O O     . HOH C 3 .   ? -13.295 -0.627  -11.849 1.00 37.46  ? 321 HOH A O     1 
HETATM 807 O O     . HOH C 3 .   ? 10.216  7.438   1.928   1.00 45.50  ? 322 HOH A O     1 
HETATM 808 O O     . HOH C 3 .   ? 6.816   -13.485 22.337  0.50 35.86  ? 323 HOH A O     1 
HETATM 809 O O     . HOH C 3 .   ? -1.886  -12.175 -6.977  1.00 38.79  ? 324 HOH A O     1 
HETATM 810 O O     . HOH C 3 .   ? -10.530 -7.526  3.093   1.00 38.53  ? 325 HOH A O     1 
HETATM 811 O O     . HOH C 3 .   ? -16.656 -2.464  -9.127  1.00 31.49  ? 326 HOH A O     1 
HETATM 812 O O     . HOH C 3 .   ? 6.486   11.397  12.639  1.00 48.35  ? 327 HOH A O     1 
HETATM 813 O O     . HOH C 3 .   ? 13.104  -5.237  19.836  1.00 42.87  ? 328 HOH A O     1 
HETATM 814 O O     . HOH C 3 .   ? -11.668 8.541   -18.279 1.00 61.13  ? 329 HOH A O     1 
HETATM 815 O O     . HOH C 3 .   ? 7.015   -7.491  3.238   1.00 38.38  ? 330 HOH A O     1 
HETATM 816 O O     . HOH C 3 .   ? -19.209 -0.478  -2.471  0.50 22.34  ? 331 HOH A O     1 
HETATM 817 O O     . HOH C 3 .   ? -9.165  -9.668  -10.853 0.50 40.14  ? 332 HOH A O     1 
HETATM 818 O O     . HOH C 3 .   ? -15.202 -6.395  4.077   1.00 37.47  ? 333 HOH A O     1 
HETATM 819 O O     . HOH C 3 .   ? -11.112 -7.497  -2.385  1.00 35.29  ? 334 HOH A O     1 
HETATM 820 O O     . HOH C 3 .   ? 6.305   -13.934 11.603  1.00 56.69  ? 335 HOH A O     1 
HETATM 821 O O     . HOH C 3 .   ? 8.012   9.256   11.646  1.00 41.49  ? 336 HOH A O     1 
HETATM 822 O O     . HOH C 3 .   ? 12.161  9.079   3.338   1.00 56.91  ? 337 HOH A O     1 
HETATM 823 O O     . HOH C 3 .   ? -14.960 -3.571  5.822   0.33 37.50  ? 338 HOH A O     1 
HETATM 824 O O     . HOH C 3 .   ? -18.129 -2.965  1.454   0.50 49.78  ? 339 HOH A O     1 
HETATM 825 O O     . HOH C 3 .   ? 5.112   13.544  11.134  0.33 49.58  ? 340 HOH A O     1 
HETATM 826 O O     . HOH C 3 .   ? -7.000  1.045   -9.879  1.00 21.83  ? 341 HOH A O     1 
HETATM 827 O O     . HOH C 3 .   ? -5.660  -7.803  -11.165 1.00 27.52  ? 342 HOH A O     1 
HETATM 828 O O     . HOH C 3 .   ? 1.485   -7.422  -11.682 1.00 39.76  ? 343 HOH A O     1 
HETATM 829 O O     . HOH C 3 .   ? -10.821 1.204   -16.303 1.00 35.98  ? 344 HOH A O     1 
HETATM 830 O O     . HOH C 3 .   ? 4.027   -2.905  -11.105 1.00 32.29  ? 345 HOH A O     1 
HETATM 831 O O     . HOH C 3 .   ? 10.069  5.882   11.323  1.00 36.43  ? 346 HOH A O     1 
HETATM 832 O O     . HOH C 3 .   ? 13.902  5.710   0.359   1.00 41.65  ? 347 HOH A O     1 
HETATM 833 O O     . HOH C 3 .   ? -14.072 7.279   -7.964  1.00 32.54  ? 348 HOH A O     1 
HETATM 834 O O     . HOH C 3 .   ? 11.021  6.490   -1.147  1.00 38.51  ? 349 HOH A O     1 
HETATM 835 O O     . HOH C 3 .   ? 6.980   -4.781  -8.963  1.00 39.64  ? 350 HOH A O     1 
HETATM 836 O O     . HOH C 3 .   ? 14.335  2.293   7.104   1.00 41.64  ? 351 HOH A O     1 
HETATM 837 O O     . HOH C 3 .   ? 11.136  -3.782  5.987   1.00 49.85  ? 352 HOH A O     1 
HETATM 838 O O     . HOH C 3 .   ? -1.916  -1.804  -15.339 1.00 36.05  ? 353 HOH A O     1 
HETATM 839 O O     . HOH C 3 .   ? 9.851   -3.125  3.400   1.00 31.20  ? 354 HOH A O     1 
HETATM 840 O O     . HOH C 3 .   ? 9.770   9.192   13.930  1.00 52.29  ? 355 HOH A O     1 
HETATM 841 O O     . HOH C 3 .   ? 10.474  7.235   15.717  1.00 47.74  ? 356 HOH A O     1 
HETATM 842 O O     . HOH C 3 .   ? -2.306  0.099   -18.099 1.00 44.70  ? 357 HOH A O     1 
HETATM 843 O O     . HOH C 3 .   ? -2.646  -4.630  -14.191 1.00 45.73  ? 358 HOH A O     1 
HETATM 844 O O     . HOH C 3 .   ? 14.614  -2.322  14.790  1.00 59.40  ? 359 HOH A O     1 
HETATM 845 O O     . HOH C 3 .   ? 0.744   -5.449  -13.669 1.00 44.88  ? 360 HOH A O     1 
HETATM 846 O O     . HOH C 3 .   ? -1.315  -11.157 -11.278 1.00 49.23  ? 361 HOH A O     1 
HETATM 847 O O     . HOH C 3 .   ? -17.261 13.651  -7.679  1.00 118.46 ? 362 HOH A O     1 
HETATM 848 O O     . HOH C 3 .   ? 9.054   -0.102  -8.290  1.00 44.19  ? 363 HOH A O     1 
HETATM 849 O O     . HOH C 3 .   ? -17.869 7.016   -7.234  1.00 53.36  ? 364 HOH A O     1 
HETATM 850 O O     . HOH C 3 .   ? 14.216  1.444   14.651  1.00 51.25  ? 365 HOH A O     1 
HETATM 851 O O     . HOH C 3 .   ? 4.289   -7.706  -11.521 1.00 48.15  ? 366 HOH A O     1 
HETATM 852 O O     . HOH C 3 .   ? 5.547   -5.212  -11.134 1.00 49.28  ? 367 HOH A O     1 
HETATM 853 O O     . HOH C 3 .   ? 6.815   -5.347  -13.593 1.00 57.61  ? 368 HOH A O     1 
HETATM 854 O O     . HOH C 3 .   ? 6.585   -1.377  -11.696 1.00 49.79  ? 369 HOH A O     1 
HETATM 855 O O     . HOH C 3 .   ? 0.395   -9.703  -12.884 1.00 45.80  ? 370 HOH A O     1 
HETATM 856 O O     . HOH C 3 .   ? 2.857   -3.550  -13.514 1.00 36.89  ? 371 HOH A O     1 
HETATM 857 O O     . HOH C 3 .   ? -24.354 9.670   -8.233  1.00 44.73  ? 372 HOH A O     1 
# 
loop_
_atom_site_anisotrop.id 
_atom_site_anisotrop.type_symbol 
_atom_site_anisotrop.pdbx_label_atom_id 
_atom_site_anisotrop.pdbx_label_alt_id 
_atom_site_anisotrop.pdbx_label_comp_id 
_atom_site_anisotrop.pdbx_label_asym_id 
_atom_site_anisotrop.pdbx_label_seq_id 
_atom_site_anisotrop.pdbx_PDB_ins_code 
_atom_site_anisotrop.U[1][1] 
_atom_site_anisotrop.U[2][2] 
_atom_site_anisotrop.U[3][3] 
_atom_site_anisotrop.U[1][2] 
_atom_site_anisotrop.U[1][3] 
_atom_site_anisotrop.U[2][3] 
_atom_site_anisotrop.pdbx_auth_seq_id 
_atom_site_anisotrop.pdbx_auth_comp_id 
_atom_site_anisotrop.pdbx_auth_asym_id 
_atom_site_anisotrop.pdbx_auth_atom_id 
1   N N     . LEU A 26  ? 0.7254 0.8484 0.8750 -0.0509 0.0080  0.0309  6   LEU A N     
2   C CA    . LEU A 26  ? 0.6864 0.7979 0.7749 -0.0032 0.0001  0.0255  6   LEU A CA    
3   C C     . LEU A 26  ? 0.6021 0.7182 0.7753 -0.0195 0.0657  -0.0127 6   LEU A C     
4   O O     . LEU A 26  ? 0.4995 0.7490 0.7436 0.0005  0.0682  0.0517  6   LEU A O     
5   C CB    . LEU A 26  ? 0.7661 0.8369 0.7501 0.0364  -0.0367 0.0719  6   LEU A CB    
6   N N     . PRO A 27  ? 0.3950 0.7073 0.5644 0.0502  0.0863  0.0410  7   PRO A N     
7   C CA    . PRO A 27  ? 0.4046 0.6387 0.5275 0.0863  0.0991  0.0338  7   PRO A CA    
8   C C     . PRO A 27  ? 0.3817 0.6647 0.4689 0.0443  0.1063  0.0496  7   PRO A C     
9   O O     . PRO A 27  ? 0.3628 0.7505 0.4871 0.1156  0.0403  0.0381  7   PRO A O     
10  C CB    . PRO A 27  ? 0.4424 0.6299 0.4787 0.0906  0.0828  0.0175  7   PRO A CB    
11  C CG    . PRO A 27  ? 0.5454 0.6403 0.6158 0.0899  -0.0054 0.0213  7   PRO A CG    
12  C CD    . PRO A 27  ? 0.5324 0.6932 0.6526 0.0486  0.0526  0.0486  7   PRO A CD    
13  N N     . ASN A 28  ? 0.4075 0.6177 0.5116 0.0256  0.0972  0.0579  8   ASN A N     
14  C CA    . ASN A 28  ? 0.3669 0.4968 0.4692 0.0155  0.0269  0.0548  8   ASN A CA    
15  C C     . ASN A 28  ? 0.4622 0.6233 0.4431 -0.0305 0.0481  0.0230  8   ASN A C     
16  O O     . ASN A 28  ? 0.4433 0.6485 0.4151 0.0401  0.0284  0.0334  8   ASN A O     
17  C CB    . ASN A 28  ? 0.3497 0.4942 0.3958 0.0412  0.0263  0.0706  8   ASN A CB    
18  C CG    . ASN A 28  ? 0.3225 0.4912 0.3895 0.0206  0.0659  0.0602  8   ASN A CG    
19  O OD1   . ASN A 28  ? 0.3519 0.5776 0.3500 0.0740  0.0776  0.0566  8   ASN A OD1   
20  N ND2   . ASN A 28  ? 0.3312 0.5102 0.3309 0.0532  0.0393  0.0517  8   ASN A ND2   
21  N N     . ASP A 29  ? 0.4578 0.7097 0.5666 -0.0409 0.0336  0.0149  9   ASP A N     
22  C CA    . ASP A 29  ? 0.5379 0.6875 0.6062 -0.0431 0.0020  0.0012  9   ASP A CA    
23  C C     . ASP A 29  ? 0.4803 0.6465 0.5916 -0.0032 0.0537  -0.0316 9   ASP A C     
24  O O     . ASP A 29  ? 0.5455 0.7847 0.5514 -0.0822 0.0544  -0.0531 9   ASP A O     
25  C CB    . ASP A 29  ? 0.5866 0.6880 0.6982 -0.0355 0.0180  -0.0167 9   ASP A CB    
26  C CG    . ASP A 29  ? 0.7007 0.7600 0.9822 -0.0995 0.0736  -0.0177 9   ASP A CG    
27  O OD1   . ASP A 29  ? 0.7692 1.0175 1.2021 0.0851  0.1225  0.0088  9   ASP A OD1   
28  O OD2   . ASP A 29  ? 0.9083 0.8445 1.2124 0.0844  0.0886  0.0480  9   ASP A OD2   
29  N N     . GLY A 30  ? 0.4317 0.6486 0.4993 0.0297  0.0079  0.0544  10  GLY A N     
30  C CA    . GLY A 30  ? 0.3999 0.6348 0.4684 0.0282  0.0410  0.0433  10  GLY A CA    
31  C C     . GLY A 30  ? 0.4056 0.6609 0.4308 0.0027  0.0136  0.0728  10  GLY A C     
32  O O     . GLY A 30  ? 0.4354 0.8673 0.3930 0.0266  0.0604  0.0774  10  GLY A O     
33  N N     . GLY A 31  ? 0.3504 0.6536 0.4532 0.0083  0.0454  0.0303  11  GLY A N     
34  C CA    . GLY A 31  ? 0.3872 0.5395 0.3940 -0.0001 0.0458  -0.0043 11  GLY A CA    
35  C C     . GLY A 31  ? 0.3087 0.5198 0.3379 0.0531  0.0404  -0.0023 11  GLY A C     
36  O O     . GLY A 31  ? 0.3411 0.5547 0.3865 0.1054  0.1178  0.0031  11  GLY A O     
37  N N     . ILE A 32  ? 0.2763 0.4233 0.3188 0.0783  -0.0039 0.0195  12  ILE A N     
38  C CA    . ILE A 32  ? 0.2637 0.3862 0.2898 0.0946  0.0130  0.0430  12  ILE A CA    
39  C C     . ILE A 32  ? 0.3033 0.3311 0.2733 0.0646  -0.0042 0.0822  12  ILE A C     
40  O O     . ILE A 32  ? 0.3246 0.3566 0.2967 0.0886  0.0237  0.0769  12  ILE A O     
41  C CB    . ILE A 32  ? 0.2615 0.3854 0.2813 0.1072  0.0182  0.0423  12  ILE A CB    
42  C CG1   . ILE A 32  ? 0.2669 0.3577 0.3241 0.0790  -0.0044 0.0483  12  ILE A CG1   
43  C CG2   . ILE A 32  ? 0.2832 0.3554 0.2333 0.1100  0.0251  0.0405  12  ILE A CG2   
44  C CD1   . ILE A 32  ? 0.3558 0.3655 0.3587 0.0607  0.0148  0.0721  12  ILE A CD1   
45  N N     . LYS A 33  ? 0.2833 0.3608 0.2548 0.0908  0.0365  0.0356  13  LYS A N     
46  C CA    . LYS A 33  ? 0.2861 0.3539 0.2313 0.0900  0.0488  0.0407  13  LYS A CA    
47  C C     . LYS A 33  ? 0.2641 0.2727 0.2406 0.1171  0.0814  0.0485  13  LYS A C     
48  O O     . LYS A 33  ? 0.2847 0.2785 0.2957 0.1344  0.0610  0.0399  13  LYS A O     
49  C CB    . LYS A 33  ? 0.3344 0.3358 0.2406 0.0702  0.0528  0.0468  13  LYS A CB    
50  C CG    . LYS A 33  ? 0.3459 0.4144 0.2769 0.0265  0.0131  0.0731  13  LYS A CG    
51  C CD    . LYS A 33  ? 0.3798 0.4005 0.3766 0.0087  0.0154  0.0609  13  LYS A CD    
52  C CE    . LYS A 33  ? 0.3763 0.4582 0.4636 0.0030  -0.0196 0.0458  13  LYS A CE    
53  N NZ    . LYS A 33  ? 0.5013 0.4906 0.5549 0.0020  -0.0329 0.0184  13  LYS A NZ    
54  N N     . LEU A 34  ? 0.2629 0.2539 0.2430 0.1146  0.0488  0.0403  14  LEU A N     
55  C CA    . LEU A 34  ? 0.2598 0.2669 0.1832 0.0911  0.0534  0.0539  14  LEU A CA    
56  C C     . LEU A 34  ? 0.2763 0.2440 0.2020 0.0819  0.0289  0.0666  14  LEU A C     
57  O O     . LEU A 34  ? 0.3486 0.2594 0.2126 0.1174  0.0400  0.0655  14  LEU A O     
58  C CB    . LEU A 34  ? 0.2744 0.2684 0.2283 0.0853  0.0720  0.0317  14  LEU A CB    
59  C CG    . LEU A 34  ? 0.3016 0.3305 0.2112 0.0037  0.1229  0.0208  14  LEU A CG    
60  C CD1   . LEU A 34  ? 0.3190 0.3194 0.2955 0.0615  0.0467  0.0236  14  LEU A CD1   
61  C CD2   . LEU A 34  ? 0.2696 0.3267 0.2555 0.0735  0.0709  0.0007  14  LEU A CD2   
62  N N     . VAL A 35  ? 0.2980 0.2848 0.1919 0.1067  0.0345  0.0508  15  VAL A N     
63  C CA    . VAL A 35  ? 0.3106 0.2396 0.1856 0.0936  0.0385  0.0457  15  VAL A CA    
64  C C     . VAL A 35  ? 0.2956 0.2320 0.2361 0.0962  0.0550  0.0463  15  VAL A C     
65  O O     . VAL A 35  ? 0.3103 0.2382 0.2607 0.1128  0.0205  0.0803  15  VAL A O     
66  C CB    . VAL A 35  ? 0.3322 0.2759 0.1761 0.0918  0.0333  0.0239  15  VAL A CB    
67  C CG1   . VAL A 35  ? 0.3170 0.3114 0.2005 0.0575  0.0402  0.0924  15  VAL A CG1   
68  C CG2   . VAL A 35  ? 0.3212 0.3026 0.2792 0.0954  0.0465  0.0444  15  VAL A CG2   
69  N N     . MET A 36  ? 0.2746 0.2485 0.1567 0.0868  0.0550  0.0581  16  MET A N     
70  C CA    . MET A 36  ? 0.2899 0.2289 0.1756 0.0764  0.0139  0.0604  16  MET A CA    
71  C C     . MET A 36  ? 0.2451 0.2615 0.1689 0.0355  0.0202  0.0725  16  MET A C     
72  O O     . MET A 36  ? 0.3870 0.2661 0.2386 0.0623  0.0803  0.0906  16  MET A O     
73  C CB    . MET A 36  ? 0.3690 0.2854 0.1743 0.0895  0.0412  0.0513  16  MET A CB    
74  C CG    . MET A 36  ? 0.3824 0.4323 0.2479 0.0539  0.0741  0.0194  16  MET A CG    
75  S SD    . MET A 36  ? 0.4798 0.6290 0.3489 0.1629  0.0872  -0.0509 16  MET A SD    
76  C CE    . MET A 36  ? 0.4923 0.5596 0.4167 0.0742  0.0332  0.0692  16  MET A CE    
77  N N     . ALA A 37  ? 0.2350 0.2077 0.1647 0.1086  0.0339  0.0686  17  ALA A N     
78  C CA    . ALA A 37  ? 0.2737 0.2337 0.1569 0.1134  0.0337  0.0751  17  ALA A CA    
79  C C     . ALA A 37  ? 0.2740 0.2495 0.1522 0.1217  0.0659  0.0722  17  ALA A C     
80  O O     . ALA A 37  ? 0.2611 0.2247 0.2692 0.1399  0.0232  0.1281  17  ALA A O     
81  C CB    . ALA A 37  ? 0.2618 0.3011 0.1591 0.0838  0.0810  0.0544  17  ALA A CB    
82  N N     . ILE A 38  ? 0.3015 0.1913 0.1079 0.1045  0.0768  0.0610  18  ILE A N     
83  C CA    . ILE A 38  ? 0.2999 0.1960 0.1438 0.0969  0.0508  0.0483  18  ILE A CA    
84  C C     . ILE A 38  ? 0.2952 0.1924 0.1421 0.1013  0.0434  0.0598  18  ILE A C     
85  O O     . ILE A 38  ? 0.3763 0.2317 0.1700 0.0633  0.0651  0.0731  18  ILE A O     
86  C CB    . ILE A 38  ? 0.3272 0.1793 0.2046 0.0893  0.0836  0.0412  18  ILE A CB    
87  C CG1   . ILE A 38  ? 0.3822 0.3077 0.2635 0.1320  0.0623  -0.0908 18  ILE A CG1   
88  C CG2   . ILE A 38  ? 0.3094 0.2550 0.2794 0.1052  0.0378  0.0670  18  ILE A CG2   
89  C CD1   . ILE A 38  ? 0.4771 0.4123 0.3500 0.0514  0.0329  0.0387  18  ILE A CD1   
90  N N     . ILE A 39  ? 0.3134 0.2520 0.0896 0.0791  0.0586  0.0279  19  ILE A N     
91  C CA    . ILE A 39  ? 0.3416 0.2783 0.0748 0.0788  0.0607  0.0393  19  ILE A CA    
92  C C     . ILE A 39  ? 0.3013 0.2882 0.0565 0.0852  0.0857  0.0287  19  ILE A C     
93  O O     . ILE A 39  ? 0.3007 0.2963 0.0665 0.1058  0.1064  0.0421  19  ILE A O     
94  C CB    . ILE A 39  ? 0.3300 0.3558 0.1479 0.0989  0.0620  0.0254  19  ILE A CB    
95  C CG1   . ILE A 39  ? 0.2725 0.2774 0.1772 0.1093  0.0503  -0.0088 19  ILE A CG1   
96  C CG2   . ILE A 39  ? 0.4457 0.3967 0.0596 0.1199  0.0172  -0.0646 19  ILE A CG2   
97  C CD1   . ILE A 39  ? 0.2919 0.3130 0.2555 0.1406  0.0109  0.0137  19  ILE A CD1   
98  N N     . ARG A 40  ? 0.3166 0.2879 0.0554 0.1036  0.0896  0.0082  20  ARG A N     
99  C CA    . ARG A 40  ? 0.3226 0.2960 0.0613 0.0772  0.1003  0.0088  20  ARG A CA    
100 C C     . ARG A 40  ? 0.3340 0.3002 0.0939 0.0694  0.1032  0.0050  20  ARG A C     
101 O O     . ARG A 40  ? 0.3465 0.3669 0.1082 0.1101  0.1038  0.0301  20  ARG A O     
102 C CB    . ARG A 40  ? 0.3199 0.3210 0.0637 0.0272  0.0988  0.0024  20  ARG A CB    
103 C CG    . ARG A 40  ? 0.3275 0.3167 0.1065 0.0275  0.0793  0.0141  20  ARG A CG    
104 C CD    . ARG A 40  ? 0.3660 0.3395 0.1010 0.0327  0.0817  0.0440  20  ARG A CD    
105 N NE    . ARG A 40  ? 0.3444 0.3616 0.1408 0.0628  0.0714  0.0564  20  ARG A NE    
106 C CZ    . ARG A 40  ? 0.3648 0.3660 0.1638 0.0790  0.0540  0.0486  20  ARG A CZ    
107 N NH1   . ARG A 40  ? 0.4257 0.3738 0.1929 0.0353  0.0261  0.0913  20  ARG A NH1   
108 N NH2   . ARG A 40  ? 0.4287 0.4208 0.1554 0.0561  0.0409  0.1051  20  ARG A NH2   
109 N N     . PRO A 41  ? 0.3653 0.2830 0.1085 0.0741  0.1215  -0.0002 21  PRO A N     
110 C CA    . PRO A 41  ? 0.3893 0.2883 0.1294 0.0499  0.1160  -0.0019 21  PRO A CA    
111 C C     . PRO A 41  ? 0.4081 0.3102 0.1480 0.0917  0.1032  -0.0123 21  PRO A C     
112 O O     . PRO A 41  ? 0.4058 0.3525 0.1565 0.0781  0.1259  0.0494  21  PRO A O     
113 C CB    . PRO A 41  ? 0.3807 0.3444 0.2084 0.0473  0.1219  -0.0315 21  PRO A CB    
114 C CG    . PRO A 41  ? 0.3650 0.3371 0.2184 0.0437  0.0989  0.0152  21  PRO A CG    
115 C CD    . PRO A 41  ? 0.3568 0.3122 0.1693 0.0550  0.1112  -0.0157 21  PRO A CD    
116 N N     . ASP A 42  ? 0.3552 0.3267 0.1629 0.0974  0.1026  0.0177  22  ASP A N     
117 C CA    . ASP A 42  ? 0.3923 0.2772 0.1833 0.0961  0.0826  0.0100  22  ASP A CA    
118 C C     . ASP A 42  ? 0.3747 0.3443 0.1730 0.0673  0.0545  -0.0012 22  ASP A C     
119 O O     . ASP A 42  ? 0.4761 0.4224 0.1639 0.0412  0.1682  -0.0470 22  ASP A O     
120 C CB    . ASP A 42  ? 0.4163 0.4302 0.1972 0.0762  0.0427  0.0052  22  ASP A CB    
121 C CG    . ASP A 42  ? 0.5911 0.4532 0.4810 0.0249  0.0100  0.0574  22  ASP A CG    
122 O OD1   . ASP A 42  ? 0.6821 0.7172 0.7318 -0.0806 -0.0557 -0.0746 22  ASP A OD1   
123 O OD2   . ASP A 42  ? 1.0191 1.0618 0.4944 0.0633  -0.0616 -0.0492 22  ASP A OD2   
124 N N     . LYS A 43  ? 0.3457 0.3100 0.1224 0.0791  0.0900  0.0148  23  LYS A N     
125 C CA    . LYS A 43  ? 0.3441 0.2972 0.1489 0.0886  0.1070  0.0246  23  LYS A CA    
126 C C     . LYS A 43  ? 0.3054 0.3107 0.1847 0.0791  0.1117  0.0234  23  LYS A C     
127 O O     . LYS A 43  ? 0.3367 0.2973 0.1466 0.1251  0.1111  0.0482  23  LYS A O     
128 C CB    . LYS A 43  ? 0.2913 0.3059 0.1868 0.0884  0.0625  0.0350  23  LYS A CB    
129 C CG    . LYS A 43  ? 0.3417 0.2974 0.1937 0.0777  0.0667  0.0331  23  LYS A CG    
130 C CD    . LYS A 43  ? 0.4031 0.3136 0.1797 0.0535  0.0558  0.0141  23  LYS A CD    
131 C CE    . LYS A 43  ? 0.4716 0.3394 0.2004 0.0556  0.0340  0.0409  23  LYS A CE    
132 N NZ    . LYS A 43  ? 0.5430 0.5186 0.2462 0.0632  0.0932  -0.0272 23  LYS A NZ    
133 N N     . LEU A 44  ? 0.3052 0.2984 0.1600 0.0999  0.1015  0.0515  24  LEU A N     
134 C CA    . LEU A 44  ? 0.2946 0.2886 0.1656 0.0968  0.0729  0.0105  24  LEU A CA    
135 C C     . LEU A 44  ? 0.3713 0.2693 0.1390 0.1136  0.0800  0.0128  24  LEU A C     
136 O O     . LEU A 44  ? 0.3462 0.3009 0.1577 0.1254  0.1074  0.0467  24  LEU A O     
137 C CB    . LEU A 44  ? 0.2809 0.2678 0.1589 0.0800  0.0547  0.0226  24  LEU A CB    
138 C CG    . LEU A 44  ? 0.2869 0.2796 0.1754 0.1042  0.0658  0.0425  24  LEU A CG    
139 C CD1   . LEU A 44  ? 0.2854 0.3035 0.2560 0.1168  0.0427  0.0275  24  LEU A CD1   
140 C CD2   . LEU A 44  ? 0.3091 0.3250 0.1628 0.0605  0.0633  0.0314  24  LEU A CD2   
141 N N     . ALA A 45  ? 0.3894 0.2658 0.1434 0.1140  0.1178  0.0315  25  ALA A N     
142 C CA    . ALA A 45  ? 0.4091 0.2437 0.2760 0.1136  0.0988  0.0211  25  ALA A CA    
143 C C     . ALA A 45  ? 0.4527 0.3150 0.1928 0.1191  0.1198  0.0329  25  ALA A C     
144 O O     . ALA A 45  ? 0.4350 0.3475 0.2038 0.1664  0.1392  -0.0052 25  ALA A O     
145 C CB    . ALA A 45  ? 0.4749 0.3386 0.2604 0.0476  0.1300  -0.0142 25  ALA A CB    
146 N N     . ASP A 46  ? 0.3643 0.2901 0.1676 0.1367  0.1380  0.0118  26  ASP A N     
147 C CA    . ASP A 46  ? 0.3964 0.3907 0.1988 0.1020  0.1386  0.0258  26  ASP A CA    
148 C C     . ASP A 46  ? 0.3330 0.2969 0.2111 0.1835  0.1165  0.0358  26  ASP A C     
149 O O     . ASP A 46  ? 0.3554 0.3404 0.1712 0.1677  0.1554  0.0374  26  ASP A O     
150 C CB    . ASP A 46  ? 0.4557 0.3738 0.2033 0.0379  0.1077  0.0445  26  ASP A CB    
151 C CG    . ASP A 46  ? 0.5891 0.4731 0.2922 0.0261  0.0880  -0.0210 26  ASP A CG    
152 O OD1   . ASP A 46  ? 0.6188 0.5214 0.3118 0.0909  0.1108  -0.0601 26  ASP A OD1   
153 O OD2   . ASP A 46  ? 0.7787 0.6138 0.2654 0.0504  0.1039  0.0182  26  ASP A OD2   
154 N N     . VAL A 47  ? 0.3149 0.3002 0.1609 0.1284  0.1287  0.0293  27  VAL A N     
155 C CA    . VAL A 47  ? 0.3021 0.3099 0.1773 0.1220  0.1202  0.0261  27  VAL A CA    
156 C C     . VAL A 47  ? 0.2908 0.3009 0.1655 0.1238  0.1067  0.0079  27  VAL A C     
157 O O     . VAL A 47  ? 0.3149 0.3125 0.1883 0.1443  0.0964  0.0405  27  VAL A O     
158 C CB    . VAL A 47  ? 0.2707 0.2475 0.2178 0.0858  0.1149  0.0244  27  VAL A CB    
159 C CG1   . VAL A 47  ? 0.3350 0.2830 0.3007 0.0842  0.0505  0.0012  27  VAL A CG1   
160 C CG2   . VAL A 47  ? 0.2989 0.2637 0.2188 0.0665  0.0577  0.0309  27  VAL A CG2   
161 N N     . LYS A 48  ? 0.2861 0.3009 0.1904 0.1334  0.0618  0.0263  28  LYS A N     
162 C CA    . LYS A 48  ? 0.2917 0.2948 0.2196 0.1402  0.0674  0.0315  28  LYS A CA    
163 C C     . LYS A 48  ? 0.3339 0.3288 0.2225 0.1341  0.1074  0.0049  28  LYS A C     
164 O O     . LYS A 48  ? 0.3602 0.3973 0.2259 0.1703  0.1107  0.0460  28  LYS A O     
165 C CB    . LYS A 48  ? 0.3168 0.3137 0.2360 0.1246  0.0957  0.0244  28  LYS A CB    
166 C CG    . LYS A 48  ? 0.3519 0.3796 0.2214 0.1102  0.1043  -0.0099 28  LYS A CG    
167 C CD    . LYS A 48  ? 0.4155 0.5013 0.3085 -0.0042 0.1268  0.0164  28  LYS A CD    
168 C CE    . LYS A 48  ? 0.4245 0.4973 0.3854 -0.0313 0.0946  0.0697  28  LYS A CE    
169 N NZ    . LYS A 48  ? 0.5534 0.4057 0.3115 0.0427  0.1717  0.0314  28  LYS A NZ    
170 N N     . THR A 49  ? 0.3570 0.3394 0.2368 0.1610  0.1284  0.0095  29  THR A N     
171 C CA    . THR A 49  ? 0.3671 0.3038 0.2562 0.1662  0.1405  0.0183  29  THR A CA    
172 C C     . THR A 49  ? 0.4032 0.3592 0.2795 0.1433  0.0965  -0.0035 29  THR A C     
173 O O     . THR A 49  ? 0.4094 0.3987 0.2569 0.2115  0.1278  0.0368  29  THR A O     
174 C CB    . THR A 49  ? 0.3901 0.3897 0.2975 0.1494  0.1282  -0.0350 29  THR A CB    
175 O OG1   . THR A 49  ? 0.4724 0.4176 0.3159 0.1238  0.1713  -0.0348 29  THR A OG1   
176 C CG2   . THR A 49  ? 0.4028 0.3872 0.3032 0.1157  0.1376  -0.0659 29  THR A CG2   
177 N N     . ALA A 50  ? 0.3662 0.3617 0.2296 0.1865  0.1207  0.0135  30  ALA A N     
178 C CA    . ALA A 50  ? 0.3756 0.3929 0.3253 0.1375  0.0923  0.0306  30  ALA A CA    
179 C C     . ALA A 50  ? 0.3205 0.3480 0.2964 0.1350  0.1652  0.0471  30  ALA A C     
180 O O     . ALA A 50  ? 0.3323 0.5045 0.3191 0.1554  0.1281  0.0759  30  ALA A O     
181 C CB    . ALA A 50  ? 0.3402 0.3858 0.2976 0.0794  0.0583  0.0537  30  ALA A CB    
182 N N     . LEU A 51  ? 0.2761 0.3668 0.2505 0.1465  0.1156  0.0464  31  LEU A N     
183 C CA    . LEU A 51  ? 0.3106 0.3499 0.2751 0.0932  0.1056  0.0352  31  LEU A CA    
184 C C     . LEU A 51  ? 0.3582 0.3588 0.2956 0.1131  0.1039  0.0484  31  LEU A C     
185 O O     . LEU A 51  ? 0.3243 0.4744 0.3168 0.1692  0.1277  0.0461  31  LEU A O     
186 C CB    . LEU A 51  ? 0.2954 0.2951 0.2455 0.0735  0.0902  0.0448  31  LEU A CB    
187 C CG    . LEU A 51  ? 0.3019 0.3278 0.2535 0.1077  0.0854  0.0470  31  LEU A CG    
188 C CD1   . LEU A 51  ? 0.2653 0.4084 0.3412 0.1035  0.0891  -0.0051 31  LEU A CD1   
189 C CD2   . LEU A 51  ? 0.3350 0.3650 0.3778 0.0734  0.0493  0.0537  31  LEU A CD2   
190 N N     . ALA A 52  ? 0.3109 0.3344 0.3162 0.1525  0.1049  0.0535  32  ALA A N     
191 C CA    . ALA A 52  ? 0.3021 0.4153 0.3531 0.1874  0.0540  0.0698  32  ALA A CA    
192 C C     . ALA A 52  ? 0.2949 0.4363 0.4078 0.2479  0.1299  0.0112  32  ALA A C     
193 O O     . ALA A 52  ? 0.4985 0.5804 0.4033 0.2142  0.0895  0.0640  32  ALA A O     
194 C CB    . ALA A 52  ? 0.4057 0.4116 0.3850 0.1555  0.0509  0.0423  32  ALA A CB    
195 N N     . GLU A 53  ? 0.3679 0.4825 0.4177 0.2395  0.1849  0.0140  33  GLU A N     
196 C CA    . GLU A 53  ? 0.3330 0.5903 0.4007 0.2040  0.1369  -0.0261 33  GLU A CA    
197 C C     . GLU A 53  ? 0.3670 0.5646 0.4172 0.1718  0.1490  0.0127  33  GLU A C     
198 O O     . GLU A 53  ? 0.3918 0.7744 0.5244 0.2107  0.2114  0.0524  33  GLU A O     
199 C CB    . GLU A 53  ? 0.4785 0.6368 0.3669 0.1699  0.1373  -0.0197 33  GLU A CB    
200 C CG    . GLU A 53  ? 0.6227 0.7177 0.5604 0.0917  0.0688  -0.0404 33  GLU A CG    
201 C CD    . GLU A 53  ? 0.7886 0.9521 0.5859 0.0212  0.0431  -0.0053 33  GLU A CD    
202 O OE1   . GLU A 53  ? 0.5919 1.1087 0.8970 0.0139  0.1660  -0.2074 33  GLU A OE1   
203 O OE2   . GLU A 53  ? 0.9772 1.0390 0.7188 0.0229  0.1810  0.0898  33  GLU A OE2   
204 N N     . VAL A 54  ? 0.4140 0.4939 0.3666 0.1231  0.1691  0.0544  34  VAL A N     
205 C CA    . VAL A 54  ? 0.3999 0.5894 0.4390 0.0926  0.1614  0.0037  34  VAL A CA    
206 C C     . VAL A 54  ? 0.4089 0.5344 0.4546 0.0783  0.1700  -0.0074 34  VAL A C     
207 O O     . VAL A 54  ? 0.3929 0.5905 0.5586 0.0902  0.1332  -0.0111 34  VAL A O     
208 C CB    . VAL A 54  ? 0.4815 0.5597 0.4165 0.0615  0.1120  -0.0124 34  VAL A CB    
209 C CG1   . VAL A 54  ? 0.4081 0.5855 0.4249 0.0188  0.1111  0.0392  34  VAL A CG1   
210 C CG2   . VAL A 54  ? 0.5088 0.6469 0.5939 0.0091  0.0899  0.0079  34  VAL A CG2   
211 N N     . GLY A 55  ? 0.3622 0.4929 0.3929 0.1423  0.1118  -0.0076 35  GLY A N     
212 C CA    . GLY A 55  ? 0.3559 0.5704 0.4592 0.1708  0.0809  0.0468  35  GLY A CA    
213 C C     . GLY A 55  ? 0.3704 0.5860 0.4315 0.1541  0.0656  0.0631  35  GLY A C     
214 O O     . GLY A 55  ? 0.4181 0.6914 0.4076 0.1179  0.0682  0.0342  35  GLY A O     
215 N N     . ALA A 56  ? 0.3535 0.5578 0.3851 0.1506  0.1281  0.0810  36  ALA A N     
216 C CA    . ALA A 56  ? 0.3183 0.4987 0.3698 0.1231  0.1107  0.0846  36  ALA A CA    
217 C C     . ALA A 56  ? 0.3335 0.4488 0.3200 0.1555  0.1570  0.0263  36  ALA A C     
218 O O     . ALA A 56  ? 0.3307 0.5936 0.4739 0.2298  0.1169  0.1085  36  ALA A O     
219 C CB    . ALA A 56  ? 0.4374 0.4957 0.4335 0.0869  0.1090  -0.0067 36  ALA A CB    
220 N N     . PRO A 57  ? 0.3390 0.4117 0.3715 0.1777  0.1214  0.0135  37  PRO A N     
221 C CA    . PRO A 57  ? 0.3834 0.4256 0.4067 0.1534  0.0989  -0.0388 37  PRO A CA    
222 C C     . PRO A 57  ? 0.3070 0.4552 0.4328 0.1378  0.0851  -0.0231 37  PRO A C     
223 O O     . PRO A 57  ? 0.3210 0.5151 0.3153 0.1470  0.0934  0.0117  37  PRO A O     
224 C CB    . PRO A 57  ? 0.4078 0.4208 0.4936 0.1580  0.0715  -0.0324 37  PRO A CB    
225 C CG    . PRO A 57  ? 0.3857 0.5047 0.5326 0.1115  0.0646  0.0259  37  PRO A CG    
226 C CD    . PRO A 57  ? 0.3216 0.4698 0.4610 0.1698  0.0749  0.0195  37  PRO A CD    
227 N N     . SER A 58  ? 0.2248 0.3792 0.3795 0.1571  0.1195  0.0168  38  SER A N     
228 C CA    . SER A 58  ? 0.2195 0.3388 0.3286 0.1470  0.0888  0.0305  38  SER A CA    
229 C C     . SER A 58  ? 0.2192 0.3394 0.3438 0.1389  0.0721  0.0513  38  SER A C     
230 O O     . SER A 58  ? 0.2673 0.3691 0.4272 0.1448  0.1260  0.0724  38  SER A O     
231 C CB    . SER A 58  ? 0.2860 0.3465 0.3935 0.1293  0.0238  0.0307  38  SER A CB    
232 O OG    . SER A 58  ? 0.3450 0.4557 0.3789 0.2163  0.0302  0.0387  38  SER A OG    
233 N N     . LEU A 59  ? 0.2340 0.2430 0.2998 0.1428  0.0846  0.0528  39  LEU A N     
234 C CA    . LEU A 59  ? 0.2248 0.2245 0.2160 0.1255  0.0628  0.0240  39  LEU A CA    
235 C C     . LEU A 59  ? 0.2444 0.2142 0.1430 0.1545  0.0450  0.0772  39  LEU A C     
236 O O     . LEU A 59  ? 0.2729 0.2023 0.1812 0.1743  0.0692  0.0807  39  LEU A O     
237 C CB    . LEU A 59  ? 0.3290 0.3197 0.2089 0.1112  0.0564  0.0367  39  LEU A CB    
238 C CG    . LEU A 59  ? 0.4071 0.3632 0.1227 0.0852  0.0847  0.0235  39  LEU A CG    
239 C CD1   . LEU A 59  ? 0.3772 0.4125 0.2260 0.0744  -0.0090 0.0456  39  LEU A CD1   
240 C CD2   . LEU A 59  ? 0.3416 0.3864 0.2967 0.0822  0.0346  0.0150  39  LEU A CD2   
241 N N     . THR A 60  ? 0.2388 0.1940 0.2095 0.1506  0.0505  0.0709  40  THR A N     
242 C CA    . THR A 60  ? 0.2385 0.2121 0.1612 0.1216  0.0214  0.0666  40  THR A CA    
243 C C     . THR A 60  ? 0.2096 0.2040 0.1141 0.1141  0.0564  0.0725  40  THR A C     
244 O O     . THR A 60  ? 0.2677 0.2195 0.2055 0.1046  0.0425  0.1108  40  THR A O     
245 C CB    . THR A 60  ? 0.2645 0.2099 0.1785 0.1222  0.0148  0.0484  40  THR A CB    
246 O OG1   . THR A 60  ? 0.2785 0.2723 0.1614 0.1610  0.0311  0.0560  40  THR A OG1   
247 C CG2   . THR A 60  ? 0.2729 0.2639 0.2103 0.1000  0.0266  0.0533  40  THR A CG2   
248 N N     . VAL A 61  ? 0.1881 0.2013 0.1322 0.1375  0.0416  0.0685  41  VAL A N     
249 C CA    . VAL A 61  ? 0.1723 0.2113 0.1493 0.1070  0.0292  0.0676  41  VAL A CA    
250 C C     . VAL A 61  ? 0.1810 0.2100 0.1493 0.1116  0.0348  0.0753  41  VAL A C     
251 O O     . VAL A 61  ? 0.2607 0.1704 0.1353 0.1396  0.0754  0.0540  41  VAL A O     
252 C CB    . VAL A 61  ? 0.2614 0.2804 0.1293 0.1055  0.0488  0.0343  41  VAL A CB    
253 C CG1   . VAL A 61  ? 0.3215 0.3408 0.1917 0.0884  0.0005  -0.0025 41  VAL A CG1   
254 C CG2   . VAL A 61  ? 0.2825 0.3414 0.1670 0.0739  0.0799  0.0094  41  VAL A CG2   
255 N N     . THR A 62  ? 0.2417 0.2158 0.0964 0.1411  0.0698  0.0855  42  THR A N     
256 C CA    . THR A 62  ? 0.2150 0.2467 0.1080 0.1142  0.0490  0.0722  42  THR A CA    
257 C C     . THR A 62  ? 0.2193 0.1977 0.1492 0.1232  0.0276  0.0657  42  THR A C     
258 O O     . THR A 62  ? 0.2419 0.2323 0.1489 0.1407  0.0698  0.0783  42  THR A O     
259 C CB    . THR A 62  ? 0.2713 0.2855 0.1165 0.1422  0.0352  0.0250  42  THR A CB    
260 O OG1   . THR A 62  ? 0.3135 0.3465 0.2086 0.1343  0.0025  0.0631  42  THR A OG1   
261 C CG2   . THR A 62  ? 0.2645 0.3007 0.1185 0.1205  0.0279  0.0354  42  THR A CG2   
262 N N     . ASN A 63  ? 0.2061 0.1873 0.1442 0.1386  0.0148  0.0773  43  ASN A N     
263 C CA    . ASN A 63  ? 0.2151 0.2090 0.1367 0.1405  0.0031  0.0261  43  ASN A CA    
264 C C     . ASN A 63  ? 0.2354 0.2058 0.0641 0.1480  0.0547  0.0560  43  ASN A C     
265 O O     . ASN A 63  ? 0.2955 0.2659 0.0844 0.1969  0.0953  0.0437  43  ASN A O     
266 C CB    . ASN A 63  ? 0.2734 0.2052 0.1552 0.1306  0.0190  0.0270  43  ASN A CB    
267 C CG    . ASN A 63  ? 0.3430 0.1922 0.2154 0.1428  -0.0189 0.0226  43  ASN A CG    
268 O OD1   . ASN A 63  ? 0.3792 0.3012 0.2829 0.1437  0.0534  -0.0103 43  ASN A OD1   
269 N ND2   . ASN A 63  ? 0.3882 0.2408 0.1982 0.1445  -0.0200 0.0904  43  ASN A ND2   
270 N N     . VAL A 64  ? 0.2291 0.1939 0.0659 0.1497  0.0376  0.0529  44  VAL A N     
271 C CA    . VAL A 64  ? 0.2313 0.1968 0.0730 0.1390  0.0316  0.0351  44  VAL A CA    
272 C C     . VAL A 64  ? 0.2114 0.1983 0.0842 0.1335  0.0417  0.0403  44  VAL A C     
273 O O     . VAL A 64  ? 0.3051 0.2197 0.0612 0.1588  0.0113  0.0430  44  VAL A O     
274 C CB    . VAL A 64  ? 0.2550 0.2160 0.0925 0.1188  0.0381  0.0411  44  VAL A CB    
275 C CG1   . VAL A 64  ? 0.2421 0.2048 0.1318 0.0936  -0.0021 -0.0002 44  VAL A CG1   
276 C CG2   . VAL A 64  ? 0.2566 0.1997 0.1152 0.0740  0.0508  0.0360  44  VAL A CG2   
277 N N     . SER A 65  ? 0.2807 0.2013 0.0535 0.1531  0.0461  0.0133  45  SER A N     
278 C CA    A SER A 65  ? 0.2499 0.2062 0.1103 0.1062  0.0157  0.0413  45  SER A CA    
279 C CA    B SER A 65  ? 0.2821 0.2035 0.1166 0.1047  0.0032  0.0505  45  SER A CA    
280 C C     . SER A 65  ? 0.2602 0.1835 0.0832 0.1388  0.0115  0.0467  45  SER A C     
281 O O     . SER A 65  ? 0.3757 0.2219 0.0645 0.0901  0.0225  0.0384  45  SER A O     
282 C CB    A SER A 65  ? 0.2410 0.2194 0.1649 0.0810  0.0058  0.0183  45  SER A CB    
283 C CB    B SER A 65  ? 0.2981 0.2185 0.1480 0.0718  0.0372  0.0063  45  SER A CB    
284 O OG    A SER A 65  ? 0.2075 0.2348 0.1872 0.0915  0.0158  0.0603  45  SER A OG    
285 O OG    B SER A 65  ? 0.3642 0.2530 0.1323 0.1308  0.0367  0.0163  45  SER A OG    
286 N N     . GLY A 66  ? 0.3052 0.1723 0.0905 0.1481  0.0058  0.0554  46  GLY A N     
287 C CA    . GLY A 66  ? 0.2985 0.1924 0.1714 0.1221  0.0032  0.0731  46  GLY A CA    
288 C C     . GLY A 66  ? 0.2910 0.1859 0.1102 0.1310  0.0320  0.0387  46  GLY A C     
289 O O     . GLY A 66  ? 0.3424 0.2254 0.1111 0.1420  0.0208  0.0435  46  GLY A O     
290 N N     . ARG A 67  ? 0.3499 0.1977 0.1177 0.1136  0.0545  0.0478  47  ARG A N     
291 C CA    . ARG A 67  ? 0.3710 0.2142 0.1245 0.1324  0.0521  0.0577  47  ARG A CA    
292 C C     . ARG A 67  ? 0.3734 0.2264 0.1638 0.1420  0.0634  0.0254  47  ARG A C     
293 O O     . ARG A 67  ? 0.4092 0.2638 0.1287 0.1486  0.0552  0.0855  47  ARG A O     
294 C CB    . ARG A 67  ? 0.3416 0.2428 0.2419 0.1031  0.0120  0.0618  47  ARG A CB    
295 C CG    . ARG A 67  ? 0.3566 0.2500 0.2774 0.1066  0.0639  0.0512  47  ARG A CG    
296 C CD    . ARG A 67  ? 0.3593 0.2834 0.3190 0.1208  0.0024  0.0261  47  ARG A CD    
297 N NE    . ARG A 67  ? 0.3816 0.2619 0.3031 0.1845  -0.0258 0.0516  47  ARG A NE    
298 C CZ    . ARG A 67  ? 0.4196 0.2215 0.3732 0.1810  0.0039  0.0692  47  ARG A CZ    
299 N NH1   . ARG A 67  ? 0.4591 0.2271 0.3735 0.1613  0.0254  0.0471  47  ARG A NH1   
300 N NH2   . ARG A 67  ? 0.4349 0.3831 0.3997 0.1540  -0.0085 0.0636  47  ARG A NH2   
301 N N     . GLY A 68  ? 0.4403 0.2578 0.1509 0.1138  0.0931  0.0827  48  GLY A N     
302 C CA    . GLY A 68  ? 0.4361 0.2685 0.2488 0.1219  0.0641  0.0388  48  GLY A CA    
303 C C     . GLY A 68  ? 0.5492 0.2238 0.2864 0.1326  0.0147  0.0650  48  GLY A C     
304 O O     . GLY A 68  ? 0.6347 0.2709 0.4185 0.1419  0.1081  0.1293  48  GLY A O     
305 N N     . SER A 69  ? 0.6290 0.3101 0.3939 0.1445  0.0467  0.1487  49  SER A N     
306 C CA    . SER A 69  ? 0.6334 0.3644 0.4655 0.1687  0.0021  0.1396  49  SER A CA    
307 C C     . SER A 69  ? 0.5659 0.5200 0.3465 0.2587  0.0394  0.2535  49  SER A C     
308 O O     . SER A 69  ? 0.9340 0.5526 0.7052 0.4045  -0.0182 0.2674  49  SER A O     
309 C CB    . SER A 69  ? 0.7121 0.4743 0.5336 0.0411  0.0380  0.1237  49  SER A CB    
310 O OG    . SER A 69  ? 0.7419 0.4670 0.6983 0.0712  -0.0428 0.1118  49  SER A OG    
311 N N     . VAL A 84  ? 0.7115 0.4683 0.4101 0.3161  -0.0161 0.1093  64  VAL A N     
312 C CA    . VAL A 84  ? 0.6237 0.4085 0.4991 0.2044  0.0189  0.0009  64  VAL A CA    
313 C C     . VAL A 84  ? 0.5967 0.5116 0.5540 0.3578  -0.1576 0.1184  64  VAL A C     
314 O O     . VAL A 84  ? 0.7279 0.6236 0.5355 0.3368  -0.1968 0.0265  64  VAL A O     
315 C CB    . VAL A 84  ? 0.6085 0.4947 0.5742 0.2033  0.0285  -0.0056 64  VAL A CB    
316 C CG1   . VAL A 84  ? 0.5919 0.5067 0.5657 0.1857  0.0138  -0.0169 64  VAL A CG1   
317 C CG2   . VAL A 84  ? 0.6809 0.4642 0.5909 0.1241  0.0049  -0.0154 64  VAL A CG2   
318 N N     . ASP A 85  ? 0.5647 0.3959 0.5619 0.3748  -0.1352 0.1381  65  ASP A N     
319 C CA    . ASP A 85  ? 0.6666 0.4352 0.4431 0.1340  -0.0320 0.1643  65  ASP A CA    
320 C C     . ASP A 85  ? 0.7341 0.4431 0.2999 0.2740  -0.1330 0.1239  65  ASP A C     
321 O O     . ASP A 85  ? 0.9075 0.8675 0.3010 0.4623  0.0525  0.2524  65  ASP A O     
322 C CB    . ASP A 85  ? 0.4946 0.5620 0.5547 0.2735  -0.0773 0.0452  65  ASP A CB    
323 C CG    . ASP A 85  ? 0.5363 0.7099 0.6844 0.3675  -0.0591 0.0129  65  ASP A CG    
324 O OD1   . ASP A 85  ? 0.7976 0.6161 0.7527 0.3807  0.0556  0.0405  65  ASP A OD1   
325 O OD2   . ASP A 85  ? 0.8384 0.9384 0.6795 0.1311  -0.0802 -0.0410 65  ASP A OD2   
326 N N     . LEU A 86  ? 0.3767 0.2675 0.2146 0.2047  -0.0035 0.0537  66  LEU A N     
327 C CA    . LEU A 86  ? 0.3127 0.2223 0.1908 0.1461  0.0309  0.0200  66  LEU A CA    
328 C C     . LEU A 86  ? 0.3154 0.2093 0.1464 0.1279  0.0017  0.0429  66  LEU A C     
329 O O     . LEU A 86  ? 0.3263 0.2125 0.1747 0.1278  0.0330  0.0303  66  LEU A O     
330 C CB    . LEU A 86  ? 0.3256 0.2031 0.1875 0.1503  0.0128  0.0498  66  LEU A CB    
331 C CG    . LEU A 86  ? 0.3136 0.2236 0.1978 0.1245  0.0094  0.0326  66  LEU A CG    
332 C CD1   . LEU A 86  ? 0.3271 0.2809 0.1993 0.1297  -0.0040 0.0245  66  LEU A CD1   
333 C CD2   . LEU A 86  ? 0.3143 0.2490 0.2714 0.1134  0.0239  0.0238  66  LEU A CD2   
334 N N     . HIS A 87  ? 0.3040 0.1638 0.1854 0.1296  -0.0103 0.0630  67  HIS A N     
335 C CA    . HIS A 87  ? 0.3000 0.1932 0.1111 0.1075  -0.0060 0.0421  67  HIS A CA    
336 C C     . HIS A 87  ? 0.2726 0.2262 0.0899 0.1113  0.0170  0.0541  67  HIS A C     
337 O O     . HIS A 87  ? 0.3225 0.1839 0.1227 0.1504  -0.0137 0.0437  67  HIS A O     
338 C CB    . HIS A 87  ? 0.3548 0.2421 0.1374 0.1128  0.0307  0.0696  67  HIS A CB    
339 C CG    . HIS A 87  ? 0.4800 0.4563 0.2134 0.1771  -0.0459 0.0969  67  HIS A CG    
340 N ND1   . HIS A 87  ? 0.6239 0.6273 0.3143 0.1246  0.0397  0.1084  67  HIS A ND1   
341 C CD2   . HIS A 87  ? 0.5053 0.6062 0.2866 0.1871  -0.0295 0.1437  67  HIS A CD2   
342 C CE1   . HIS A 87  ? 0.8030 0.7615 0.5453 0.1584  -0.1513 0.1319  67  HIS A CE1   
343 N NE2   . HIS A 87  ? 0.7602 0.7977 0.5368 0.2335  -0.2444 0.3824  67  HIS A NE2   
344 N N     . GLN A 88  ? 0.2884 0.2225 0.0813 0.1296  0.0165  0.0512  68  GLN A N     
345 C CA    . GLN A 88  ? 0.2580 0.2113 0.0991 0.1194  0.0296  0.0596  68  GLN A CA    
346 C C     . GLN A 88  ? 0.2715 0.2156 0.0879 0.1302  0.0414  0.0376  68  GLN A C     
347 O O     . GLN A 88  ? 0.3250 0.2871 0.0839 0.1322  0.0500  0.0513  68  GLN A O     
348 C CB    . GLN A 88  ? 0.2937 0.2227 0.1951 0.0957  0.0201  0.0730  68  GLN A CB    
349 C CG    . GLN A 88  ? 0.3280 0.2263 0.2673 0.1398  0.0340  0.0645  68  GLN A CG    
350 C CD    . GLN A 88  ? 0.4188 0.3026 0.2129 0.1778  -0.0009 0.0309  68  GLN A CD    
351 O OE1   . GLN A 88  ? 0.4408 0.3817 0.2079 0.1775  -0.0110 0.0009  68  GLN A OE1   
352 N NE2   . GLN A 88  ? 0.4988 0.3536 0.3316 0.0702  0.0324  0.0957  68  GLN A NE2   
353 N N     . LYS A 89  ? 0.3011 0.2032 0.0710 0.1387  0.0241  0.0474  69  LYS A N     
354 C CA    . LYS A 89  ? 0.2880 0.2135 0.1028 0.1053  0.0218  0.0513  69  LYS A CA    
355 C C     . LYS A 89  ? 0.2397 0.2003 0.0930 0.1282  0.0725  0.0471  69  LYS A C     
356 O O     . LYS A 89  ? 0.2659 0.2256 0.0852 0.1491  0.0790  0.0664  69  LYS A O     
357 C CB    . LYS A 89  ? 0.2795 0.2425 0.0983 0.0942  0.0698  0.0552  69  LYS A CB    
358 C CG    . LYS A 89  ? 0.2744 0.2193 0.1342 0.0804  0.0454  0.0509  69  LYS A CG    
359 C CD    . LYS A 89  ? 0.2833 0.2388 0.1414 0.0647  0.0453  0.0323  69  LYS A CD    
360 C CE    . LYS A 89  ? 0.2936 0.2896 0.1546 0.0664  0.0396  0.0581  69  LYS A CE    
361 N NZ    . LYS A 89  ? 0.3239 0.3177 0.1615 0.0689  0.0758  0.0740  69  LYS A NZ    
362 N N     . VAL A 90  ? 0.2461 0.2426 0.0867 0.1122  0.0679  0.0607  70  VAL A N     
363 C CA    A VAL A 90  ? 0.2517 0.2194 0.1063 0.1190  0.0566  0.0484  70  VAL A CA    
364 C CA    B VAL A 90  ? 0.2510 0.2349 0.1166 0.1213  0.0470  0.0481  70  VAL A CA    
365 C C     . VAL A 90  ? 0.2435 0.2297 0.0974 0.1221  0.0740  0.0381  70  VAL A C     
366 O O     . VAL A 90  ? 0.2917 0.2351 0.1114 0.1183  0.0769  0.0553  70  VAL A O     
367 C CB    A VAL A 90  ? 0.2863 0.1755 0.1828 0.1217  0.0148  0.0472  70  VAL A CB    
368 C CB    B VAL A 90  ? 0.2649 0.2440 0.2140 0.0892  0.0747  0.0145  70  VAL A CB    
369 C CG1   A VAL A 90  ? 0.2520 0.1824 0.1934 0.0705  -0.0337 0.0044  70  VAL A CG1   
370 C CG1   B VAL A 90  ? 0.3353 0.2991 0.2596 0.0684  0.0456  -0.0028 70  VAL A CG1   
371 C CG2   A VAL A 90  ? 0.2886 0.2676 0.2868 0.0869  0.0420  0.0188  70  VAL A CG2   
372 C CG2   B VAL A 90  ? 0.2494 0.2185 0.2020 0.0630  0.0659  0.0000  70  VAL A CG2   
373 N N     . LYS A 91  ? 0.2487 0.1917 0.0971 0.1424  0.0590  0.0591  71  LYS A N     
374 C CA    . LYS A 91  ? 0.2377 0.1679 0.1431 0.1256  0.0581  0.0745  71  LYS A CA    
375 C C     . LYS A 91  ? 0.2309 0.2042 0.1314 0.1344  0.0599  0.0980  71  LYS A C     
376 O O     . LYS A 91  ? 0.2651 0.2244 0.2132 0.1425  0.0643  0.1428  71  LYS A O     
377 C CB    . LYS A 91  ? 0.3004 0.2105 0.1671 0.0943  0.0777  0.0455  71  LYS A CB    
378 C CG    . LYS A 91  ? 0.3023 0.2641 0.1962 0.0847  0.0644  0.0589  71  LYS A CG    
379 C CD    . LYS A 91  ? 0.4236 0.4042 0.2532 0.0125  0.0794  -0.0411 71  LYS A CD    
380 C CE    . LYS A 91  ? 0.4715 0.4039 0.2450 0.0124  0.0428  0.0311  71  LYS A CE    
381 N NZ    . LYS A 91  ? 0.4825 0.4524 0.2950 0.0474  0.0997  -0.0713 71  LYS A NZ    
382 N N     . VAL A 92  ? 0.2246 0.2542 0.1641 0.1361  0.0530  0.0875  72  VAL A N     
383 C CA    . VAL A 92  ? 0.2140 0.2422 0.1727 0.1149  0.0478  0.1057  72  VAL A CA    
384 C C     . VAL A 92  ? 0.2596 0.2376 0.2000 0.1157  0.0384  0.0855  72  VAL A C     
385 O O     . VAL A 92  ? 0.3201 0.2552 0.2026 0.1137  0.0202  0.1310  72  VAL A O     
386 C CB    . VAL A 92  ? 0.2622 0.3148 0.2185 0.0974  0.0842  0.0406  72  VAL A CB    
387 C CG1   . VAL A 92  ? 0.3055 0.3673 0.2668 0.1035  0.0094  0.0548  72  VAL A CG1   
388 C CG2   . VAL A 92  ? 0.2986 0.3417 0.2328 0.0722  0.0623  0.0365  72  VAL A CG2   
389 N N     . GLU A 93  ? 0.2545 0.2401 0.1884 0.1066  0.0259  0.0765  73  GLU A N     
390 C CA    . GLU A 93  ? 0.2275 0.2326 0.2179 0.0983  0.0437  0.0804  73  GLU A CA    
391 C C     . GLU A 93  ? 0.2322 0.2223 0.1678 0.1028  0.0270  0.0440  73  GLU A C     
392 O O     . GLU A 93  ? 0.2681 0.2335 0.2264 0.1256  0.0463  0.0776  73  GLU A O     
393 C CB    . GLU A 93  ? 0.2458 0.2238 0.2274 0.1135  0.0348  0.0343  73  GLU A CB    
394 C CG    . GLU A 93  ? 0.2677 0.2227 0.3016 0.1230  0.0315  0.0103  73  GLU A CG    
395 C CD    . GLU A 93  ? 0.3489 0.3510 0.3548 0.1308  0.0928  0.0094  73  GLU A CD    
396 O OE1   . GLU A 93  ? 0.4785 0.3999 0.3172 0.0784  0.0576  0.0402  73  GLU A OE1   
397 O OE2   . GLU A 93  ? 0.4596 0.3674 0.5742 0.0452  0.0745  -0.0540 73  GLU A OE2   
398 N N     . CYS A 94  ? 0.2528 0.2409 0.2011 0.1061  0.0060  0.0635  74  CYS A N     
399 C CA    A CYS A 94  ? 0.2434 0.2795 0.1816 0.1087  0.0385  0.0473  74  CYS A CA    
400 C CA    B CYS A 94  ? 0.2476 0.3003 0.2323 0.1136  0.0201  0.0497  74  CYS A CA    
401 C C     . CYS A 94  ? 0.2386 0.2548 0.1909 0.1289  0.0596  0.0396  74  CYS A C     
402 O O     . CYS A 94  ? 0.2722 0.2907 0.2362 0.1129  0.0259  0.0929  74  CYS A O     
403 C CB    A CYS A 94  ? 0.2442 0.2425 0.1988 0.1181  0.0498  0.0225  74  CYS A CB    
404 C CB    B CYS A 94  ? 0.3752 0.3002 0.2490 0.0925  0.0252  -0.0237 74  CYS A CB    
405 S SG    A CYS A 94  ? 0.2731 0.2837 0.1772 0.0898  0.0626  0.0123  74  CYS A SG    
406 S SG    B CYS A 94  ? 0.4258 0.5636 0.5177 0.1713  0.0407  0.0823  74  CYS A SG    
407 N N     . VAL A 95  ? 0.2728 0.2782 0.2003 0.1070  0.0463  0.0643  75  VAL A N     
408 C CA    . VAL A 95  ? 0.2620 0.2758 0.2218 0.1000  0.0625  0.0579  75  VAL A CA    
409 C C     . VAL A 95  ? 0.2581 0.2988 0.2326 0.1179  0.0388  0.0524  75  VAL A C     
410 O O     . VAL A 95  ? 0.2732 0.3139 0.2876 0.1433  0.0514  0.0465  75  VAL A O     
411 C CB    . VAL A 95  ? 0.2685 0.2720 0.2176 0.1132  0.0439  0.0685  75  VAL A CB    
412 C CG1   . VAL A 95  ? 0.2980 0.3247 0.2393 0.0725  0.0575  0.0379  75  VAL A CG1   
413 C CG2   . VAL A 95  ? 0.2732 0.2900 0.2194 0.1198  0.0284  0.0307  75  VAL A CG2   
414 N N     . VAL A 96  ? 0.2290 0.3121 0.2665 0.1376  0.0409  0.0464  76  VAL A N     
415 C CA    . VAL A 96  ? 0.2321 0.3585 0.2671 0.1249  0.0536  0.0528  76  VAL A CA    
416 C C     . VAL A 96  ? 0.2696 0.3409 0.2775 0.1134  0.0500  0.0680  76  VAL A C     
417 O O     . VAL A 96  ? 0.2800 0.3707 0.3051 0.1143  0.0667  0.0372  76  VAL A O     
418 C CB    . VAL A 96  ? 0.3042 0.3824 0.2478 0.0691  0.0843  0.0201  76  VAL A CB    
419 C CG1   . VAL A 96  ? 0.3867 0.4232 0.2855 0.0328  0.0728  0.0073  76  VAL A CG1   
420 C CG2   . VAL A 96  ? 0.2837 0.4049 0.2645 0.0495  0.0358  0.0727  76  VAL A CG2   
421 N N     . ALA A 97  ? 0.2556 0.3987 0.3615 0.1196  0.0509  0.0228  77  ALA A N     
422 C CA    . ALA A 97  ? 0.2938 0.3931 0.3246 0.0950  0.0450  0.0404  77  ALA A CA    
423 C C     . ALA A 97  ? 0.2689 0.5032 0.3583 0.1216  0.0456  0.0710  77  ALA A C     
424 O O     . ALA A 97  ? 0.3136 0.5570 0.4316 0.1045  0.0890  0.0622  77  ALA A O     
425 C CB    . ALA A 97  ? 0.3631 0.4186 0.3381 0.0304  0.0195  0.0514  77  ALA A CB    
426 N N     . ASP A 98  ? 0.3195 0.5196 0.3813 0.1096  0.0996  0.0550  78  ASP A N     
427 C CA    . ASP A 98  ? 0.3169 0.5365 0.4182 0.1037  0.0988  0.0263  78  ASP A CA    
428 C C     . ASP A 98  ? 0.3370 0.6001 0.4213 0.0989  0.0913  0.0484  78  ASP A C     
429 O O     . ASP A 98  ? 0.3645 0.7900 0.5096 0.1264  0.1819  0.0456  78  ASP A O     
430 C CB    . ASP A 98  ? 0.4881 0.5102 0.4914 0.0856  0.0524  0.0200  78  ASP A CB    
431 C CG    . ASP A 98  ? 0.6570 0.5934 0.5374 0.0598  -0.0283 0.0085  78  ASP A CG    
432 O OD1   . ASP A 98  ? 0.6805 0.6819 0.7386 0.0297  -0.0433 -0.0959 78  ASP A OD1   
433 O OD2   . ASP A 98  ? 0.8783 0.6002 0.7006 0.0870  0.0982  0.0425  78  ASP A OD2   
434 N N     . THR A 99  ? 0.3355 0.5269 0.3938 0.1720  0.0891  0.0329  79  THR A N     
435 C CA    . THR A 99  ? 0.3582 0.4673 0.4043 0.1290  0.0551  0.0404  79  THR A CA    
436 C C     . THR A 99  ? 0.2999 0.4794 0.3258 0.1256  0.0992  0.0699  79  THR A C     
437 O O     . THR A 99  ? 0.3053 0.5610 0.2929 0.1145  0.0938  0.0285  79  THR A O     
438 C CB    . THR A 99  ? 0.4191 0.4377 0.4129 0.1429  0.0467  -0.0291 79  THR A CB    
439 O OG1   . THR A 99  ? 0.4742 0.4877 0.4927 0.1657  0.0161  0.0447  79  THR A OG1   
440 C CG2   . THR A 99  ? 0.4340 0.4812 0.4254 0.0580  0.0225  -0.0231 79  THR A CG2   
441 N N     . PRO A 100 ? 0.3382 0.5312 0.3420 0.0597  0.1290  0.0501  80  PRO A N     
442 C CA    . PRO A 100 ? 0.3667 0.5230 0.3172 0.0591  0.0980  0.0264  80  PRO A CA    
443 C C     . PRO A 100 ? 0.3549 0.4538 0.3151 0.0651  0.0871  0.0308  80  PRO A C     
444 O O     . PRO A 100 ? 0.3313 0.4910 0.3131 0.1132  0.0761  0.0157  80  PRO A O     
445 C CB    . PRO A 100 ? 0.3572 0.5123 0.3297 0.0196  0.0780  0.0301  80  PRO A CB    
446 C CG    . PRO A 100 ? 0.3453 0.5669 0.4726 0.0288  0.0979  0.0246  80  PRO A CG    
447 C CD    . PRO A 100 ? 0.2919 0.5409 0.4032 0.0749  0.1060  0.0174  80  PRO A CD    
448 N N     . ALA A 101 ? 0.3388 0.4284 0.3299 0.0593  0.0781  0.0406  81  ALA A N     
449 C CA    . ALA A 101 ? 0.3364 0.4056 0.3057 0.0422  0.0673  0.0570  81  ALA A CA    
450 C C     . ALA A 101 ? 0.3352 0.4325 0.3385 0.0694  0.0476  0.0721  81  ALA A C     
451 O O     . ALA A 101 ? 0.3389 0.4597 0.2517 0.0979  0.0573  0.0419  81  ALA A O     
452 C CB    . ALA A 101 ? 0.3533 0.3641 0.3627 0.0740  0.0755  0.0578  81  ALA A CB    
453 N N     . GLU A 102 ? 0.4167 0.5229 0.3750 0.0119  0.0718  0.0657  82  GLU A N     
454 C CA    . GLU A 102 ? 0.4926 0.4756 0.4090 0.0251  0.0261  0.0697  82  GLU A CA    
455 C C     . GLU A 102 ? 0.4026 0.4454 0.3618 0.0732  0.0479  0.1093  82  GLU A C     
456 O O     . GLU A 102 ? 0.4128 0.6490 0.3384 0.0208  0.0532  0.1332  82  GLU A O     
457 C CB    . GLU A 102 ? 0.5581 0.5249 0.5560 -0.0296 0.0399  0.0918  82  GLU A CB    
458 C CG    . GLU A 102 ? 0.6528 0.5725 0.6953 0.0047  0.0226  0.0527  82  GLU A CG    
459 C CD    . GLU A 102 ? 0.7772 0.6665 0.7217 -0.0869 -0.0983 0.1305  82  GLU A CD    
460 O OE1   . GLU A 102 ? 1.0292 0.7962 0.7691 -0.0154 0.0289  0.2436  82  GLU A OE1   
461 O OE2   . GLU A 102 ? 0.8860 1.0732 0.9500 -0.0195 -0.2482 0.0793  82  GLU A OE2   
462 N N     . ASP A 103 ? 0.3668 0.5043 0.3511 0.0996  0.0692  0.0858  83  ASP A N     
463 C CA    . ASP A 103 ? 0.4191 0.5245 0.4264 0.0585  0.0868  0.0399  83  ASP A CA    
464 C C     . ASP A 103 ? 0.3442 0.5107 0.2809 0.1124  0.1157  0.0281  83  ASP A C     
465 O O     . ASP A 103 ? 0.3766 0.5411 0.2654 0.1056  0.1223  0.0178  83  ASP A O     
466 C CB    . ASP A 103 ? 0.4232 0.6041 0.4476 0.1139  0.1027  -0.0217 83  ASP A CB    
467 C CG    . ASP A 103 ? 0.4704 0.7369 0.6468 0.0593  0.1169  0.0262  83  ASP A CG    
468 O OD1   . ASP A 103 ? 0.5442 0.8165 0.6998 0.0321  0.2153  0.0981  83  ASP A OD1   
469 O OD2   . ASP A 103 ? 0.5092 0.9946 0.5874 0.2167  0.1726  0.0176  83  ASP A OD2   
470 N N     . VAL A 104 ? 0.3196 0.4608 0.2523 0.1021  0.0947  0.0139  84  VAL A N     
471 C CA    . VAL A 104 ? 0.3331 0.3739 0.2828 0.1086  0.0835  0.0105  84  VAL A CA    
472 C C     . VAL A 104 ? 0.3364 0.3431 0.2279 0.0682  0.0848  0.0430  84  VAL A C     
473 O O     . VAL A 104 ? 0.3176 0.3822 0.2375 0.1043  0.0878  0.0161  84  VAL A O     
474 C CB    . VAL A 104 ? 0.3363 0.3545 0.2840 0.1035  0.0636  0.0137  84  VAL A CB    
475 C CG1   . VAL A 104 ? 0.3748 0.4004 0.3230 0.0518  0.0577  -0.0200 84  VAL A CG1   
476 C CG2   . VAL A 104 ? 0.3232 0.4009 0.3533 0.0857  0.0424  0.0518  84  VAL A CG2   
477 N N     . ALA A 105 ? 0.2968 0.3432 0.2438 0.0855  0.0583  0.0375  85  ALA A N     
478 C CA    . ALA A 105 ? 0.3050 0.3785 0.2701 0.0829  0.0387  0.0269  85  ALA A CA    
479 C C     . ALA A 105 ? 0.3573 0.3924 0.2676 0.0453  0.0685  0.0784  85  ALA A C     
480 O O     . ALA A 105 ? 0.3555 0.3629 0.2636 0.1231  0.0631  0.0356  85  ALA A O     
481 C CB    . ALA A 105 ? 0.4074 0.3506 0.3368 0.0384  0.0521  0.0857  85  ALA A CB    
482 N N     . ASP A 106 ? 0.3768 0.5126 0.2604 0.0195  0.0756  0.0803  86  ASP A N     
483 C CA    . ASP A 106 ? 0.3839 0.4904 0.2598 0.0326  0.0645  0.0851  86  ASP A CA    
484 C C     . ASP A 106 ? 0.3584 0.4428 0.2890 0.0686  0.1044  0.1055  86  ASP A C     
485 O O     . ASP A 106 ? 0.3925 0.5695 0.2992 0.0843  0.1016  0.0202  86  ASP A O     
486 C CB    . ASP A 106 ? 0.4069 0.5315 0.3612 0.0347  0.1202  0.0984  86  ASP A CB    
487 C CG    . ASP A 106 ? 0.6390 0.5937 0.5382 -0.0289 0.0751  0.0817  86  ASP A CG    
488 O OD1   . ASP A 106 ? 0.7440 0.6821 0.6824 0.1034  0.0497  0.1990  86  ASP A OD1   
489 O OD2   . ASP A 106 ? 0.6731 1.0271 0.5953 -0.0568 0.2132  0.0401  86  ASP A OD2   
490 N N     . ALA A 107 ? 0.3363 0.4373 0.2292 0.0998  0.1040  0.0654  87  ALA A N     
491 C CA    . ALA A 107 ? 0.3423 0.4156 0.2904 0.1120  0.0964  0.0193  87  ALA A CA    
492 C C     . ALA A 107 ? 0.3463 0.3584 0.1757 0.1272  0.1012  -0.0055 87  ALA A C     
493 O O     . ALA A 107 ? 0.3524 0.3841 0.2220 0.1398  0.0718  0.0049  87  ALA A O     
494 C CB    . ALA A 107 ? 0.3425 0.3679 0.3237 0.1208  0.0727  -0.0035 87  ALA A CB    
495 N N     . ILE A 108 ? 0.3576 0.3639 0.1615 0.0946  0.0958  -0.0106 88  ILE A N     
496 C CA    . ILE A 108 ? 0.3511 0.3377 0.1910 0.0693  0.0819  0.0358  88  ILE A CA    
497 C C     . ILE A 108 ? 0.3466 0.3331 0.1664 0.0950  0.1052  0.0260  88  ILE A C     
498 O O     . ILE A 108 ? 0.3581 0.3568 0.1652 0.1141  0.0959  0.0356  88  ILE A O     
499 C CB    . ILE A 108 ? 0.3296 0.3006 0.1903 0.0582  0.0735  0.0324  88  ILE A CB    
500 C CG1   . ILE A 108 ? 0.3116 0.3602 0.1633 0.0513  0.0579  0.0288  88  ILE A CG1   
501 C CG2   . ILE A 108 ? 0.3312 0.3400 0.2466 0.0763  0.0616  0.0239  88  ILE A CG2   
502 C CD1   . ILE A 108 ? 0.3937 0.3527 0.1836 0.0477  0.0703  0.0080  88  ILE A CD1   
503 N N     . ALA A 109 ? 0.3122 0.3765 0.1836 0.0973  0.1066  0.0385  89  ALA A N     
504 C CA    . ALA A 109 ? 0.3782 0.3977 0.1892 0.0974  0.0704  0.0413  89  ALA A CA    
505 C C     . ALA A 109 ? 0.3922 0.4304 0.1988 0.0695  0.1237  0.0402  89  ALA A C     
506 O O     . ALA A 109 ? 0.4129 0.4557 0.1810 0.1358  0.1138  0.0633  89  ALA A O     
507 C CB    . ALA A 109 ? 0.3849 0.4111 0.2850 0.0847  0.0845  0.0492  89  ALA A CB    
508 N N     . ASP A 110 ? 0.3815 0.4354 0.1489 0.0761  0.1145  0.0580  90  ASP A N     
509 C CA    . ASP A 110 ? 0.4222 0.4360 0.1769 0.0724  0.1167  0.0358  90  ASP A CA    
510 C C     . ASP A 110 ? 0.3968 0.3962 0.1015 0.0814  0.1675  0.0516  90  ASP A C     
511 O O     . ASP A 110 ? 0.4784 0.4810 0.1841 0.1039  0.1045  0.0368  90  ASP A O     
512 C CB    . ASP A 110 ? 0.4494 0.4738 0.2570 0.0842  0.1753  0.0204  90  ASP A CB    
513 C CG    . ASP A 110 ? 0.5076 0.4846 0.4217 0.0728  0.2182  -0.0155 90  ASP A CG    
514 O OD1   . ASP A 110 ? 0.6082 0.5540 0.7148 0.1540  0.1876  0.1651  90  ASP A OD1   
515 O OD2   . ASP A 110 ? 0.5517 0.8196 0.6850 0.1651  0.3130  -0.0356 90  ASP A OD2   
516 N N     . ALA A 111 ? 0.3675 0.3632 0.0895 0.1048  0.1429  0.0392  91  ALA A N     
517 C CA    . ALA A 111 ? 0.3715 0.3442 0.1741 0.0850  0.1311  0.0623  91  ALA A CA    
518 C C     . ALA A 111 ? 0.3647 0.3612 0.0965 0.0808  0.1156  0.0093  91  ALA A C     
519 O O     . ALA A 111 ? 0.4311 0.3581 0.1335 0.0594  0.1424  -0.0087 91  ALA A O     
520 C CB    . ALA A 111 ? 0.3542 0.2848 0.2074 0.0940  0.1032  0.0364  91  ALA A CB    
521 N N     . ALA A 112 ? 0.3434 0.3221 0.1273 0.0685  0.1155  0.0280  92  ALA A N     
522 C CA    . ALA A 112 ? 0.3193 0.3406 0.1029 0.0634  0.0935  0.0387  92  ALA A CA    
523 C C     . ALA A 112 ? 0.3362 0.3214 0.1000 0.1186  0.1504  0.0357  92  ALA A C     
524 O O     . ALA A 112 ? 0.3899 0.3406 0.0941 0.1369  0.1574  0.0737  92  ALA A O     
525 C CB    . ALA A 112 ? 0.3464 0.3174 0.1064 0.0453  0.1316  0.0437  92  ALA A CB    
526 N N     . HIS A 113 ? 0.3809 0.3579 0.0979 0.1092  0.1505  0.0446  93  HIS A N     
527 C CA    . HIS A 113 ? 0.3819 0.3461 0.1131 0.0973  0.1255  0.0470  93  HIS A CA    
528 C C     . HIS A 113 ? 0.4150 0.3515 0.0983 0.0838  0.1395  0.0293  93  HIS A C     
529 O O     . HIS A 113 ? 0.4910 0.3607 0.1790 0.1075  0.0978  0.0241  93  HIS A O     
530 C CB    . HIS A 113 ? 0.3744 0.2976 0.1438 0.0816  0.0977  0.0652  93  HIS A CB    
531 C CG    . HIS A 113 ? 0.4372 0.3420 0.0813 0.1071  0.1216  0.0571  93  HIS A CG    
532 N ND1   . HIS A 113 ? 0.4779 0.4518 0.1190 0.1006  0.1502  0.0192  93  HIS A ND1   
533 C CD2   . HIS A 113 ? 0.4410 0.3320 0.1416 0.1085  0.1460  0.0641  93  HIS A CD2   
534 C CE1   . HIS A 113 ? 0.4951 0.4414 0.1233 0.0857  0.1301  0.0778  93  HIS A CE1   
535 N NE2   . HIS A 113 ? 0.4995 0.3964 0.1483 0.1090  0.1374  0.1181  93  HIS A NE2   
536 N N     . THR A 114 ? 0.4006 0.4236 0.0800 0.0845  0.1359  0.0308  94  THR A N     
537 C CA    . THR A 114 ? 0.4279 0.4084 0.1512 0.0742  0.1026  0.0299  94  THR A CA    
538 C C     . THR A 114 ? 0.4465 0.4313 0.1231 0.0590  0.1305  0.0416  94  THR A C     
539 O O     . THR A 114 ? 0.5130 0.5585 0.1226 0.0589  0.1066  0.0176  94  THR A O     
540 C CB    . THR A 114 ? 0.4222 0.4095 0.1730 0.0644  0.0957  0.0188  94  THR A CB    
541 O OG1   . THR A 114 ? 0.4450 0.4540 0.1567 0.1117  0.1674  0.0638  94  THR A OG1   
542 C CG2   . THR A 114 ? 0.4372 0.3567 0.2143 0.0424  0.0877  0.0000  94  THR A CG2   
543 N N     . GLY A 115 ? 0.4278 0.4056 0.1943 0.0621  0.1113  0.0810  95  GLY A N     
544 C CA    . GLY A 115 ? 0.3730 0.4135 0.2324 0.0538  0.0593  0.1069  95  GLY A CA    
545 C C     . GLY A 115 ? 0.4052 0.4017 0.2090 0.0940  0.0632  0.1047  95  GLY A C     
546 O O     . GLY A 115 ? 0.4925 0.5042 0.2747 0.1395  0.1247  0.2279  95  GLY A O     
547 N N     . GLU A 116 ? 0.4572 0.4588 0.2219 0.0699  0.0944  0.1558  96  GLU A N     
548 C CA    . GLU A 116 ? 0.4871 0.4566 0.1945 0.0972  0.0629  0.0502  96  GLU A CA    
549 C C     . GLU A 116 ? 0.4141 0.3717 0.1803 0.1532  0.0727  0.0970  96  GLU A C     
550 O O     . GLU A 116 ? 0.4491 0.4169 0.1623 0.1179  0.0662  0.1274  96  GLU A O     
551 C CB    . GLU A 116 ? 0.5043 0.5625 0.2481 0.0581  0.0411  0.0279  96  GLU A CB    
552 C CG    . GLU A 116 ? 0.5592 0.5084 0.3057 0.0495  0.0259  0.0061  96  GLU A CG    
553 C CD    . GLU A 116 ? 0.7243 0.7316 0.3104 0.0889  0.0372  0.0750  96  GLU A CD    
554 O OE1   . GLU A 116 ? 0.9531 0.8835 0.3479 0.0063  0.1549  0.0687  96  GLU A OE1   
555 O OE2   . GLU A 116 ? 0.8494 0.8125 0.5184 0.1834  -0.0289 0.0834  96  GLU A OE2   
556 N N     . LYS A 117 ? 0.4554 0.3521 0.2223 0.1511  0.1255  0.0902  97  LYS A N     
557 C CA    . LYS A 117 ? 0.3701 0.3510 0.2100 0.0802  0.0862  0.0702  97  LYS A CA    
558 C C     . LYS A 117 ? 0.3694 0.3582 0.1702 0.0930  0.0413  0.0917  97  LYS A C     
559 O O     . LYS A 117 ? 0.3672 0.4222 0.1682 0.0704  0.0639  0.0759  97  LYS A O     
560 C CB    . LYS A 117 ? 0.3913 0.4102 0.3083 0.0999  0.0429  0.1116  97  LYS A CB    
561 C CG    . LYS A 117 ? 0.4989 0.4649 0.3802 0.0475  0.0102  0.1509  97  LYS A CG    
562 C CD    . LYS A 117 ? 0.5408 0.5155 0.5814 0.1041  0.0231  0.0833  97  LYS A CD    
563 C CE    . LYS A 117 ? 0.6672 0.6084 0.7514 -0.0336 0.0826  0.0615  97  LYS A CE    
564 N NZ    . LYS A 117 ? 0.6471 0.7837 0.8589 -0.0212 0.0728  -0.0488 97  LYS A NZ    
565 N N     . GLY A 118 ? 0.4116 0.3052 0.1948 0.0774  0.0114  0.0752  98  GLY A N     
566 C CA    . GLY A 118 ? 0.3078 0.2881 0.2041 0.1016  0.0540  0.0697  98  GLY A CA    
567 C C     . GLY A 118 ? 0.3377 0.2866 0.0828 0.1208  0.0720  0.0767  98  GLY A C     
568 O O     . GLY A 118 ? 0.3630 0.3428 0.1324 0.0837  0.0739  0.1142  98  GLY A O     
569 N N     . ASP A 119 ? 0.3319 0.3603 0.1262 0.1148  0.0710  0.0508  99  ASP A N     
570 C CA    . ASP A 119 ? 0.3279 0.3033 0.1566 0.0794  0.0615  0.0501  99  ASP A CA    
571 C C     . ASP A 119 ? 0.3486 0.3032 0.1343 0.1155  0.0613  0.0828  99  ASP A C     
572 O O     . ASP A 119 ? 0.3548 0.2994 0.1351 0.1454  0.0818  0.0600  99  ASP A O     
573 C CB    . ASP A 119 ? 0.3462 0.3273 0.1577 0.0915  0.0802  0.0586  99  ASP A CB    
574 C CG    . ASP A 119 ? 0.3350 0.3722 0.1590 0.0659  0.0792  0.0487  99  ASP A CG    
575 O OD1   . ASP A 119 ? 0.3730 0.3543 0.1602 0.0789  0.0936  0.0347  99  ASP A OD1   
576 O OD2   . ASP A 119 ? 0.4147 0.3624 0.1207 0.0907  0.1345  0.0602  99  ASP A OD2   
577 N N     . GLY A 120 ? 0.3659 0.3042 0.1109 0.0866  0.0650  0.0825  100 GLY A N     
578 C CA    . GLY A 120 ? 0.3665 0.2661 0.1402 0.0763  0.0395  0.0570  100 GLY A CA    
579 C C     . GLY A 120 ? 0.3250 0.2409 0.1104 0.1087  0.0710  0.0623  100 GLY A C     
580 O O     . GLY A 120 ? 0.3838 0.2662 0.1097 0.1118  0.1086  0.0974  100 GLY A O     
581 N N     . LYS A 121 ? 0.3050 0.2565 0.0984 0.0876  0.0804  0.0921  101 LYS A N     
582 C CA    . LYS A 121 ? 0.3395 0.2558 0.1603 0.0984  0.0409  0.0822  101 LYS A CA    
583 C C     . LYS A 121 ? 0.2586 0.2492 0.1431 0.0949  0.0713  0.0691  101 LYS A C     
584 O O     . LYS A 121 ? 0.3516 0.2644 0.1748 0.0720  0.0818  0.0931  101 LYS A O     
585 C CB    . LYS A 121 ? 0.3480 0.2959 0.2251 0.1027  0.0071  0.0296  101 LYS A CB    
586 C CG    . LYS A 121 ? 0.3681 0.3182 0.3097 0.1316  -0.0206 0.0396  101 LYS A CG    
587 C CD    . LYS A 121 ? 0.4591 0.3003 0.3922 0.0636  0.0218  0.0937  101 LYS A CD    
588 C CE    . LYS A 121 ? 0.4946 0.3484 0.4101 0.1061  0.0003  0.0776  101 LYS A CE    
589 N NZ    . LYS A 121 ? 0.4964 0.3696 0.3440 0.0755  0.0560  0.0957  101 LYS A NZ    
590 N N     . ILE A 122 ? 0.2678 0.2776 0.1839 0.1052  0.0480  0.0516  102 ILE A N     
591 C CA    . ILE A 122 ? 0.2953 0.2834 0.1663 0.0940  0.0468  0.0771  102 ILE A CA    
592 C C     . ILE A 122 ? 0.2967 0.2955 0.1487 0.0790  0.0823  0.0831  102 ILE A C     
593 O O     . ILE A 122 ? 0.3939 0.2929 0.1364 0.0647  0.0822  0.0715  102 ILE A O     
594 C CB    . ILE A 122 ? 0.3094 0.2932 0.1785 0.1024  0.0452  0.0714  102 ILE A CB    
595 C CG1   . ILE A 122 ? 0.3513 0.3659 0.2139 0.0946  0.0252  0.0508  102 ILE A CG1   
596 C CG2   . ILE A 122 ? 0.3326 0.3084 0.2208 0.0846  -0.0085 0.0676  102 ILE A CG2   
597 C CD1   . ILE A 122 ? 0.3644 0.3951 0.3302 0.0850  0.0628  -0.0001 102 ILE A CD1   
598 N N     . PHE A 123 ? 0.3326 0.2498 0.1381 0.0670  0.0509  0.0797  103 PHE A N     
599 C CA    . PHE A 123 ? 0.2659 0.2661 0.1687 0.0664  0.0427  0.0613  103 PHE A CA    
600 C C     . PHE A 123 ? 0.2841 0.2539 0.1836 0.0815  0.0233  0.0311  103 PHE A C     
601 O O     . PHE A 123 ? 0.3968 0.2775 0.2316 0.0870  -0.0091 0.0858  103 PHE A O     
602 C CB    . PHE A 123 ? 0.3289 0.2491 0.1694 0.0901  0.0577  0.0383  103 PHE A CB    
603 C CG    . PHE A 123 ? 0.3321 0.2915 0.1463 0.0840  0.0521  0.0242  103 PHE A CG    
604 C CD1   . PHE A 123 ? 0.3169 0.2972 0.1681 0.0770  0.0707  0.0333  103 PHE A CD1   
605 C CD2   . PHE A 123 ? 0.3620 0.3169 0.1810 0.0857  0.0106  -0.0035 103 PHE A CD2   
606 C CE1   . PHE A 123 ? 0.3493 0.3298 0.1508 0.1042  0.0378  -0.0036 103 PHE A CE1   
607 C CE2   . PHE A 123 ? 0.3307 0.3133 0.2219 0.0699  0.0286  -0.0209 103 PHE A CE2   
608 C CZ    . PHE A 123 ? 0.3736 0.2982 0.2058 0.0957  0.0456  -0.0278 103 PHE A CZ    
609 N N     . ILE A 124 ? 0.2988 0.2683 0.1753 0.0658  0.0372  0.0555  104 ILE A N     
610 C CA    . ILE A 124 ? 0.3070 0.2860 0.2746 0.0644  -0.0103 0.0481  104 ILE A CA    
611 C C     . ILE A 124 ? 0.3618 0.2713 0.2423 0.0562  0.0220  0.0756  104 ILE A C     
612 O O     . ILE A 124 ? 0.3740 0.2682 0.2802 0.0688  0.0305  0.0395  104 ILE A O     
613 C CB    . ILE A 124 ? 0.3197 0.2987 0.2925 0.0830  0.0196  0.0556  104 ILE A CB    
614 C CG1   . ILE A 124 ? 0.3299 0.3908 0.2683 0.0802  0.0530  0.0519  104 ILE A CG1   
615 C CG2   . ILE A 124 ? 0.3312 0.3403 0.2706 0.0987  0.0327  0.0522  104 ILE A CG2   
616 C CD1   . ILE A 124 ? 0.3684 0.3910 0.3133 0.0663  0.0697  0.0561  104 ILE A CD1   
617 N N     . LEU A 125 ? 0.3882 0.2731 0.2164 0.0958  0.0374  0.0516  105 LEU A N     
618 C CA    . LEU A 125 ? 0.3354 0.2787 0.2651 0.1012  0.0147  0.0002  105 LEU A CA    
619 C C     . LEU A 125 ? 0.3496 0.2993 0.2316 0.0782  0.0294  0.0491  105 LEU A C     
620 O O     . LEU A 125 ? 0.3868 0.3015 0.2364 0.1053  0.0220  0.0273  105 LEU A O     
621 C CB    . LEU A 125 ? 0.3157 0.3039 0.2619 0.0626  -0.0268 0.0277  105 LEU A CB    
622 C CG    . LEU A 125 ? 0.2965 0.3284 0.3070 0.0728  0.0024  0.0395  105 LEU A CG    
623 C CD1   . LEU A 125 ? 0.3316 0.4043 0.2636 0.0361  0.0078  0.0502  105 LEU A CD1   
624 C CD2   . LEU A 125 ? 0.3507 0.4021 0.3268 0.0726  0.0326  0.0051  105 LEU A CD2   
625 N N     . PRO A 126 ? 0.3560 0.3215 0.2873 0.0671  0.0053  0.0174  106 PRO A N     
626 C CA    . PRO A 126 ? 0.3383 0.3425 0.2899 0.0607  0.0046  0.0260  106 PRO A CA    
627 C C     . PRO A 126 ? 0.3302 0.3350 0.3105 0.0711  0.0163  0.0327  106 PRO A C     
628 O O     . PRO A 126 ? 0.3620 0.3412 0.3266 0.0977  0.0539  0.0794  106 PRO A O     
629 C CB    . PRO A 126 ? 0.3517 0.3398 0.3970 0.0601  -0.0172 0.0339  106 PRO A CB    
630 C CG    . PRO A 126 ? 0.3640 0.3558 0.3649 0.0783  -0.0014 0.0121  106 PRO A CG    
631 C CD    . PRO A 126 ? 0.3937 0.3214 0.3774 0.0555  -0.0099 0.0079  106 PRO A CD    
632 N N     . VAL A 127 ? 0.3473 0.3674 0.2616 0.1107  0.0621  0.0562  107 VAL A N     
633 C CA    . VAL A 127 ? 0.3135 0.3345 0.2507 0.0789  0.0314  0.0365  107 VAL A CA    
634 C C     . VAL A 127 ? 0.2971 0.3984 0.2513 0.0694  0.0323  0.0717  107 VAL A C     
635 O O     . VAL A 127 ? 0.2921 0.4874 0.3128 0.0727  0.0326  0.0238  107 VAL A O     
636 C CB    . VAL A 127 ? 0.2842 0.3061 0.3023 0.0904  0.0344  0.0461  107 VAL A CB    
637 C CG1   . VAL A 127 ? 0.3100 0.3002 0.2907 0.0928  0.0267  0.0374  107 VAL A CG1   
638 C CG2   . VAL A 127 ? 0.3129 0.3409 0.2590 0.0702  0.0485  -0.0024 107 VAL A CG2   
639 N N     . GLU A 128 ? 0.3002 0.3724 0.2633 0.1007  0.0099  0.0003  108 GLU A N     
640 C CA    . GLU A 128 ? 0.3462 0.3918 0.2860 0.0531  -0.0060 0.0179  108 GLU A CA    
641 C C     . GLU A 128 ? 0.3466 0.3908 0.3127 0.0533  0.0111  0.0226  108 GLU A C     
642 O O     . GLU A 128 ? 0.3607 0.4372 0.4054 0.0673  -0.0087 0.0218  108 GLU A O     
643 C CB    . GLU A 128 ? 0.4295 0.4074 0.3135 0.0608  -0.0029 -0.0120 108 GLU A CB    
644 C CG    . GLU A 128 ? 0.5057 0.4033 0.4525 0.0460  -0.0412 0.0023  108 GLU A CG    
645 C CD    . GLU A 128 ? 0.6267 0.5271 0.5699 0.1094  0.0286  -0.0516 108 GLU A CD    
646 O OE1   . GLU A 128 ? 0.5287 0.5925 0.6606 0.1212  0.1213  0.0110  108 GLU A OE1   
647 O OE2   . GLU A 128 ? 0.5858 0.5635 0.8670 0.1727  -0.1709 0.0433  108 GLU A OE2   
648 N N     . ASN A 129 ? 0.3050 0.3769 0.2897 0.0795  0.0247  0.0555  109 ASN A N     
649 C CA    . ASN A 129 ? 0.3358 0.3685 0.2909 0.0841  0.0193  0.0373  109 ASN A CA    
650 C C     . ASN A 129 ? 0.3451 0.3514 0.2930 0.0731  -0.0130 0.1170  109 ASN A C     
651 O O     . ASN A 129 ? 0.3206 0.3412 0.2398 0.1458  0.0314  0.0608  109 ASN A O     
652 C CB    . ASN A 129 ? 0.4178 0.4512 0.2950 0.0537  -0.0317 0.0323  109 ASN A CB    
653 C CG    . ASN A 129 ? 0.5005 0.5674 0.4634 0.1255  -0.0851 0.0437  109 ASN A CG    
654 O OD1   . ASN A 129 ? 0.5521 0.5882 0.4058 0.1064  -0.0735 0.0370  109 ASN A OD1   
655 N ND2   . ASN A 129 ? 0.6925 0.7470 0.4651 0.0878  -0.0582 -0.0270 109 ASN A ND2   
656 N N     . ALA A 130 ? 0.2968 0.3847 0.3217 0.1007  -0.0221 0.1166  110 ALA A N     
657 C CA    . ALA A 130 ? 0.2755 0.3747 0.3105 0.1181  -0.0334 0.0800  110 ALA A CA    
658 C C     . ALA A 130 ? 0.2458 0.3693 0.2867 0.1126  0.0072  0.0764  110 ALA A C     
659 O O     . ALA A 130 ? 0.2589 0.4002 0.3768 0.1273  -0.0403 0.0939  110 ALA A O     
660 C CB    . ALA A 130 ? 0.3386 0.3840 0.3666 0.0781  0.0211  0.0235  110 ALA A CB    
661 N N     . ILE A 131 ? 0.2721 0.3466 0.2914 0.1281  0.0058  0.0790  111 ILE A N     
662 C CA    . ILE A 131 ? 0.2926 0.3188 0.3142 0.1647  0.0059  0.0518  111 ILE A CA    
663 C C     . ILE A 131 ? 0.2598 0.3222 0.2974 0.1264  0.0040  0.0896  111 ILE A C     
664 O O     . ILE A 131 ? 0.2836 0.3505 0.3403 0.1461  -0.0515 0.0762  111 ILE A O     
665 C CB    . ILE A 131 ? 0.3785 0.4252 0.3013 0.1082  0.0226  0.0352  111 ILE A CB    
666 C CG1   . ILE A 131 ? 0.4518 0.4845 0.4328 0.0725  -0.0183 0.0237  111 ILE A CG1   
667 C CG2   . ILE A 131 ? 0.4607 0.4114 0.3117 0.0471  0.0040  0.0276  111 ILE A CG2   
668 C CD1   . ILE A 131 ? 0.5798 0.6129 0.4701 0.0608  0.0145  0.0056  111 ILE A CD1   
669 N N     . GLN A 132 ? 0.2278 0.3594 0.3049 0.1565  -0.0272 0.1046  112 GLN A N     
670 C CA    . GLN A 132 ? 0.2446 0.3798 0.3198 0.1176  -0.0422 0.0704  112 GLN A CA    
671 C C     . GLN A 132 ? 0.2777 0.3469 0.3088 0.1259  -0.0270 0.0523  112 GLN A C     
672 O O     . GLN A 132 ? 0.3763 0.4745 0.3314 0.0691  -0.0332 0.0834  112 GLN A O     
673 C CB    . GLN A 132 ? 0.3002 0.4146 0.4501 0.1725  -0.0702 0.0607  112 GLN A CB    
674 C CG    . GLN A 132 ? 0.2919 0.5572 0.5447 0.1699  0.0207  0.0727  112 GLN A CG    
675 C CD    . GLN A 132 ? 0.3813 0.5311 0.4745 0.2422  -0.0117 0.1242  112 GLN A CD    
676 O OE1   . GLN A 132 ? 0.5778 0.8194 0.5952 0.1820  0.1580  0.1017  112 GLN A OE1   
677 N NE2   . GLN A 132 ? 0.3876 0.5352 0.3577 0.2350  0.0321  0.1194  112 GLN A NE2   
678 N N     . VAL A 133 ? 0.2769 0.2856 0.2894 0.1734  -0.0273 0.0814  113 VAL A N     
679 C CA    . VAL A 133 ? 0.2715 0.3208 0.2958 0.1632  -0.0242 0.0754  113 VAL A CA    
680 C C     . VAL A 133 ? 0.3413 0.3516 0.2297 0.1914  -0.0183 0.0886  113 VAL A C     
681 O O     . VAL A 133 ? 0.3674 0.3856 0.2363 0.2304  -0.0218 0.1099  113 VAL A O     
682 C CB    . VAL A 133 ? 0.2330 0.3091 0.2346 0.1826  0.0106  0.0497  113 VAL A CB    
683 C CG1   . VAL A 133 ? 0.2859 0.3496 0.2496 0.1373  0.0176  0.0570  113 VAL A CG1   
684 C CG2   . VAL A 133 ? 0.2271 0.3173 0.2071 0.1777  -0.0156 0.0457  113 VAL A CG2   
685 N N     . ARG A 134 ? 0.2862 0.3059 0.2789 0.2453  0.0023  0.0999  114 ARG A N     
686 C CA    . ARG A 134 ? 0.2947 0.2788 0.3505 0.1840  -0.0219 0.0722  114 ARG A CA    
687 C C     . ARG A 134 ? 0.3106 0.4489 0.2423 0.1021  0.0102  0.1002  114 ARG A C     
688 O O     . ARG A 134 ? 0.3445 0.4175 0.3264 0.2149  0.0234  0.1633  114 ARG A O     
689 C CB    . ARG A 134 ? 0.3177 0.3438 0.3477 0.1530  -0.0094 0.0605  114 ARG A CB    
690 C CG    . ARG A 134 ? 0.4190 0.3296 0.3980 0.1228  -0.0370 0.0733  114 ARG A CG    
691 C CD    . ARG A 134 ? 0.4541 0.4018 0.4564 0.1457  -0.0357 0.0218  114 ARG A CD    
692 N NE    . ARG A 134 ? 0.4435 0.5349 0.5213 0.1704  -0.0398 0.0402  114 ARG A NE    
693 C CZ    . ARG A 134 ? 0.4433 0.6410 0.4942 0.2180  -0.0753 0.0046  114 ARG A CZ    
694 N NH1   . ARG A 134 ? 0.5288 0.6327 0.5375 0.2036  -0.0860 -0.0640 114 ARG A NH1   
695 N NH2   . ARG A 134 ? 0.5422 0.7149 0.4603 0.1276  -0.0297 -0.0190 114 ARG A NH2   
696 N N     . THR A 135 ? 0.2707 0.3656 0.3067 0.1428  -0.0343 0.1042  115 THR A N     
697 C CA    . THR A 135 ? 0.3107 0.4201 0.2628 0.1391  -0.0523 0.1047  115 THR A CA    
698 C C     . THR A 135 ? 0.3240 0.4506 0.2622 0.1378  0.0018  0.0587  115 THR A C     
699 O O     . THR A 135 ? 0.4037 0.6643 0.3465 0.1077  -0.0114 0.0531  115 THR A O     
700 C CB    . THR A 135 ? 0.3144 0.3675 0.3535 0.1542  -0.0475 0.1428  115 THR A CB    
701 O OG1   . THR A 135 ? 0.3712 0.4328 0.3313 0.1574  -0.0336 0.1879  115 THR A OG1   
702 C CG2   . THR A 135 ? 0.3181 0.3980 0.3967 0.1639  -0.0047 0.1072  115 THR A CG2   
703 N N     . GLY A 136 ? 0.3098 0.4731 0.2985 0.1363  0.0003  0.0802  116 GLY A N     
704 C CA    . GLY A 136 ? 0.3734 0.4583 0.2829 0.1245  -0.1076 0.0870  116 GLY A CA    
705 C C     . GLY A 136 ? 0.3855 0.4702 0.2498 0.1113  -0.0872 0.0621  116 GLY A C     
706 O O     . GLY A 136 ? 0.4669 0.5131 0.2642 0.1069  -0.0467 0.0196  116 GLY A O     
707 N N     . LYS A 137 ? 0.3589 0.4247 0.3193 0.1183  -0.0456 0.0791  117 LYS A N     
708 C CA    . LYS A 137 ? 0.3397 0.4248 0.4007 0.1040  -0.0736 0.1063  117 LYS A CA    
709 C C     . LYS A 137 ? 0.2505 0.4008 0.4255 0.0739  -0.0390 0.0706  117 LYS A C     
710 O O     . LYS A 137 ? 0.3116 0.4685 0.3511 0.1386  -0.0325 0.0762  117 LYS A O     
711 C CB    . LYS A 137 ? 0.3066 0.4363 0.4840 0.1537  -0.0296 0.0970  117 LYS A CB    
712 C CG    . LYS A 137 ? 0.4307 0.4780 0.5376 0.0532  0.0128  0.0313  117 LYS A CG    
713 C CD    . LYS A 137 ? 0.4837 0.5214 0.5825 0.0844  0.0497  0.0332  117 LYS A CD    
714 C CE    . LYS A 137 ? 0.5034 0.5816 0.6436 0.0292  0.0212  0.0657  117 LYS A CE    
715 N NZ    . LYS A 137 ? 0.6277 0.6386 0.5956 0.0094  0.0307  0.0417  117 LYS A NZ    
716 N N     . THR A 138 ? 0.1946 0.4845 0.4689 0.0706  -0.1420 0.0780  118 THR A N     
717 C CA    . THR A 138 ? 0.2973 0.4839 0.4185 0.1483  -0.0886 0.1066  118 THR A CA    
718 C C     . THR A 138 ? 0.2520 0.5764 0.4725 0.1058  -0.1031 0.1192  118 THR A C     
719 O O     . THR A 138 ? 0.3065 0.6164 0.6600 0.0928  -0.0517 0.1347  118 THR A O     
720 C CB    . THR A 138 ? 0.4468 0.5553 0.4642 0.0509  -0.0684 0.0469  118 THR A CB    
721 O OG1   . THR A 138 ? 0.4887 0.6500 0.5497 0.0842  -0.1301 0.0020  118 THR A OG1   
722 C CG2   . THR A 138 ? 0.4697 0.5516 0.4306 0.0883  -0.0719 0.0572  118 THR A CG2   
723 N N     . GLY A 139 ? 0.3718 0.5251 0.4268 0.0564  -0.0708 0.1135  119 GLY A N     
724 C CA    . GLY A 139 ? 0.3652 0.5223 0.4577 0.0786  0.0070  0.0865  119 GLY A CA    
725 C C     . GLY A 139 ? 0.3361 0.5443 0.4496 0.0708  -0.0591 0.1336  119 GLY A C     
726 O O     . GLY A 139 ? 0.2929 0.5334 0.4405 0.1126  -0.0147 0.1006  119 GLY A O     
727 N N     . ARG A 140 ? 0.3782 0.5431 0.4378 0.0308  -0.0675 0.1175  120 ARG A N     
728 C CA    . ARG A 140 ? 0.1629 0.4359 0.4475 0.0978  -0.1230 0.1306  120 ARG A CA    
729 C C     . ARG A 140 ? 0.3600 0.4442 0.4133 0.1120  0.0300  0.1557  120 ARG A C     
730 O O     . ARG A 140 ? 0.3696 0.6198 0.4693 0.1474  -0.0402 0.1587  120 ARG A O     
731 C CB    . ARG A 140 ? 0.3786 0.5501 0.5125 -0.0063 0.0182  0.0596  120 ARG A CB    
732 C CG    . ARG A 140 ? 0.4239 0.6466 0.6080 0.0466  -0.0181 0.0689  120 ARG A CG    
733 C CD    . ARG A 140 ? 0.6018 0.6574 0.6242 0.0031  0.0252  0.0725  120 ARG A CD    
734 N NE    . ARG A 140 ? 0.5823 0.7989 0.6320 0.0601  0.0030  0.0460  120 ARG A NE    
735 C CZ    . ARG A 140 ? 0.6846 0.8211 0.6640 0.1134  -0.0020 0.0103  120 ARG A CZ    
736 N NH1   . ARG A 140 ? 0.5666 0.8633 0.6926 0.1386  -0.0465 -0.0457 120 ARG A NH1   
737 N NH2   . ARG A 140 ? 0.7560 0.8604 0.6830 0.1643  0.0448  0.0186  120 ARG A NH2   
738 N N     . ASP A 141 ? 0.3972 0.5634 0.4842 0.1104  -0.0307 0.1672  121 ASP A N     
739 C CA    . ASP A 141 ? 0.4235 0.6045 0.4995 0.1686  -0.0140 0.1460  121 ASP A CA    
740 C C     . ASP A 141 ? 0.3992 0.5831 0.4037 0.2098  0.0378  0.0977  121 ASP A C     
741 O O     . ASP A 141 ? 0.5627 0.5593 0.4985 0.2123  0.0424  0.1368  121 ASP A O     
742 C CB    . ASP A 141 ? 0.4343 0.7265 0.5819 0.1881  -0.0566 0.1338  121 ASP A CB    
743 C CG    . ASP A 141 ? 0.5357 0.9552 0.6577 0.1107  0.0037  0.2090  121 ASP A CG    
744 O OD1   . ASP A 141 ? 0.5624 1.1546 0.6246 0.2589  0.0859  0.1886  121 ASP A OD1   
745 O OD2   . ASP A 141 ? 0.6295 1.3377 0.7706 0.1070  -0.0361 0.0554  121 ASP A OD2   
746 N N     . ALA A 142 ? 0.4288 0.4433 0.3315 0.1571  0.0328  0.0988  122 ALA A N     
747 C CA    . ALA A 142 ? 0.4273 0.4683 0.4084 0.1275  0.0186  0.0762  122 ALA A CA    
748 C C     . ALA A 142 ? 0.3832 0.4665 0.4022 0.1020  0.0474  0.1177  122 ALA A C     
749 O O     . ALA A 142 ? 0.4818 0.4683 0.4068 0.0769  0.0405  0.1150  122 ALA A O     
750 C CB    . ALA A 142 ? 0.4357 0.4855 0.3937 0.0487  0.0418  0.0679  122 ALA A CB    
751 N N     . VAL A 143 ? 0.4558 0.4228 0.4079 0.1000  0.0132  0.1201  123 VAL A N     
752 C CA    . VAL A 143 ? 0.5654 0.5356 0.4472 0.0990  -0.0523 0.0414  123 VAL A CA    
753 C C     . VAL A 143 ? 0.5542 0.5788 0.3367 0.1592  -0.0043 0.0343  123 VAL A C     
754 O O     . VAL A 143 ? 0.6451 0.6342 0.3809 0.1572  -0.0197 0.1079  123 VAL A O     
755 C CB    . VAL A 143 ? 0.5123 0.5594 0.5473 0.0439  -0.0466 0.0944  123 VAL A CB    
756 C CG1   . VAL A 143 ? 0.4842 0.5641 0.5961 0.0831  0.0071  0.1093  123 VAL A CG1   
757 C CG2   . VAL A 143 ? 0.5830 0.5444 0.6407 0.0879  -0.0269 0.0467  123 VAL A CG2   
758 O OXT   . VAL A 143 ? 0.7336 0.5788 0.4273 0.2410  -0.0196 0.0007  123 VAL A OXT   
759 P PB    . ADP B .   ? 0.8056 0.6343 0.4235 0.3108  0.1558  0.1498  201 ADP A PB    
760 O O1B   . ADP B .   ? 0.6562 1.0767 0.9439 0.3567  0.1900  0.1696  201 ADP A O1B   
761 O O2B   . ADP B .   ? 1.0413 0.6799 0.6767 0.2412  0.1138  0.0613  201 ADP A O2B   
762 O O3B   . ADP B .   ? 0.7689 0.6438 0.4625 0.2882  0.2111  0.0875  201 ADP A O3B   
763 P PA    . ADP B .   ? 0.6974 0.3307 0.2182 0.1602  0.1028  0.0690  201 ADP A PA    
764 O O1A   . ADP B .   ? 0.5170 0.2795 0.1543 0.1198  0.0756  0.1032  201 ADP A O1A   
765 O O2A   . ADP B .   ? 0.8873 0.3605 0.3126 0.0070  0.2077  0.0370  201 ADP A O2A   
766 O O3A   . ADP B .   ? 0.7473 0.6296 0.2844 0.3491  0.0974  0.1040  201 ADP A O3A   
767 O "O5'" . ADP B .   ? 0.5048 0.3167 0.1853 0.0961  0.0819  0.0545  201 ADP A "O5'" 
768 C "C5'" . ADP B .   ? 0.4069 0.2951 0.1306 0.0931  0.0519  0.0339  201 ADP A "C5'" 
769 C "C4'" . ADP B .   ? 0.3340 0.2567 0.1268 0.1240  0.0419  0.0345  201 ADP A "C4'" 
770 O "O4'" . ADP B .   ? 0.3472 0.2493 0.1404 0.1283  0.0770  0.0341  201 ADP A "O4'" 
771 C "C3'" . ADP B .   ? 0.3298 0.2845 0.1257 0.1245  0.0441  0.0329  201 ADP A "C3'" 
772 O "O3'" . ADP B .   ? 0.3155 0.2745 0.1681 0.1613  0.0565  0.0206  201 ADP A "O3'" 
773 C "C2'" . ADP B .   ? 0.3556 0.2460 0.1308 0.0964  0.0425  0.0669  201 ADP A "C2'" 
774 O "O2'" . ADP B .   ? 0.3221 0.2485 0.1309 0.1026  0.0763  0.0436  201 ADP A "O2'" 
775 C "C1'" . ADP B .   ? 0.3535 0.2370 0.1348 0.1156  0.0539  0.0245  201 ADP A "C1'" 
776 N N9    . ADP B .   ? 0.3819 0.2603 0.0845 0.0953  0.0630  0.0467  201 ADP A N9    
777 C C8    . ADP B .   ? 0.4048 0.2649 0.1181 0.0805  0.0869  0.0601  201 ADP A C8    
778 N N7    . ADP B .   ? 0.4175 0.3069 0.1237 0.0591  0.0695  0.0332  201 ADP A N7    
779 C C5    . ADP B .   ? 0.3963 0.2726 0.1270 0.0712  0.0743  0.0318  201 ADP A C5    
780 C C6    . ADP B .   ? 0.3774 0.2392 0.1167 0.0967  0.0674  0.0381  201 ADP A C6    
781 N N6    . ADP B .   ? 0.4057 0.2726 0.1996 0.0416  0.0614  0.0318  201 ADP A N6    
782 N N1    . ADP B .   ? 0.3912 0.2693 0.1195 0.0867  0.0729  0.0337  201 ADP A N1    
783 C C2    . ADP B .   ? 0.3611 0.2656 0.1796 0.0567  0.0341  0.0188  201 ADP A C2    
784 N N3    . ADP B .   ? 0.3475 0.2521 0.0977 0.0963  0.0675  0.0452  201 ADP A N3    
785 C C4    . ADP B .   ? 0.3427 0.2282 0.0940 0.1329  0.0593  0.0505  201 ADP A C4    
786 O O     . HOH C .   ? 0.4757 0.6843 0.2895 0.1592  0.0227  -0.0562 301 HOH A O     
787 O O     . HOH C .   ? 0.5480 0.5031 0.2975 0.0783  0.0430  0.0570  302 HOH A O     
788 O O     . HOH C .   ? 0.3089 0.2849 0.2588 0.1076  0.0365  0.0732  303 HOH A O     
789 O O     . HOH C .   ? 0.4240 0.4824 0.6610 0.1390  0.1956  0.0021  304 HOH A O     
790 O O     . HOH C .   ? 0.5280 0.4045 0.3898 0.1945  0.0898  0.0268  305 HOH A O     
791 O O     . HOH C .   ? 0.7088 0.5432 0.4148 0.2000  0.0454  0.0118  306 HOH A O     
792 O O     . HOH C .   ? 0.7242 0.5672 0.2001 0.0588  0.1480  0.0097  307 HOH A O     
793 O O     . HOH C .   ? 0.4940 0.3633 0.1990 0.1635  0.1213  0.0988  308 HOH A O     
794 O O     . HOH C .   ? 0.4485 0.4468 0.2127 0.1176  -0.0127 0.0393  309 HOH A O     
795 O O     . HOH C .   ? 0.5280 0.3689 0.7039 0.1341  0.2712  -0.0679 310 HOH A O     
796 O O     . HOH C .   ? 0.5182 0.3084 0.4693 0.2189  -0.1769 -0.0046 311 HOH A O     
797 O O     . HOH C .   ? 0.4821 0.4798 0.2216 0.0318  0.1020  0.0815  312 HOH A O     
798 O O     . HOH C .   ? 0.5372 0.4934 0.4602 0.0004  -0.1093 0.0825  313 HOH A O     
799 O O     . HOH C .   ? 0.4056 0.4195 0.2814 0.1704  -0.0049 0.0966  314 HOH A O     
800 O O     . HOH C .   ? 0.4585 0.3209 0.2416 0.1566  0.0682  0.0525  315 HOH A O     
801 O O     . HOH C .   ? 0.4498 0.4186 0.4713 0.1376  0.1751  0.1055  316 HOH A O     
802 O O     . HOH C .   ? 0.5973 0.7133 0.4418 0.2545  0.0909  -0.1084 317 HOH A O     
803 O O     . HOH C .   ? 0.4390 0.5272 0.2980 0.1668  0.0313  0.1929  318 HOH A O     
804 O O     . HOH C .   ? 0.4826 0.5549 0.3746 -0.0718 -0.0866 0.1523  319 HOH A O     
805 O O     . HOH C .   ? 0.5587 0.4416 0.3117 -0.0115 0.0298  0.0548  320 HOH A O     
806 O O     . HOH C .   ? 0.4942 0.4297 0.4994 0.1079  0.0310  0.1606  321 HOH A O     
807 O O     . HOH C .   ? 0.4466 0.6784 0.6037 0.0821  0.0747  0.2364  322 HOH A O     
808 O O     . HOH C .   ? 0.3885 0.6207 0.3533 0.1587  0.0201  0.0576  323 HOH A O     
809 O O     . HOH C .   ? 0.7194 0.4018 0.3523 0.1401  0.2351  0.0624  324 HOH A O     
810 O O     . HOH C .   ? 0.5618 0.4502 0.4519 0.1966  -0.0534 0.0647  325 HOH A O     
811 O O     . HOH C .   ? 0.4807 0.4867 0.2286 0.1021  0.1083  0.1043  326 HOH A O     
812 O O     . HOH C .   ? 0.5441 0.6828 0.6100 0.1757  0.0133  -0.0100 327 HOH A O     
813 O O     . HOH C .   ? 0.4089 0.5553 0.6647 0.0567  -0.2015 0.1103  328 HOH A O     
814 O O     . HOH C .   ? 0.7944 1.3344 0.1938 0.5327  0.1571  0.3453  329 HOH A O     
815 O O     . HOH C .   ? 0.3315 0.7623 0.3643 0.1090  0.0917  0.1206  330 HOH A O     
816 O O     . HOH C .   ? 0.2853 0.3243 0.2391 0.1123  0.0595  0.0211  331 HOH A O     
817 O O     . HOH C .   ? 0.5720 0.5107 0.4424 -0.0067 0.1716  0.0170  332 HOH A O     
818 O O     . HOH C .   ? 0.5858 0.4850 0.3528 0.0789  0.1529  0.0621  333 HOH A O     
819 O O     . HOH C .   ? 0.5341 0.3549 0.4517 0.1647  0.1521  0.0648  334 HOH A O     
820 O O     . HOH C .   ? 0.5360 0.5607 1.0572 0.3596  -0.1113 -0.0117 335 HOH A O     
821 O O     . HOH C .   ? 0.5433 0.5510 0.4820 0.0548  -0.0121 0.0096  336 HOH A O     
822 O O     . HOH C .   ? 0.7420 0.5474 0.8728 0.0031  0.1938  0.0282  337 HOH A O     
823 O O     . HOH C .   ? 0.5698 0.5049 0.3500 0.2014  0.0626  0.0533  338 HOH A O     
824 O O     . HOH C .   ? 0.6571 0.8864 0.3476 0.4843  0.2133  0.2313  339 HOH A O     
825 O O     . HOH C .   ? 0.4205 0.7411 0.7222 0.0594  0.1116  0.1033  340 HOH A O     
826 O O     . HOH C .   ? 0.3424 0.3674 0.1195 0.1122  0.1307  0.0443  341 HOH A O     
827 O O     . HOH C .   ? 0.4289 0.3666 0.2499 0.1249  0.1278  0.0394  342 HOH A O     
828 O O     . HOH C .   ? 0.5641 0.5055 0.4406 0.1583  0.1347  0.0552  343 HOH A O     
829 O O     . HOH C .   ? 0.5042 0.5829 0.2797 0.0346  0.0798  -0.0523 344 HOH A O     
830 O O     . HOH C .   ? 0.4755 0.4578 0.2935 0.1283  0.2181  0.0249  345 HOH A O     
831 O O     . HOH C .   ? 0.3208 0.6350 0.4283 0.0870  0.0203  -0.0794 346 HOH A O     
832 O O     . HOH C .   ? 0.5412 0.6348 0.4062 -0.0219 0.0988  0.0920  347 HOH A O     
833 O O     . HOH C .   ? 0.5332 0.4855 0.2177 0.2431  0.0406  0.1085  348 HOH A O     
834 O O     . HOH C .   ? 0.4755 0.5356 0.4518 -0.0121 -0.0158 0.1344  349 HOH A O     
835 O O     . HOH C .   ? 0.4674 0.6423 0.3962 0.0897  0.1449  0.0299  350 HOH A O     
836 O O     . HOH C .   ? 0.3874 0.7495 0.4450 0.1974  0.0507  -0.0036 351 HOH A O     
837 O O     . HOH C .   ? 0.5980 0.5375 0.7584 0.0455  0.2278  -0.0693 352 HOH A O     
838 O O     . HOH C .   ? 0.5655 0.5014 0.3028 0.1412  0.1097  -0.0038 353 HOH A O     
839 O O     . HOH C .   ? 0.3458 0.3718 0.4676 0.1103  0.2002  0.0139  354 HOH A O     
840 O O     . HOH C .   ? 0.5665 0.6401 0.7800 -0.0292 -0.0168 -0.0114 355 HOH A O     
841 O O     . HOH C .   ? 0.5453 0.6070 0.6617 0.1013  -0.0019 0.0366  356 HOH A O     
842 O O     . HOH C .   ? 0.8426 0.5344 0.3211 -0.0147 0.2313  0.0112  357 HOH A O     
843 O O     . HOH C .   ? 0.9291 0.6831 0.1253 0.0302  0.2365  0.0013  358 HOH A O     
844 O O     . HOH C .   ? 0.6188 1.1585 0.4794 0.3736  -0.1649 0.2413  359 HOH A O     
845 O O     . HOH C .   ? 0.7716 0.5139 0.4197 0.1901  0.2501  0.0760  360 HOH A O     
846 O O     . HOH C .   ? 0.8357 0.4614 0.5733 0.0568  0.0389  -0.1348 361 HOH A O     
847 O O     . HOH C .   ? 1.8123 1.7970 0.8914 1.6919  0.5508  0.5904  362 HOH A O     
848 O O     . HOH C .   ? 0.5685 0.7069 0.4036 0.1266  0.1796  0.0267  363 HOH A O     
849 O O     . HOH C .   ? 0.7384 0.7360 0.5528 0.0942  0.0130  -0.0242 364 HOH A O     
850 O O     . HOH C .   ? 0.5895 0.7916 0.5659 -0.0567 0.0777  0.0341  365 HOH A O     
851 O O     . HOH C .   ? 0.6521 0.7179 0.4594 0.1527  0.1286  -0.0035 366 HOH A O     
852 O O     . HOH C .   ? 0.5490 0.7763 0.5471 0.0471  0.1796  0.0688  367 HOH A O     
853 O O     . HOH C .   ? 0.8414 0.9052 0.4420 0.1015  0.2628  0.0663  368 HOH A O     
854 O O     . HOH C .   ? 0.5541 0.7393 0.5980 0.1512  0.3068  0.0877  369 HOH A O     
855 O O     . HOH C .   ? 0.6776 0.5460 0.5164 0.0747  0.0151  -0.0690 370 HOH A O     
856 O O     . HOH C .   ? 0.4619 0.5123 0.4272 0.0377  0.0615  -0.0274 371 HOH A O     
857 O O     . HOH C .   ? 0.6636 0.4718 0.5639 0.0968  -0.0111 0.0606  372 HOH A O     
# 
